data_3PGG
# 
_entry.id   3PGG 
# 
_audit_conform.dict_name       mmcif_pdbx.dic 
_audit_conform.dict_version    5.387 
_audit_conform.dict_location   http://mmcif.pdb.org/dictionaries/ascii/mmcif_pdbx.dic 
# 
loop_
_database_2.database_id 
_database_2.database_code 
_database_2.pdbx_database_accession 
_database_2.pdbx_DOI 
PDB   3PGG         pdb_00003pgg 10.2210/pdb3pgg/pdb 
RCSB  RCSB062346   ?            ?                   
WWPDB D_1000062346 ?            ?                   
# 
loop_
_pdbx_audit_revision_history.ordinal 
_pdbx_audit_revision_history.data_content_type 
_pdbx_audit_revision_history.major_revision 
_pdbx_audit_revision_history.minor_revision 
_pdbx_audit_revision_history.revision_date 
1 'Structure model' 1 0 2011-02-02 
2 'Structure model' 1 1 2011-07-13 
3 'Structure model' 1 2 2017-11-08 
4 'Structure model' 1 3 2024-02-21 
# 
_pdbx_audit_revision_details.ordinal             1 
_pdbx_audit_revision_details.revision_ordinal    1 
_pdbx_audit_revision_details.data_content_type   'Structure model' 
_pdbx_audit_revision_details.provider            repository 
_pdbx_audit_revision_details.type                'Initial release' 
_pdbx_audit_revision_details.description         ? 
_pdbx_audit_revision_details.details             ? 
# 
loop_
_pdbx_audit_revision_group.ordinal 
_pdbx_audit_revision_group.revision_ordinal 
_pdbx_audit_revision_group.data_content_type 
_pdbx_audit_revision_group.group 
1 2 'Structure model' 'Version format compliance' 
2 3 'Structure model' 'Refinement description'    
3 4 'Structure model' 'Data collection'           
4 4 'Structure model' 'Database references'       
# 
loop_
_pdbx_audit_revision_category.ordinal 
_pdbx_audit_revision_category.revision_ordinal 
_pdbx_audit_revision_category.data_content_type 
_pdbx_audit_revision_category.category 
1 3 'Structure model' software       
2 4 'Structure model' chem_comp_atom 
3 4 'Structure model' chem_comp_bond 
4 4 'Structure model' database_2     
# 
loop_
_pdbx_audit_revision_item.ordinal 
_pdbx_audit_revision_item.revision_ordinal 
_pdbx_audit_revision_item.data_content_type 
_pdbx_audit_revision_item.item 
1 3 'Structure model' '_software.name'                      
2 4 'Structure model' '_database_2.pdbx_DOI'                
3 4 'Structure model' '_database_2.pdbx_database_accession' 
# 
_pdbx_database_PDB_obs_spr.id               SPRSDE 
_pdbx_database_PDB_obs_spr.date             2011-02-02 
_pdbx_database_PDB_obs_spr.pdb_id           3PGG 
_pdbx_database_PDB_obs_spr.replace_pdb_id   2FWK 
_pdbx_database_PDB_obs_spr.details          ? 
# 
_pdbx_database_status.status_code                     REL 
_pdbx_database_status.entry_id                        3PGG 
_pdbx_database_status.recvd_initial_deposition_date   2010-11-01 
_pdbx_database_status.deposit_site                    RCSB 
_pdbx_database_status.process_site                    RCSB 
_pdbx_database_status.status_code_sf                  REL 
_pdbx_database_status.status_code_mr                  ? 
_pdbx_database_status.SG_entry                        Y 
_pdbx_database_status.status_code_cs                  ? 
_pdbx_database_status.pdb_format_compatible           Y 
_pdbx_database_status.methods_development_category    ? 
_pdbx_database_status.status_code_nmr_data            ? 
# 
loop_
_audit_author.name 
_audit_author.pdbx_ordinal 
'Dong, A.'                             1  
'Gao, M.'                              2  
'Zhao, Y.'                             3  
'Lew, J.'                              4  
'Wasney, G.A.'                         5  
'Kozieradzki, I.'                      6  
'Vedadi, M.'                           7  
'Edwards, A.'                          8  
'Arrowsmith, C.'                       9  
'Weigelt, J.'                          10 
'Sundstrom, M.'                        11 
'Bochkarev, A.'                        12 
'Hui, R.'                              13 
'Artz, J.'                             14 
'Structural Genomics Consortium (SGC)' 15 
# 
_citation.id                        primary 
_citation.title                     
'Genome-Scale Protein Expression and Structural Biology of Plasmodium Falciparum and Related Apicomplexan Organisms.' 
_citation.journal_abbrev            Mol.Biochem.Parasitol. 
_citation.journal_volume            151 
_citation.page_first                100 
_citation.page_last                 110 
_citation.year                      2007 
_citation.journal_id_ASTM           MBIPDP 
_citation.country                   NE 
_citation.journal_id_ISSN           0166-6851 
_citation.journal_id_CSD            2085 
_citation.book_publisher            ? 
_citation.pdbx_database_id_PubMed   17125854 
_citation.pdbx_database_id_DOI      10.1016/J.MOLBIOPARA.2006.10.011 
# 
loop_
_citation_author.citation_id 
_citation_author.name 
_citation_author.ordinal 
_citation_author.identifier_ORCID 
primary 'Vedadi, M.'       1  ? 
primary 'Lew, J.'          2  ? 
primary 'Artz, J.'         3  ? 
primary 'Amani, M.'        4  ? 
primary 'Zhao, Y.'         5  ? 
primary 'Dong, A.'         6  ? 
primary 'Wasney, G.A.'     7  ? 
primary 'Gao, M.'          8  ? 
primary 'Hills, T.'        9  ? 
primary 'Brokx, S.'        10 ? 
primary 'Qiu, W.'          11 ? 
primary 'Sharma, S.'       12 ? 
primary 'Diassiti, A.'     13 ? 
primary 'Alam, Z.'         14 ? 
primary 'Melone, M.'       15 ? 
primary 'Mulichak, A.'     16 ? 
primary 'Wernimont, A.'    17 ? 
primary 'Bray, J.'         18 ? 
primary 'Loppnau, P.'      19 ? 
primary 'Plotnikova, O.'   20 ? 
primary 'Newberry, K.'     21 ? 
primary 'Sundararajan, E.' 22 ? 
primary 'Houston, S.'      23 ? 
primary 'Walker, J.'       24 ? 
primary 'Tempel, W.'       25 ? 
primary 'Bochkarev, A.'    26 ? 
primary 'Kozieradzki, I.'  27 ? 
primary 'Edwards, A.'      28 ? 
primary 'Arrowsmith, C.'   29 ? 
primary 'Roos, D.'         30 ? 
primary 'Kain, K.'         31 ? 
primary 'Hui, R.'          32 ? 
# 
loop_
_entity.id 
_entity.type 
_entity.src_method 
_entity.pdbx_description 
_entity.formula_weight 
_entity.pdbx_number_of_molecules 
_entity.pdbx_ec 
_entity.pdbx_mutation 
_entity.pdbx_fragment 
_entity.details 
1 polymer man 'U6 snRNA-associated Sm-like protein LSm5. SM domain' 13300.078 2  ? ? ? ? 
2 water   nat water                                                 18.015    27 ? ? ? ? 
# 
_entity_poly.entity_id                      1 
_entity_poly.type                           'polypeptide(L)' 
_entity_poly.nstd_linkage                   no 
_entity_poly.nstd_monomer                   no 
_entity_poly.pdbx_seq_one_letter_code       
;SYKVNYMSETPANKSQGGSNQKGGNIILPLALIDKCIGNRIYVVMKGDKEFSGVLRGFDEYVNMVLDDVQEYGFKADEED
ISGGNKKLKRVMVNRLETILLSGNNVAMLVPGGDPDSFNFS
;
_entity_poly.pdbx_seq_one_letter_code_can   
;SYKVNYMSETPANKSQGGSNQKGGNIILPLALIDKCIGNRIYVVMKGDKEFSGVLRGFDEYVNMVLDDVQEYGFKADEED
ISGGNKKLKRVMVNRLETILLSGNNVAMLVPGGDPDSFNFS
;
_entity_poly.pdbx_strand_id                 A,B 
_entity_poly.pdbx_target_identifier         ? 
# 
_pdbx_entity_nonpoly.entity_id   2 
_pdbx_entity_nonpoly.name        water 
_pdbx_entity_nonpoly.comp_id     HOH 
# 
loop_
_entity_poly_seq.entity_id 
_entity_poly_seq.num 
_entity_poly_seq.mon_id 
_entity_poly_seq.hetero 
1 1   SER n 
1 2   TYR n 
1 3   LYS n 
1 4   VAL n 
1 5   ASN n 
1 6   TYR n 
1 7   MET n 
1 8   SER n 
1 9   GLU n 
1 10  THR n 
1 11  PRO n 
1 12  ALA n 
1 13  ASN n 
1 14  LYS n 
1 15  SER n 
1 16  GLN n 
1 17  GLY n 
1 18  GLY n 
1 19  SER n 
1 20  ASN n 
1 21  GLN n 
1 22  LYS n 
1 23  GLY n 
1 24  GLY n 
1 25  ASN n 
1 26  ILE n 
1 27  ILE n 
1 28  LEU n 
1 29  PRO n 
1 30  LEU n 
1 31  ALA n 
1 32  LEU n 
1 33  ILE n 
1 34  ASP n 
1 35  LYS n 
1 36  CYS n 
1 37  ILE n 
1 38  GLY n 
1 39  ASN n 
1 40  ARG n 
1 41  ILE n 
1 42  TYR n 
1 43  VAL n 
1 44  VAL n 
1 45  MET n 
1 46  LYS n 
1 47  GLY n 
1 48  ASP n 
1 49  LYS n 
1 50  GLU n 
1 51  PHE n 
1 52  SER n 
1 53  GLY n 
1 54  VAL n 
1 55  LEU n 
1 56  ARG n 
1 57  GLY n 
1 58  PHE n 
1 59  ASP n 
1 60  GLU n 
1 61  TYR n 
1 62  VAL n 
1 63  ASN n 
1 64  MET n 
1 65  VAL n 
1 66  LEU n 
1 67  ASP n 
1 68  ASP n 
1 69  VAL n 
1 70  GLN n 
1 71  GLU n 
1 72  TYR n 
1 73  GLY n 
1 74  PHE n 
1 75  LYS n 
1 76  ALA n 
1 77  ASP n 
1 78  GLU n 
1 79  GLU n 
1 80  ASP n 
1 81  ILE n 
1 82  SER n 
1 83  GLY n 
1 84  GLY n 
1 85  ASN n 
1 86  LYS n 
1 87  LYS n 
1 88  LEU n 
1 89  LYS n 
1 90  ARG n 
1 91  VAL n 
1 92  MET n 
1 93  VAL n 
1 94  ASN n 
1 95  ARG n 
1 96  LEU n 
1 97  GLU n 
1 98  THR n 
1 99  ILE n 
1 100 LEU n 
1 101 LEU n 
1 102 SER n 
1 103 GLY n 
1 104 ASN n 
1 105 ASN n 
1 106 VAL n 
1 107 ALA n 
1 108 MET n 
1 109 LEU n 
1 110 VAL n 
1 111 PRO n 
1 112 GLY n 
1 113 GLY n 
1 114 ASP n 
1 115 PRO n 
1 116 ASP n 
1 117 SER n 
1 118 PHE n 
1 119 ASN n 
1 120 PHE n 
1 121 SER n 
# 
_entity_src_gen.entity_id                          1 
_entity_src_gen.pdbx_src_id                        1 
_entity_src_gen.pdbx_alt_source_flag               sample 
_entity_src_gen.pdbx_seq_type                      ? 
_entity_src_gen.pdbx_beg_seq_num                   ? 
_entity_src_gen.pdbx_end_seq_num                   ? 
_entity_src_gen.gene_src_common_name               ? 
_entity_src_gen.gene_src_genus                     ? 
_entity_src_gen.pdbx_gene_src_gene                 cgd7_4580 
_entity_src_gen.gene_src_species                   ? 
_entity_src_gen.gene_src_strain                    ? 
_entity_src_gen.gene_src_tissue                    ? 
_entity_src_gen.gene_src_tissue_fraction           ? 
_entity_src_gen.gene_src_details                   ? 
_entity_src_gen.pdbx_gene_src_fragment             ? 
_entity_src_gen.pdbx_gene_src_scientific_name      'Cryptosporidium parvum' 
_entity_src_gen.pdbx_gene_src_ncbi_taxonomy_id     5807 
_entity_src_gen.pdbx_gene_src_variant              ? 
_entity_src_gen.pdbx_gene_src_cell_line            ? 
_entity_src_gen.pdbx_gene_src_atcc                 ? 
_entity_src_gen.pdbx_gene_src_organ                ? 
_entity_src_gen.pdbx_gene_src_organelle            ? 
_entity_src_gen.pdbx_gene_src_cell                 ? 
_entity_src_gen.pdbx_gene_src_cellular_location    ? 
_entity_src_gen.host_org_common_name               ? 
_entity_src_gen.pdbx_host_org_scientific_name      'Escherichia coli' 
_entity_src_gen.pdbx_host_org_ncbi_taxonomy_id     511693 
_entity_src_gen.host_org_genus                     ? 
_entity_src_gen.pdbx_host_org_gene                 ? 
_entity_src_gen.pdbx_host_org_organ                ? 
_entity_src_gen.host_org_species                   ? 
_entity_src_gen.pdbx_host_org_tissue               ? 
_entity_src_gen.pdbx_host_org_tissue_fraction      ? 
_entity_src_gen.pdbx_host_org_strain               'BL21 CODON PLUS RIL' 
_entity_src_gen.pdbx_host_org_variant              ? 
_entity_src_gen.pdbx_host_org_cell_line            ? 
_entity_src_gen.pdbx_host_org_atcc                 ? 
_entity_src_gen.pdbx_host_org_culture_collection   ? 
_entity_src_gen.pdbx_host_org_cell                 ? 
_entity_src_gen.pdbx_host_org_organelle            ? 
_entity_src_gen.pdbx_host_org_cellular_location    ? 
_entity_src_gen.pdbx_host_org_vector_type          plasmid 
_entity_src_gen.pdbx_host_org_vector               ? 
_entity_src_gen.host_org_details                   ? 
_entity_src_gen.expression_system_id               ? 
_entity_src_gen.plasmid_name                       'P28-LIC-THROMBIN DERIVED FROM PET28' 
_entity_src_gen.plasmid_details                    ? 
_entity_src_gen.pdbx_description                   ? 
# 
loop_
_chem_comp.id 
_chem_comp.type 
_chem_comp.mon_nstd_flag 
_chem_comp.name 
_chem_comp.pdbx_synonyms 
_chem_comp.formula 
_chem_comp.formula_weight 
ALA 'L-peptide linking' y ALANINE         ? 'C3 H7 N O2'     89.093  
ARG 'L-peptide linking' y ARGININE        ? 'C6 H15 N4 O2 1' 175.209 
ASN 'L-peptide linking' y ASPARAGINE      ? 'C4 H8 N2 O3'    132.118 
ASP 'L-peptide linking' y 'ASPARTIC ACID' ? 'C4 H7 N O4'     133.103 
CYS 'L-peptide linking' y CYSTEINE        ? 'C3 H7 N O2 S'   121.158 
GLN 'L-peptide linking' y GLUTAMINE       ? 'C5 H10 N2 O3'   146.144 
GLU 'L-peptide linking' y 'GLUTAMIC ACID' ? 'C5 H9 N O4'     147.129 
GLY 'peptide linking'   y GLYCINE         ? 'C2 H5 N O2'     75.067  
HOH non-polymer         . WATER           ? 'H2 O'           18.015  
ILE 'L-peptide linking' y ISOLEUCINE      ? 'C6 H13 N O2'    131.173 
LEU 'L-peptide linking' y LEUCINE         ? 'C6 H13 N O2'    131.173 
LYS 'L-peptide linking' y LYSINE          ? 'C6 H15 N2 O2 1' 147.195 
MET 'L-peptide linking' y METHIONINE      ? 'C5 H11 N O2 S'  149.211 
PHE 'L-peptide linking' y PHENYLALANINE   ? 'C9 H11 N O2'    165.189 
PRO 'L-peptide linking' y PROLINE         ? 'C5 H9 N O2'     115.130 
SER 'L-peptide linking' y SERINE          ? 'C3 H7 N O3'     105.093 
THR 'L-peptide linking' y THREONINE       ? 'C4 H9 N O3'     119.119 
TYR 'L-peptide linking' y TYROSINE        ? 'C9 H11 N O3'    181.189 
VAL 'L-peptide linking' y VALINE          ? 'C5 H11 N O2'    117.146 
# 
loop_
_pdbx_poly_seq_scheme.asym_id 
_pdbx_poly_seq_scheme.entity_id 
_pdbx_poly_seq_scheme.seq_id 
_pdbx_poly_seq_scheme.mon_id 
_pdbx_poly_seq_scheme.ndb_seq_num 
_pdbx_poly_seq_scheme.pdb_seq_num 
_pdbx_poly_seq_scheme.auth_seq_num 
_pdbx_poly_seq_scheme.pdb_mon_id 
_pdbx_poly_seq_scheme.auth_mon_id 
_pdbx_poly_seq_scheme.pdb_strand_id 
_pdbx_poly_seq_scheme.pdb_ins_code 
_pdbx_poly_seq_scheme.hetero 
A 1 1   SER 1   1   ?   ?   ?   A . n 
A 1 2   TYR 2   2   ?   ?   ?   A . n 
A 1 3   LYS 3   3   ?   ?   ?   A . n 
A 1 4   VAL 4   4   ?   ?   ?   A . n 
A 1 5   ASN 5   5   ?   ?   ?   A . n 
A 1 6   TYR 6   6   ?   ?   ?   A . n 
A 1 7   MET 7   7   ?   ?   ?   A . n 
A 1 8   SER 8   8   ?   ?   ?   A . n 
A 1 9   GLU 9   9   ?   ?   ?   A . n 
A 1 10  THR 10  10  ?   ?   ?   A . n 
A 1 11  PRO 11  11  ?   ?   ?   A . n 
A 1 12  ALA 12  12  ?   ?   ?   A . n 
A 1 13  ASN 13  13  ?   ?   ?   A . n 
A 1 14  LYS 14  14  ?   ?   ?   A . n 
A 1 15  SER 15  15  ?   ?   ?   A . n 
A 1 16  GLN 16  16  ?   ?   ?   A . n 
A 1 17  GLY 17  17  ?   ?   ?   A . n 
A 1 18  GLY 18  18  ?   ?   ?   A . n 
A 1 19  SER 19  19  ?   ?   ?   A . n 
A 1 20  ASN 20  20  ?   ?   ?   A . n 
A 1 21  GLN 21  21  ?   ?   ?   A . n 
A 1 22  LYS 22  22  ?   ?   ?   A . n 
A 1 23  GLY 23  23  ?   ?   ?   A . n 
A 1 24  GLY 24  24  ?   ?   ?   A . n 
A 1 25  ASN 25  25  25  ASN ASN A . n 
A 1 26  ILE 26  26  26  ILE ILE A . n 
A 1 27  ILE 27  27  27  ILE ILE A . n 
A 1 28  LEU 28  28  28  LEU LEU A . n 
A 1 29  PRO 29  29  29  PRO PRO A . n 
A 1 30  LEU 30  30  30  LEU LEU A . n 
A 1 31  ALA 31  31  31  ALA ALA A . n 
A 1 32  LEU 32  32  32  LEU LEU A . n 
A 1 33  ILE 33  33  33  ILE ILE A . n 
A 1 34  ASP 34  34  34  ASP ASP A . n 
A 1 35  LYS 35  35  35  LYS LYS A . n 
A 1 36  CYS 36  36  36  CYS CYS A . n 
A 1 37  ILE 37  37  37  ILE ILE A . n 
A 1 38  GLY 38  38  38  GLY GLY A . n 
A 1 39  ASN 39  39  39  ASN ASN A . n 
A 1 40  ARG 40  40  40  ARG ARG A . n 
A 1 41  ILE 41  41  41  ILE ILE A . n 
A 1 42  TYR 42  42  42  TYR TYR A . n 
A 1 43  VAL 43  43  43  VAL VAL A . n 
A 1 44  VAL 44  44  44  VAL VAL A . n 
A 1 45  MET 45  45  45  MET MET A . n 
A 1 46  LYS 46  46  46  LYS LYS A . n 
A 1 47  GLY 47  47  47  GLY GLY A . n 
A 1 48  ASP 48  48  48  ASP ASP A . n 
A 1 49  LYS 49  49  49  LYS LYS A . n 
A 1 50  GLU 50  50  50  GLU GLU A . n 
A 1 51  PHE 51  51  51  PHE PHE A . n 
A 1 52  SER 52  52  52  SER SER A . n 
A 1 53  GLY 53  53  53  GLY GLY A . n 
A 1 54  VAL 54  54  54  VAL VAL A . n 
A 1 55  LEU 55  55  55  LEU LEU A . n 
A 1 56  ARG 56  56  56  ARG ARG A . n 
A 1 57  GLY 57  57  57  GLY GLY A . n 
A 1 58  PHE 58  58  58  PHE PHE A . n 
A 1 59  ASP 59  59  59  ASP ASP A . n 
A 1 60  GLU 60  60  60  GLU GLU A . n 
A 1 61  TYR 61  61  61  TYR TYR A . n 
A 1 62  VAL 62  62  62  VAL VAL A . n 
A 1 63  ASN 63  63  63  ASN ASN A . n 
A 1 64  MET 64  64  64  MET MET A . n 
A 1 65  VAL 65  65  65  VAL VAL A . n 
A 1 66  LEU 66  66  66  LEU LEU A . n 
A 1 67  ASP 67  67  67  ASP ASP A . n 
A 1 68  ASP 68  68  68  ASP ASP A . n 
A 1 69  VAL 69  69  69  VAL VAL A . n 
A 1 70  GLN 70  70  70  GLN GLN A . n 
A 1 71  GLU 71  71  71  GLU GLU A . n 
A 1 72  TYR 72  72  72  TYR TYR A . n 
A 1 73  GLY 73  73  73  GLY GLY A . n 
A 1 74  PHE 74  74  74  PHE PHE A . n 
A 1 75  LYS 75  75  75  LYS LYS A . n 
A 1 76  ALA 76  76  76  ALA ALA A . n 
A 1 77  ASP 77  77  77  ASP ASP A . n 
A 1 78  GLU 78  78  ?   ?   ?   A . n 
A 1 79  GLU 79  79  ?   ?   ?   A . n 
A 1 80  ASP 80  80  ?   ?   ?   A . n 
A 1 81  ILE 81  81  ?   ?   ?   A . n 
A 1 82  SER 82  82  ?   ?   ?   A . n 
A 1 83  GLY 83  83  ?   ?   ?   A . n 
A 1 84  GLY 84  84  ?   ?   ?   A . n 
A 1 85  ASN 85  85  ?   ?   ?   A . n 
A 1 86  LYS 86  86  ?   ?   ?   A . n 
A 1 87  LYS 87  87  ?   ?   ?   A . n 
A 1 88  LEU 88  88  ?   ?   ?   A . n 
A 1 89  LYS 89  89  89  LYS LYS A . n 
A 1 90  ARG 90  90  90  ARG ARG A . n 
A 1 91  VAL 91  91  91  VAL VAL A . n 
A 1 92  MET 92  92  92  MET MET A . n 
A 1 93  VAL 93  93  93  VAL VAL A . n 
A 1 94  ASN 94  94  94  ASN ASN A . n 
A 1 95  ARG 95  95  95  ARG ARG A . n 
A 1 96  LEU 96  96  96  LEU LEU A . n 
A 1 97  GLU 97  97  97  GLU GLU A . n 
A 1 98  THR 98  98  98  THR THR A . n 
A 1 99  ILE 99  99  99  ILE ILE A . n 
A 1 100 LEU 100 100 100 LEU LEU A . n 
A 1 101 LEU 101 101 101 LEU LEU A . n 
A 1 102 SER 102 102 102 SER SER A . n 
A 1 103 GLY 103 103 103 GLY GLY A . n 
A 1 104 ASN 104 104 104 ASN ASN A . n 
A 1 105 ASN 105 105 105 ASN ASN A . n 
A 1 106 VAL 106 106 106 VAL VAL A . n 
A 1 107 ALA 107 107 107 ALA ALA A . n 
A 1 108 MET 108 108 108 MET MET A . n 
A 1 109 LEU 109 109 109 LEU LEU A . n 
A 1 110 VAL 110 110 110 VAL VAL A . n 
A 1 111 PRO 111 111 111 PRO PRO A . n 
A 1 112 GLY 112 112 112 GLY GLY A . n 
A 1 113 GLY 113 113 113 GLY GLY A . n 
A 1 114 ASP 114 114 ?   ?   ?   A . n 
A 1 115 PRO 115 115 ?   ?   ?   A . n 
A 1 116 ASP 116 116 ?   ?   ?   A . n 
A 1 117 SER 117 117 ?   ?   ?   A . n 
A 1 118 PHE 118 118 ?   ?   ?   A . n 
A 1 119 ASN 119 119 ?   ?   ?   A . n 
A 1 120 PHE 120 120 ?   ?   ?   A . n 
A 1 121 SER 121 121 ?   ?   ?   A . n 
B 1 1   SER 1   1   ?   ?   ?   B . n 
B 1 2   TYR 2   2   ?   ?   ?   B . n 
B 1 3   LYS 3   3   ?   ?   ?   B . n 
B 1 4   VAL 4   4   ?   ?   ?   B . n 
B 1 5   ASN 5   5   ?   ?   ?   B . n 
B 1 6   TYR 6   6   ?   ?   ?   B . n 
B 1 7   MET 7   7   ?   ?   ?   B . n 
B 1 8   SER 8   8   ?   ?   ?   B . n 
B 1 9   GLU 9   9   ?   ?   ?   B . n 
B 1 10  THR 10  10  ?   ?   ?   B . n 
B 1 11  PRO 11  11  ?   ?   ?   B . n 
B 1 12  ALA 12  12  ?   ?   ?   B . n 
B 1 13  ASN 13  13  ?   ?   ?   B . n 
B 1 14  LYS 14  14  ?   ?   ?   B . n 
B 1 15  SER 15  15  ?   ?   ?   B . n 
B 1 16  GLN 16  16  ?   ?   ?   B . n 
B 1 17  GLY 17  17  ?   ?   ?   B . n 
B 1 18  GLY 18  18  ?   ?   ?   B . n 
B 1 19  SER 19  19  ?   ?   ?   B . n 
B 1 20  ASN 20  20  ?   ?   ?   B . n 
B 1 21  GLN 21  21  ?   ?   ?   B . n 
B 1 22  LYS 22  22  ?   ?   ?   B . n 
B 1 23  GLY 23  23  23  GLY GLY B . n 
B 1 24  GLY 24  24  24  GLY GLY B . n 
B 1 25  ASN 25  25  25  ASN ASN B . n 
B 1 26  ILE 26  26  26  ILE ILE B . n 
B 1 27  ILE 27  27  27  ILE ILE B . n 
B 1 28  LEU 28  28  28  LEU LEU B . n 
B 1 29  PRO 29  29  29  PRO PRO B . n 
B 1 30  LEU 30  30  30  LEU LEU B . n 
B 1 31  ALA 31  31  31  ALA ALA B . n 
B 1 32  LEU 32  32  32  LEU LEU B . n 
B 1 33  ILE 33  33  33  ILE ILE B . n 
B 1 34  ASP 34  34  34  ASP ASP B . n 
B 1 35  LYS 35  35  35  LYS LYS B . n 
B 1 36  CYS 36  36  36  CYS CYS B . n 
B 1 37  ILE 37  37  37  ILE ILE B . n 
B 1 38  GLY 38  38  38  GLY GLY B . n 
B 1 39  ASN 39  39  39  ASN ASN B . n 
B 1 40  ARG 40  40  40  ARG ARG B . n 
B 1 41  ILE 41  41  41  ILE ILE B . n 
B 1 42  TYR 42  42  42  TYR TYR B . n 
B 1 43  VAL 43  43  43  VAL VAL B . n 
B 1 44  VAL 44  44  44  VAL VAL B . n 
B 1 45  MET 45  45  45  MET MET B . n 
B 1 46  LYS 46  46  46  LYS LYS B . n 
B 1 47  GLY 47  47  47  GLY GLY B . n 
B 1 48  ASP 48  48  48  ASP ASP B . n 
B 1 49  LYS 49  49  49  LYS LYS B . n 
B 1 50  GLU 50  50  50  GLU GLU B . n 
B 1 51  PHE 51  51  51  PHE PHE B . n 
B 1 52  SER 52  52  52  SER SER B . n 
B 1 53  GLY 53  53  53  GLY GLY B . n 
B 1 54  VAL 54  54  54  VAL VAL B . n 
B 1 55  LEU 55  55  55  LEU LEU B . n 
B 1 56  ARG 56  56  56  ARG ARG B . n 
B 1 57  GLY 57  57  57  GLY GLY B . n 
B 1 58  PHE 58  58  58  PHE PHE B . n 
B 1 59  ASP 59  59  59  ASP ASP B . n 
B 1 60  GLU 60  60  60  GLU GLU B . n 
B 1 61  TYR 61  61  61  TYR TYR B . n 
B 1 62  VAL 62  62  62  VAL VAL B . n 
B 1 63  ASN 63  63  63  ASN ASN B . n 
B 1 64  MET 64  64  64  MET MET B . n 
B 1 65  VAL 65  65  65  VAL VAL B . n 
B 1 66  LEU 66  66  66  LEU LEU B . n 
B 1 67  ASP 67  67  67  ASP ASP B . n 
B 1 68  ASP 68  68  68  ASP ASP B . n 
B 1 69  VAL 69  69  69  VAL VAL B . n 
B 1 70  GLN 70  70  70  GLN GLN B . n 
B 1 71  GLU 71  71  71  GLU GLU B . n 
B 1 72  TYR 72  72  72  TYR TYR B . n 
B 1 73  GLY 73  73  73  GLY GLY B . n 
B 1 74  PHE 74  74  74  PHE PHE B . n 
B 1 75  LYS 75  75  75  LYS LYS B . n 
B 1 76  ALA 76  76  76  ALA ALA B . n 
B 1 77  ASP 77  77  ?   ?   ?   B . n 
B 1 78  GLU 78  78  ?   ?   ?   B . n 
B 1 79  GLU 79  79  ?   ?   ?   B . n 
B 1 80  ASP 80  80  ?   ?   ?   B . n 
B 1 81  ILE 81  81  ?   ?   ?   B . n 
B 1 82  SER 82  82  ?   ?   ?   B . n 
B 1 83  GLY 83  83  ?   ?   ?   B . n 
B 1 84  GLY 84  84  ?   ?   ?   B . n 
B 1 85  ASN 85  85  ?   ?   ?   B . n 
B 1 86  LYS 86  86  ?   ?   ?   B . n 
B 1 87  LYS 87  87  ?   ?   ?   B . n 
B 1 88  LEU 88  88  ?   ?   ?   B . n 
B 1 89  LYS 89  89  89  LYS LYS B . n 
B 1 90  ARG 90  90  90  ARG ARG B . n 
B 1 91  VAL 91  91  91  VAL VAL B . n 
B 1 92  MET 92  92  92  MET MET B . n 
B 1 93  VAL 93  93  93  VAL VAL B . n 
B 1 94  ASN 94  94  94  ASN ASN B . n 
B 1 95  ARG 95  95  95  ARG ARG B . n 
B 1 96  LEU 96  96  96  LEU LEU B . n 
B 1 97  GLU 97  97  97  GLU GLU B . n 
B 1 98  THR 98  98  98  THR THR B . n 
B 1 99  ILE 99  99  99  ILE ILE B . n 
B 1 100 LEU 100 100 100 LEU LEU B . n 
B 1 101 LEU 101 101 101 LEU LEU B . n 
B 1 102 SER 102 102 102 SER SER B . n 
B 1 103 GLY 103 103 103 GLY GLY B . n 
B 1 104 ASN 104 104 104 ASN ASN B . n 
B 1 105 ASN 105 105 105 ASN ASN B . n 
B 1 106 VAL 106 106 106 VAL VAL B . n 
B 1 107 ALA 107 107 107 ALA ALA B . n 
B 1 108 MET 108 108 108 MET MET B . n 
B 1 109 LEU 109 109 109 LEU LEU B . n 
B 1 110 VAL 110 110 110 VAL VAL B . n 
B 1 111 PRO 111 111 111 PRO PRO B . n 
B 1 112 GLY 112 112 112 GLY GLY B . n 
B 1 113 GLY 113 113 113 GLY GLY B . n 
B 1 114 ASP 114 114 114 ASP ASP B . n 
B 1 115 PRO 115 115 ?   ?   ?   B . n 
B 1 116 ASP 116 116 ?   ?   ?   B . n 
B 1 117 SER 117 117 ?   ?   ?   B . n 
B 1 118 PHE 118 118 ?   ?   ?   B . n 
B 1 119 ASN 119 119 ?   ?   ?   B . n 
B 1 120 PHE 120 120 ?   ?   ?   B . n 
B 1 121 SER 121 121 ?   ?   ?   B . n 
# 
loop_
_pdbx_nonpoly_scheme.asym_id 
_pdbx_nonpoly_scheme.entity_id 
_pdbx_nonpoly_scheme.mon_id 
_pdbx_nonpoly_scheme.ndb_seq_num 
_pdbx_nonpoly_scheme.pdb_seq_num 
_pdbx_nonpoly_scheme.auth_seq_num 
_pdbx_nonpoly_scheme.pdb_mon_id 
_pdbx_nonpoly_scheme.auth_mon_id 
_pdbx_nonpoly_scheme.pdb_strand_id 
_pdbx_nonpoly_scheme.pdb_ins_code 
C 2 HOH 1  122 3  HOH HOH A . 
C 2 HOH 2  123 5  HOH HOH A . 
C 2 HOH 3  124 8  HOH HOH A . 
C 2 HOH 4  125 10 HOH HOH A . 
C 2 HOH 5  126 11 HOH HOH A . 
C 2 HOH 6  127 14 HOH HOH A . 
C 2 HOH 7  128 16 HOH HOH A . 
C 2 HOH 8  129 19 HOH HOH A . 
C 2 HOH 9  130 23 HOH HOH A . 
C 2 HOH 10 131 25 HOH HOH A . 
C 2 HOH 11 132 27 HOH HOH A . 
D 2 HOH 1  122 1  HOH HOH B . 
D 2 HOH 2  123 2  HOH HOH B . 
D 2 HOH 3  124 4  HOH HOH B . 
D 2 HOH 4  125 6  HOH HOH B . 
D 2 HOH 5  126 7  HOH HOH B . 
D 2 HOH 6  127 9  HOH HOH B . 
D 2 HOH 7  128 12 HOH HOH B . 
D 2 HOH 8  129 13 HOH HOH B . 
D 2 HOH 9  130 15 HOH HOH B . 
D 2 HOH 10 131 17 HOH HOH B . 
D 2 HOH 11 132 18 HOH HOH B . 
D 2 HOH 12 133 20 HOH HOH B . 
D 2 HOH 13 134 21 HOH HOH B . 
D 2 HOH 14 135 22 HOH HOH B . 
D 2 HOH 15 136 24 HOH HOH B . 
D 2 HOH 16 137 26 HOH HOH B . 
# 
loop_
_pdbx_unobs_or_zero_occ_atoms.id 
_pdbx_unobs_or_zero_occ_atoms.PDB_model_num 
_pdbx_unobs_or_zero_occ_atoms.polymer_flag 
_pdbx_unobs_or_zero_occ_atoms.occupancy_flag 
_pdbx_unobs_or_zero_occ_atoms.auth_asym_id 
_pdbx_unobs_or_zero_occ_atoms.auth_comp_id 
_pdbx_unobs_or_zero_occ_atoms.auth_seq_id 
_pdbx_unobs_or_zero_occ_atoms.PDB_ins_code 
_pdbx_unobs_or_zero_occ_atoms.auth_atom_id 
_pdbx_unobs_or_zero_occ_atoms.label_alt_id 
_pdbx_unobs_or_zero_occ_atoms.label_asym_id 
_pdbx_unobs_or_zero_occ_atoms.label_comp_id 
_pdbx_unobs_or_zero_occ_atoms.label_seq_id 
_pdbx_unobs_or_zero_occ_atoms.label_atom_id 
1  1 Y 1 A ASN 25  ? CG  ? A ASN 25  CG  
2  1 Y 1 A ASN 25  ? OD1 ? A ASN 25  OD1 
3  1 Y 1 A ASN 25  ? ND2 ? A ASN 25  ND2 
4  1 Y 1 A ILE 26  ? CD1 ? A ILE 26  CD1 
5  1 Y 1 A ILE 27  ? CG1 ? A ILE 27  CG1 
6  1 Y 1 A ILE 27  ? CG2 ? A ILE 27  CG2 
7  1 Y 1 A ILE 27  ? CD1 ? A ILE 27  CD1 
8  1 Y 1 A LYS 35  ? CG  ? A LYS 35  CG  
9  1 Y 1 A LYS 35  ? CD  ? A LYS 35  CD  
10 1 Y 1 A LYS 35  ? CE  ? A LYS 35  CE  
11 1 Y 1 A LYS 35  ? NZ  ? A LYS 35  NZ  
12 1 Y 1 A ILE 37  ? CD1 ? A ILE 37  CD1 
13 1 Y 1 A LYS 75  ? CG  ? A LYS 75  CG  
14 1 Y 1 A LYS 75  ? CD  ? A LYS 75  CD  
15 1 Y 1 A LYS 75  ? CE  ? A LYS 75  CE  
16 1 Y 1 A LYS 75  ? NZ  ? A LYS 75  NZ  
17 1 Y 1 A ASP 77  ? CG  ? A ASP 77  CG  
18 1 Y 1 A ASP 77  ? OD1 ? A ASP 77  OD1 
19 1 Y 1 A ASP 77  ? OD2 ? A ASP 77  OD2 
20 1 Y 1 A LYS 89  ? CG  ? A LYS 89  CG  
21 1 Y 1 A LYS 89  ? CD  ? A LYS 89  CD  
22 1 Y 1 A LYS 89  ? CE  ? A LYS 89  CE  
23 1 Y 1 A LYS 89  ? NZ  ? A LYS 89  NZ  
24 1 Y 1 A ARG 90  ? CG  ? A ARG 90  CG  
25 1 Y 1 A ARG 90  ? CD  ? A ARG 90  CD  
26 1 Y 1 A ARG 90  ? NE  ? A ARG 90  NE  
27 1 Y 1 A ARG 90  ? CZ  ? A ARG 90  CZ  
28 1 Y 1 A ARG 90  ? NH1 ? A ARG 90  NH1 
29 1 Y 1 A ARG 90  ? NH2 ? A ARG 90  NH2 
30 1 Y 1 A VAL 91  ? CG1 ? A VAL 91  CG1 
31 1 Y 1 A VAL 91  ? CG2 ? A VAL 91  CG2 
32 1 Y 1 B LYS 35  ? CD  ? B LYS 35  CD  
33 1 Y 1 B LYS 35  ? CE  ? B LYS 35  CE  
34 1 Y 1 B LYS 35  ? NZ  ? B LYS 35  NZ  
35 1 Y 1 B LYS 49  ? CG  ? B LYS 49  CG  
36 1 Y 1 B LYS 49  ? CD  ? B LYS 49  CD  
37 1 Y 1 B LYS 49  ? CE  ? B LYS 49  CE  
38 1 Y 1 B LYS 49  ? NZ  ? B LYS 49  NZ  
39 1 Y 1 B ARG 56  ? CZ  ? B ARG 56  CZ  
40 1 Y 1 B ARG 56  ? NH1 ? B ARG 56  NH1 
41 1 Y 1 B ARG 56  ? NH2 ? B ARG 56  NH2 
42 1 Y 1 B LYS 75  ? CG  ? B LYS 75  CG  
43 1 Y 1 B LYS 75  ? CD  ? B LYS 75  CD  
44 1 Y 1 B LYS 75  ? CE  ? B LYS 75  CE  
45 1 Y 1 B LYS 75  ? NZ  ? B LYS 75  NZ  
46 1 Y 1 B LYS 89  ? CG  ? B LYS 89  CG  
47 1 Y 1 B LYS 89  ? CD  ? B LYS 89  CD  
48 1 Y 1 B LYS 89  ? CE  ? B LYS 89  CE  
49 1 Y 1 B LYS 89  ? NZ  ? B LYS 89  NZ  
50 1 Y 1 B ARG 90  ? CG  ? B ARG 90  CG  
51 1 Y 1 B ARG 90  ? CD  ? B ARG 90  CD  
52 1 Y 1 B ARG 90  ? NE  ? B ARG 90  NE  
53 1 Y 1 B ARG 90  ? CZ  ? B ARG 90  CZ  
54 1 Y 1 B ARG 90  ? NH1 ? B ARG 90  NH1 
55 1 Y 1 B ARG 90  ? NH2 ? B ARG 90  NH2 
56 1 Y 1 B ARG 95  ? CG  ? B ARG 95  CG  
57 1 Y 1 B ARG 95  ? CD  ? B ARG 95  CD  
58 1 Y 1 B ARG 95  ? NE  ? B ARG 95  NE  
59 1 Y 1 B ARG 95  ? CZ  ? B ARG 95  CZ  
60 1 Y 1 B ARG 95  ? NH1 ? B ARG 95  NH1 
61 1 Y 1 B ARG 95  ? NH2 ? B ARG 95  NH2 
62 1 Y 1 B GLU 97  ? CG  ? B GLU 97  CG  
63 1 Y 1 B GLU 97  ? CD  ? B GLU 97  CD  
64 1 Y 1 B GLU 97  ? OE1 ? B GLU 97  OE1 
65 1 Y 1 B GLU 97  ? OE2 ? B GLU 97  OE2 
66 1 Y 1 B ASP 114 ? CG  ? B ASP 114 CG  
67 1 Y 1 B ASP 114 ? OD1 ? B ASP 114 OD1 
68 1 Y 1 B ASP 114 ? OD2 ? B ASP 114 OD2 
# 
loop_
_software.name 
_software.classification 
_software.version 
_software.citation_id 
_software.pdbx_ordinal 
SBC-Collect 'data collection' .          ? 1 
PHASER      phasing           'V. 1.3.1' ? 2 
REFMAC      refinement        5.5.0109   ? 3 
Coot        'model building'  0.6        ? 4 
HKL-2000    'data reduction'  .          ? 5 
HKL-2000    'data scaling'    .          ? 6 
# 
_cell.entry_id           3PGG 
_cell.length_a           101.163 
_cell.length_b           101.163 
_cell.length_c           49.092 
_cell.angle_alpha        90.00 
_cell.angle_beta         90.00 
_cell.angle_gamma        120.00 
_cell.Z_PDB              12 
_cell.pdbx_unique_axis   ? 
_cell.length_a_esd       ? 
_cell.length_b_esd       ? 
_cell.length_c_esd       ? 
_cell.angle_alpha_esd    ? 
_cell.angle_beta_esd     ? 
_cell.angle_gamma_esd    ? 
# 
_symmetry.entry_id                         3PGG 
_symmetry.space_group_name_H-M             'P 3 2 1' 
_symmetry.pdbx_full_space_group_name_H-M   ? 
_symmetry.cell_setting                     ? 
_symmetry.Int_Tables_number                150 
_symmetry.space_group_name_Hall            ? 
# 
_exptl.entry_id          3PGG 
_exptl.method            'X-RAY DIFFRACTION' 
_exptl.crystals_number   1 
# 
_exptl_crystal.id                    1 
_exptl_crystal.density_meas          ? 
_exptl_crystal.density_Matthews      2.73 
_exptl_crystal.density_percent_sol   54.88 
_exptl_crystal.description           ? 
_exptl_crystal.F_000                 ? 
_exptl_crystal.preparation           ? 
# 
_exptl_crystal_grow.crystal_id      1 
_exptl_crystal_grow.method          'VAPOR DIFFUSION' 
_exptl_crystal_grow.temp            291 
_exptl_crystal_grow.temp_details    ? 
_exptl_crystal_grow.pH              6.5 
_exptl_crystal_grow.pdbx_details    '1.05 M NA CITRATE, 100 MM BISTRIS PH6.5, VAPOR DIFFUSION, temperature 291K' 
_exptl_crystal_grow.pdbx_pH_range   ? 
# 
_diffrn.id                     1 
_diffrn.ambient_temp           100 
_diffrn.ambient_temp_details   ? 
_diffrn.crystal_id             1 
# 
_diffrn_detector.diffrn_id              1 
_diffrn_detector.detector               'IMAGE PLATE' 
_diffrn_detector.type                   'RIGAKU RAXIS IV++' 
_diffrn_detector.pdbx_collection_date   2005-11-25 
_diffrn_detector.details                'VERIMAX HR' 
# 
_diffrn_radiation.diffrn_id                        1 
_diffrn_radiation.wavelength_id                    1 
_diffrn_radiation.pdbx_monochromatic_or_laue_m_l   M 
_diffrn_radiation.monochromator                    ? 
_diffrn_radiation.pdbx_diffrn_protocol             'SINGLE WAVELENGTH' 
_diffrn_radiation.pdbx_scattering_type             x-ray 
# 
_diffrn_radiation_wavelength.id           1 
_diffrn_radiation_wavelength.wavelength   1.5418 
_diffrn_radiation_wavelength.wt           1.0 
# 
_diffrn_source.diffrn_id                   1 
_diffrn_source.source                      'ROTATING ANODE' 
_diffrn_source.type                        'RIGAKU FR-E+ SUPERBRIGHT' 
_diffrn_source.pdbx_synchrotron_site       ? 
_diffrn_source.pdbx_synchrotron_beamline   ? 
_diffrn_source.pdbx_wavelength             ? 
_diffrn_source.pdbx_wavelength_list        1.5418 
# 
_reflns.entry_id                     3PGG 
_reflns.observed_criterion_sigma_I   0 
_reflns.observed_criterion_sigma_F   0 
_reflns.d_resolution_low             50 
_reflns.d_resolution_high            2.14 
_reflns.number_obs                   16363 
_reflns.number_all                   16363 
_reflns.percent_possible_obs         99.9 
_reflns.pdbx_Rmerge_I_obs            0.056 
_reflns.pdbx_Rsym_value              0.056 
_reflns.pdbx_netI_over_sigmaI        54.88 
_reflns.B_iso_Wilson_estimate        48.8 
_reflns.pdbx_redundancy              10.9 
_reflns.R_free_details               ? 
_reflns.limit_h_max                  ? 
_reflns.limit_h_min                  ? 
_reflns.limit_k_max                  ? 
_reflns.limit_k_min                  ? 
_reflns.limit_l_max                  ? 
_reflns.limit_l_min                  ? 
_reflns.observed_criterion_F_max     ? 
_reflns.observed_criterion_F_min     ? 
_reflns.pdbx_chi_squared             ? 
_reflns.pdbx_scaling_rejects         ? 
_reflns.pdbx_diffrn_id               1 
_reflns.pdbx_ordinal                 1 
# 
_reflns_shell.d_res_high             2.14 
_reflns_shell.d_res_low              2.18 
_reflns_shell.percent_possible_all   84.9 
_reflns_shell.Rmerge_I_obs           0.795 
_reflns_shell.pdbx_Rsym_value        0.795 
_reflns_shell.meanI_over_sigI_obs    2.87 
_reflns_shell.pdbx_redundancy        10.7 
_reflns_shell.percent_possible_obs   ? 
_reflns_shell.number_unique_all      866 
_reflns_shell.number_measured_all    ? 
_reflns_shell.number_measured_obs    ? 
_reflns_shell.number_unique_obs      ? 
_reflns_shell.pdbx_chi_squared       ? 
_reflns_shell.pdbx_diffrn_id         ? 
_reflns_shell.pdbx_ordinal           1 
# 
_refine.entry_id                                 3PGG 
_refine.ls_number_reflns_obs                     15457 
_refine.ls_number_reflns_all                     ? 
_refine.pdbx_ls_sigma_I                          0 
_refine.pdbx_ls_sigma_F                          . 
_refine.pdbx_data_cutoff_high_absF               ? 
_refine.pdbx_data_cutoff_low_absF                ? 
_refine.pdbx_data_cutoff_high_rms_absF           ? 
_refine.ls_d_res_low                             50 
_refine.ls_d_res_high                            2.14 
_refine.ls_percent_reflns_obs                    99.58 
_refine.ls_R_factor_obs                          0.21600 
_refine.ls_R_factor_all                          ? 
_refine.ls_R_factor_R_work                       0.21398 
_refine.ls_R_factor_R_free                       0.25783 
_refine.ls_R_factor_R_free_error                 ? 
_refine.ls_R_factor_R_free_error_details         ? 
_refine.ls_percent_reflns_R_free                 5.0 
_refine.ls_number_reflns_R_free                  809 
_refine.ls_number_parameters                     ? 
_refine.ls_number_restraints                     ? 
_refine.occupancy_min                            ? 
_refine.occupancy_max                            ? 
_refine.correlation_coeff_Fo_to_Fc               0.938 
_refine.correlation_coeff_Fo_to_Fc_free          0.927 
_refine.B_iso_mean                               49.076 
_refine.aniso_B[1][1]                            -5.84 
_refine.aniso_B[2][2]                            -5.84 
_refine.aniso_B[3][3]                            11.68 
_refine.aniso_B[1][2]                            0.00 
_refine.aniso_B[1][3]                            0.00 
_refine.aniso_B[2][3]                            0.00 
_refine.solvent_model_details                    MASK 
_refine.solvent_model_param_ksol                 ? 
_refine.solvent_model_param_bsol                 ? 
_refine.pdbx_solvent_vdw_probe_radii             1.40 
_refine.pdbx_solvent_ion_probe_radii             0.80 
_refine.pdbx_solvent_shrinkage_radii             0.80 
_refine.pdbx_ls_cross_valid_method               THROUGHOUT 
_refine.details                                  'HYDROGENS HAVE BEEN ADDED IN THE RIDING POSITIONS' 
_refine.pdbx_starting_model                      ? 
_refine.pdbx_method_to_determine_struct          'MOLECULAR REPLACEMENT' 
_refine.pdbx_isotropic_thermal_model             1M8V 
_refine.pdbx_stereochemistry_target_values       'MAXIMUM LIKELIHOOD' 
_refine.pdbx_stereochem_target_val_spec_case     ? 
_refine.pdbx_R_Free_selection_details            RANDOM 
_refine.pdbx_overall_ESU_R_Free                  0.033 
_refine.overall_SU_ML                            0.207 
_refine.overall_SU_B                             10.261 
_refine.overall_SU_R_Cruickshank_DPI             ? 
_refine.ls_redundancy_reflns_obs                 ? 
_refine.B_iso_min                                ? 
_refine.B_iso_max                                ? 
_refine.overall_SU_R_free                        ? 
_refine.ls_wR_factor_R_free                      ? 
_refine.ls_wR_factor_R_work                      ? 
_refine.overall_FOM_free_R_set                   ? 
_refine.overall_FOM_work_R_set                   ? 
_refine.pdbx_overall_phase_error                 ? 
_refine.pdbx_refine_id                           'X-RAY DIFFRACTION' 
_refine.pdbx_overall_ESU_R                       ? 
_refine.pdbx_diffrn_id                           1 
_refine.pdbx_TLS_residual_ADP_flag               ? 
_refine.pdbx_overall_SU_R_free_Cruickshank_DPI   ? 
_refine.pdbx_overall_SU_R_Blow_DPI               ? 
_refine.pdbx_overall_SU_R_free_Blow_DPI          ? 
# 
_refine_hist.pdbx_refine_id                   'X-RAY DIFFRACTION' 
_refine_hist.cycle_id                         LAST 
_refine_hist.pdbx_number_atoms_protein        1154 
_refine_hist.pdbx_number_atoms_nucleic_acid   0 
_refine_hist.pdbx_number_atoms_ligand         0 
_refine_hist.number_atoms_solvent             27 
_refine_hist.number_atoms_total               1181 
_refine_hist.d_res_high                       2.14 
_refine_hist.d_res_low                        50 
# 
loop_
_refine_ls_restr.type 
_refine_ls_restr.dev_ideal 
_refine_ls_restr.dev_ideal_target 
_refine_ls_restr.weight 
_refine_ls_restr.number 
_refine_ls_restr.pdbx_refine_id 
_refine_ls_restr.pdbx_restraint_function 
r_bond_refined_d             0.015  0.022  ? 1166 'X-RAY DIFFRACTION' ? 
r_bond_other_d               ?      ?      ? ?    'X-RAY DIFFRACTION' ? 
r_angle_refined_deg          1.298  1.987  ? 1578 'X-RAY DIFFRACTION' ? 
r_angle_other_deg            ?      ?      ? ?    'X-RAY DIFFRACTION' ? 
r_dihedral_angle_1_deg       9.373  5.000  ? 154  'X-RAY DIFFRACTION' ? 
r_dihedral_angle_2_deg       34.889 25.652 ? 46   'X-RAY DIFFRACTION' ? 
r_dihedral_angle_3_deg       16.031 15.000 ? 186  'X-RAY DIFFRACTION' ? 
r_dihedral_angle_4_deg       16.450 15.000 ? 4    'X-RAY DIFFRACTION' ? 
r_chiral_restr               0.117  0.200  ? 190  'X-RAY DIFFRACTION' ? 
r_gen_planes_refined         0.017  0.021  ? 862  'X-RAY DIFFRACTION' ? 
r_gen_planes_other           ?      ?      ? ?    'X-RAY DIFFRACTION' ? 
r_nbd_refined                ?      ?      ? ?    'X-RAY DIFFRACTION' ? 
r_nbd_other                  ?      ?      ? ?    'X-RAY DIFFRACTION' ? 
r_nbtor_refined              ?      ?      ? ?    'X-RAY DIFFRACTION' ? 
r_nbtor_other                ?      ?      ? ?    'X-RAY DIFFRACTION' ? 
r_xyhbond_nbd_refined        ?      ?      ? ?    'X-RAY DIFFRACTION' ? 
r_xyhbond_nbd_other          ?      ?      ? ?    'X-RAY DIFFRACTION' ? 
r_metal_ion_refined          ?      ?      ? ?    'X-RAY DIFFRACTION' ? 
r_metal_ion_other            ?      ?      ? ?    'X-RAY DIFFRACTION' ? 
r_symmetry_vdw_refined       ?      ?      ? ?    'X-RAY DIFFRACTION' ? 
r_symmetry_vdw_other         ?      ?      ? ?    'X-RAY DIFFRACTION' ? 
r_symmetry_hbond_refined     ?      ?      ? ?    'X-RAY DIFFRACTION' ? 
r_symmetry_hbond_other       ?      ?      ? ?    'X-RAY DIFFRACTION' ? 
r_symmetry_metal_ion_refined ?      ?      ? ?    'X-RAY DIFFRACTION' ? 
r_symmetry_metal_ion_other   ?      ?      ? ?    'X-RAY DIFFRACTION' ? 
r_mcbond_it                  2.010  1.500  ? 772  'X-RAY DIFFRACTION' ? 
r_mcbond_other               ?      ?      ? ?    'X-RAY DIFFRACTION' ? 
r_mcangle_it                 3.186  2.000  ? 1221 'X-RAY DIFFRACTION' ? 
r_scbond_it                  4.606  3.000  ? 394  'X-RAY DIFFRACTION' ? 
r_scangle_it                 6.773  4.500  ? 357  'X-RAY DIFFRACTION' ? 
r_rigid_bond_restr           ?      ?      ? ?    'X-RAY DIFFRACTION' ? 
r_sphericity_free            ?      ?      ? ?    'X-RAY DIFFRACTION' ? 
r_sphericity_bonded          ?      ?      ? ?    'X-RAY DIFFRACTION' ? 
# 
_refine_ls_shell.pdbx_total_number_of_bins_used   20 
_refine_ls_shell.d_res_high                       2.14 
_refine_ls_shell.d_res_low                        2.192 
_refine_ls_shell.number_reflns_R_work             1083 
_refine_ls_shell.R_factor_R_work                  0.215 
_refine_ls_shell.percent_reflns_obs               96.14 
_refine_ls_shell.R_factor_R_free                  0.377 
_refine_ls_shell.R_factor_R_free_error            ? 
_refine_ls_shell.percent_reflns_R_free            ? 
_refine_ls_shell.number_reflns_R_free             64 
_refine_ls_shell.number_reflns_all                ? 
_refine_ls_shell.R_factor_all                     ? 
_refine_ls_shell.number_reflns_obs                ? 
_refine_ls_shell.redundancy_reflns_obs            ? 
_refine_ls_shell.pdbx_refine_id                   'X-RAY DIFFRACTION' 
# 
_struct.entry_id                  3PGG 
_struct.title                     'Crystal structure of cryptosporidium parvum u6 snrna-associated sm-like protein lsm5' 
_struct.pdbx_model_details        ? 
_struct.pdbx_CASP_flag            ? 
_struct.pdbx_model_type_details   ? 
# 
_struct_keywords.entry_id        3PGG 
_struct_keywords.pdbx_keywords   'DNA BINDING PROTEIN' 
_struct_keywords.text            
'U6 SNRNA-ASSOCIATED SM-LIKE PROTEIN, LSM5, DNA BINDING PROTEIN, Structural Genomics, Structural Genomics Consortium, SGC' 
# 
loop_
_struct_asym.id 
_struct_asym.pdbx_blank_PDB_chainid_flag 
_struct_asym.pdbx_modified 
_struct_asym.entity_id 
_struct_asym.details 
A N N 1 ? 
B N N 1 ? 
C N N 2 ? 
D N N 2 ? 
# 
_struct_ref.id                         1 
_struct_ref.db_name                    UNP 
_struct_ref.db_code                    Q5CXX3_CRYPV 
_struct_ref.pdbx_db_accession          Q5CXX3 
_struct_ref.entity_id                  1 
_struct_ref.pdbx_seq_one_letter_code   
;SYKVNYMSETPANKSQGGSNQKGGNIILPLALIDKCIGNRIYVVMKGDKEFSGVLRGFDEYVNMVLDDVQEYGFKADEED
ISGGNKKLKRVMVNRLETILLSGNNVAMLVPGGDPDSFNFS
;
_struct_ref.pdbx_align_begin           1 
_struct_ref.pdbx_db_isoform            ? 
# 
loop_
_struct_ref_seq.align_id 
_struct_ref_seq.ref_id 
_struct_ref_seq.pdbx_PDB_id_code 
_struct_ref_seq.pdbx_strand_id 
_struct_ref_seq.seq_align_beg 
_struct_ref_seq.pdbx_seq_align_beg_ins_code 
_struct_ref_seq.seq_align_end 
_struct_ref_seq.pdbx_seq_align_end_ins_code 
_struct_ref_seq.pdbx_db_accession 
_struct_ref_seq.db_align_beg 
_struct_ref_seq.pdbx_db_align_beg_ins_code 
_struct_ref_seq.db_align_end 
_struct_ref_seq.pdbx_db_align_end_ins_code 
_struct_ref_seq.pdbx_auth_seq_align_beg 
_struct_ref_seq.pdbx_auth_seq_align_end 
1 1 3PGG A 1 ? 121 ? Q5CXX3 1 ? 121 ? 1 121 
2 1 3PGG B 1 ? 121 ? Q5CXX3 1 ? 121 ? 1 121 
# 
_pdbx_struct_assembly.id                   1 
_pdbx_struct_assembly.details              author_and_software_defined_assembly 
_pdbx_struct_assembly.method_details       PISA 
_pdbx_struct_assembly.oligomeric_details   hexameric 
_pdbx_struct_assembly.oligomeric_count     6 
# 
loop_
_pdbx_struct_assembly_prop.biol_id 
_pdbx_struct_assembly_prop.type 
_pdbx_struct_assembly_prop.value 
_pdbx_struct_assembly_prop.details 
1 'ABSA (A^2)' 9110  ? 
1 MORE         -61   ? 
1 'SSA (A^2)'  20570 ? 
# 
_pdbx_struct_assembly_gen.assembly_id       1 
_pdbx_struct_assembly_gen.oper_expression   1,2,3 
_pdbx_struct_assembly_gen.asym_id_list      A,B,C,D 
# 
loop_
_pdbx_struct_oper_list.id 
_pdbx_struct_oper_list.type 
_pdbx_struct_oper_list.name 
_pdbx_struct_oper_list.symmetry_operation 
_pdbx_struct_oper_list.matrix[1][1] 
_pdbx_struct_oper_list.matrix[1][2] 
_pdbx_struct_oper_list.matrix[1][3] 
_pdbx_struct_oper_list.vector[1] 
_pdbx_struct_oper_list.matrix[2][1] 
_pdbx_struct_oper_list.matrix[2][2] 
_pdbx_struct_oper_list.matrix[2][3] 
_pdbx_struct_oper_list.vector[2] 
_pdbx_struct_oper_list.matrix[3][1] 
_pdbx_struct_oper_list.matrix[3][2] 
_pdbx_struct_oper_list.matrix[3][3] 
_pdbx_struct_oper_list.vector[3] 
1 'identity operation'         1_555 x,y,z         1.0000000000 0.0000000000 0.0000000000  0.0000000000   0.0000000000 1.0000000000  0.0000000000  0.0000000000  0.0000000000  0.0000000000  1.0000000000  0.0000000000   
2 'crystal symmetry operation' 2_655 -y+1,x-y,z    0.6262320415 0.7676145521 0.1363866913  -9.9038545782  0.4214631366 -0.1861424427 -0.8875358108 7.9951395906  -0.6558980520 0.6132853255  -0.4400895988 -24.6409137206 
3 'crystal symmetry operation' 3_665 -x+y+1,-x+1,z 0.6262320415 0.4214631366 -0.6558980520 -13.3294728475 0.7676145521 -0.1861424427 0.6132853255  24.2024884999 0.1363866913  -0.8875358108 -0.4400895988 -2.3974831777 
# 
_struct_biol.id        1 
_struct_biol.details   HEXAMERIC 
# 
loop_
_struct_conf.conf_type_id 
_struct_conf.id 
_struct_conf.pdbx_PDB_helix_id 
_struct_conf.beg_label_comp_id 
_struct_conf.beg_label_asym_id 
_struct_conf.beg_label_seq_id 
_struct_conf.pdbx_beg_PDB_ins_code 
_struct_conf.end_label_comp_id 
_struct_conf.end_label_asym_id 
_struct_conf.end_label_seq_id 
_struct_conf.pdbx_end_PDB_ins_code 
_struct_conf.beg_auth_comp_id 
_struct_conf.beg_auth_asym_id 
_struct_conf.beg_auth_seq_id 
_struct_conf.end_auth_comp_id 
_struct_conf.end_auth_asym_id 
_struct_conf.end_auth_seq_id 
_struct_conf.pdbx_PDB_helix_class 
_struct_conf.details 
_struct_conf.pdbx_PDB_helix_length 
HELX_P HELX_P1 1 LEU A 28  ? CYS A 36  ? LEU A 28  CYS A 36  1 ? 9 
HELX_P HELX_P2 2 SER A 102 ? ASN A 104 ? SER A 102 ASN A 104 5 ? 3 
HELX_P HELX_P3 3 LEU B 28  ? CYS B 36  ? LEU B 28  CYS B 36  1 ? 9 
# 
_struct_conf_type.id          HELX_P 
_struct_conf_type.criteria    ? 
_struct_conf_type.reference   ? 
# 
loop_
_struct_sheet.id 
_struct_sheet.type 
_struct_sheet.number_strands 
_struct_sheet.details 
A ? 3  ? 
B ? 10 ? 
# 
loop_
_struct_sheet_order.sheet_id 
_struct_sheet_order.range_id_1 
_struct_sheet_order.range_id_2 
_struct_sheet_order.offset 
_struct_sheet_order.sense 
A 1 2  ? anti-parallel 
A 2 3  ? anti-parallel 
B 1 2  ? anti-parallel 
B 2 3  ? anti-parallel 
B 3 4  ? anti-parallel 
B 4 5  ? anti-parallel 
B 5 6  ? anti-parallel 
B 6 7  ? anti-parallel 
B 7 8  ? anti-parallel 
B 8 9  ? anti-parallel 
B 9 10 ? anti-parallel 
# 
loop_
_struct_sheet_range.sheet_id 
_struct_sheet_range.id 
_struct_sheet_range.beg_label_comp_id 
_struct_sheet_range.beg_label_asym_id 
_struct_sheet_range.beg_label_seq_id 
_struct_sheet_range.pdbx_beg_PDB_ins_code 
_struct_sheet_range.end_label_comp_id 
_struct_sheet_range.end_label_asym_id 
_struct_sheet_range.end_label_seq_id 
_struct_sheet_range.pdbx_end_PDB_ins_code 
_struct_sheet_range.beg_auth_comp_id 
_struct_sheet_range.beg_auth_asym_id 
_struct_sheet_range.beg_auth_seq_id 
_struct_sheet_range.end_auth_comp_id 
_struct_sheet_range.end_auth_asym_id 
_struct_sheet_range.end_auth_seq_id 
A 1  ARG A 90  ? LEU A 96  ? ARG A 90  LEU A 96  
A 2  MET A 64  ? PHE A 74  ? MET A 64  PHE A 74  
A 3  ILE A 99  ? LEU A 101 ? ILE A 99  LEU A 101 
B 1  ARG A 90  ? LEU A 96  ? ARG A 90  LEU A 96  
B 2  MET A 64  ? PHE A 74  ? MET A 64  PHE A 74  
B 3  GLU A 50  ? PHE A 58  ? GLU A 50  PHE A 58  
B 4  ARG A 40  ? MET A 45  ? ARG A 40  MET A 45  
B 5  VAL A 106 ? PRO A 111 ? VAL A 106 PRO A 111 
B 6  ARG B 90  ? LEU B 101 ? ARG B 90  LEU B 101 
B 7  MET B 64  ? PHE B 74  ? MET B 64  PHE B 74  
B 8  LYS B 49  ? PHE B 58  ? LYS B 49  PHE B 58  
B 9  ARG B 40  ? MET B 45  ? ARG B 40  MET B 45  
B 10 VAL B 106 ? VAL B 110 ? VAL B 106 VAL B 110 
# 
loop_
_pdbx_struct_sheet_hbond.sheet_id 
_pdbx_struct_sheet_hbond.range_id_1 
_pdbx_struct_sheet_hbond.range_id_2 
_pdbx_struct_sheet_hbond.range_1_label_atom_id 
_pdbx_struct_sheet_hbond.range_1_label_comp_id 
_pdbx_struct_sheet_hbond.range_1_label_asym_id 
_pdbx_struct_sheet_hbond.range_1_label_seq_id 
_pdbx_struct_sheet_hbond.range_1_PDB_ins_code 
_pdbx_struct_sheet_hbond.range_1_auth_atom_id 
_pdbx_struct_sheet_hbond.range_1_auth_comp_id 
_pdbx_struct_sheet_hbond.range_1_auth_asym_id 
_pdbx_struct_sheet_hbond.range_1_auth_seq_id 
_pdbx_struct_sheet_hbond.range_2_label_atom_id 
_pdbx_struct_sheet_hbond.range_2_label_comp_id 
_pdbx_struct_sheet_hbond.range_2_label_asym_id 
_pdbx_struct_sheet_hbond.range_2_label_seq_id 
_pdbx_struct_sheet_hbond.range_2_PDB_ins_code 
_pdbx_struct_sheet_hbond.range_2_auth_atom_id 
_pdbx_struct_sheet_hbond.range_2_auth_comp_id 
_pdbx_struct_sheet_hbond.range_2_auth_asym_id 
_pdbx_struct_sheet_hbond.range_2_auth_seq_id 
A 1 2  O ASN A 94  ? O ASN A 94  N GLU A 71  ? N GLU A 71  
A 2 3  N MET A 64  ? N MET A 64  O LEU A 101 ? O LEU A 101 
B 1 2  O ASN A 94  ? O ASN A 94  N GLU A 71  ? N GLU A 71  
B 2 3  O ASP A 67  ? O ASP A 67  N VAL A 54  ? N VAL A 54  
B 3 4  O GLY A 53  ? O GLY A 53  N ILE A 41  ? N ILE A 41  
B 4 5  N TYR A 42  ? N TYR A 42  O VAL A 110 ? O VAL A 110 
B 5 6  N LEU A 109 ? N LEU A 109 O LEU B 100 ? O LEU B 100 
B 6 7  O VAL B 91  ? O VAL B 91  N GLY B 73  ? N GLY B 73  
B 7 8  O ASP B 67  ? O ASP B 67  N VAL B 54  ? N VAL B 54  
B 8 9  O GLY B 53  ? O GLY B 53  N ILE B 41  ? N ILE B 41  
B 9 10 N VAL B 44  ? N VAL B 44  O MET B 108 ? O MET B 108 
# 
_pdbx_validate_torsion.id              1 
_pdbx_validate_torsion.PDB_model_num   1 
_pdbx_validate_torsion.auth_comp_id    GLU 
_pdbx_validate_torsion.auth_asym_id    A 
_pdbx_validate_torsion.auth_seq_id     97 
_pdbx_validate_torsion.PDB_ins_code    ? 
_pdbx_validate_torsion.label_alt_id    ? 
_pdbx_validate_torsion.phi             -102.56 
_pdbx_validate_torsion.psi             -125.44 
# 
loop_
_pdbx_validate_main_chain_plane.id 
_pdbx_validate_main_chain_plane.PDB_model_num 
_pdbx_validate_main_chain_plane.auth_comp_id 
_pdbx_validate_main_chain_plane.auth_asym_id 
_pdbx_validate_main_chain_plane.auth_seq_id 
_pdbx_validate_main_chain_plane.PDB_ins_code 
_pdbx_validate_main_chain_plane.label_alt_id 
_pdbx_validate_main_chain_plane.improper_torsion_angle 
1 1 ASP A 67 ? ? -11.21 
2 1 ILE A 99 ? ? -10.17 
# 
_pdbx_SG_project.id                    1 
_pdbx_SG_project.project_name          ? 
_pdbx_SG_project.full_name_of_center   'Structural Genomics Consortium' 
_pdbx_SG_project.initial_of_center     SGC 
# 
loop_
_pdbx_unobs_or_zero_occ_residues.id 
_pdbx_unobs_or_zero_occ_residues.PDB_model_num 
_pdbx_unobs_or_zero_occ_residues.polymer_flag 
_pdbx_unobs_or_zero_occ_residues.occupancy_flag 
_pdbx_unobs_or_zero_occ_residues.auth_asym_id 
_pdbx_unobs_or_zero_occ_residues.auth_comp_id 
_pdbx_unobs_or_zero_occ_residues.auth_seq_id 
_pdbx_unobs_or_zero_occ_residues.PDB_ins_code 
_pdbx_unobs_or_zero_occ_residues.label_asym_id 
_pdbx_unobs_or_zero_occ_residues.label_comp_id 
_pdbx_unobs_or_zero_occ_residues.label_seq_id 
1  1 Y 1 A SER 1   ? A SER 1   
2  1 Y 1 A TYR 2   ? A TYR 2   
3  1 Y 1 A LYS 3   ? A LYS 3   
4  1 Y 1 A VAL 4   ? A VAL 4   
5  1 Y 1 A ASN 5   ? A ASN 5   
6  1 Y 1 A TYR 6   ? A TYR 6   
7  1 Y 1 A MET 7   ? A MET 7   
8  1 Y 1 A SER 8   ? A SER 8   
9  1 Y 1 A GLU 9   ? A GLU 9   
10 1 Y 1 A THR 10  ? A THR 10  
11 1 Y 1 A PRO 11  ? A PRO 11  
12 1 Y 1 A ALA 12  ? A ALA 12  
13 1 Y 1 A ASN 13  ? A ASN 13  
14 1 Y 1 A LYS 14  ? A LYS 14  
15 1 Y 1 A SER 15  ? A SER 15  
16 1 Y 1 A GLN 16  ? A GLN 16  
17 1 Y 1 A GLY 17  ? A GLY 17  
18 1 Y 1 A GLY 18  ? A GLY 18  
19 1 Y 1 A SER 19  ? A SER 19  
20 1 Y 1 A ASN 20  ? A ASN 20  
21 1 Y 1 A GLN 21  ? A GLN 21  
22 1 Y 1 A LYS 22  ? A LYS 22  
23 1 Y 1 A GLY 23  ? A GLY 23  
24 1 Y 1 A GLY 24  ? A GLY 24  
25 1 Y 1 A GLU 78  ? A GLU 78  
26 1 Y 1 A GLU 79  ? A GLU 79  
27 1 Y 1 A ASP 80  ? A ASP 80  
28 1 Y 1 A ILE 81  ? A ILE 81  
29 1 Y 1 A SER 82  ? A SER 82  
30 1 Y 1 A GLY 83  ? A GLY 83  
31 1 Y 1 A GLY 84  ? A GLY 84  
32 1 Y 1 A ASN 85  ? A ASN 85  
33 1 Y 1 A LYS 86  ? A LYS 86  
34 1 Y 1 A LYS 87  ? A LYS 87  
35 1 Y 1 A LEU 88  ? A LEU 88  
36 1 Y 1 A ASP 114 ? A ASP 114 
37 1 Y 1 A PRO 115 ? A PRO 115 
38 1 Y 1 A ASP 116 ? A ASP 116 
39 1 Y 1 A SER 117 ? A SER 117 
40 1 Y 1 A PHE 118 ? A PHE 118 
41 1 Y 1 A ASN 119 ? A ASN 119 
42 1 Y 1 A PHE 120 ? A PHE 120 
43 1 Y 1 A SER 121 ? A SER 121 
44 1 Y 1 B SER 1   ? B SER 1   
45 1 Y 1 B TYR 2   ? B TYR 2   
46 1 Y 1 B LYS 3   ? B LYS 3   
47 1 Y 1 B VAL 4   ? B VAL 4   
48 1 Y 1 B ASN 5   ? B ASN 5   
49 1 Y 1 B TYR 6   ? B TYR 6   
50 1 Y 1 B MET 7   ? B MET 7   
51 1 Y 1 B SER 8   ? B SER 8   
52 1 Y 1 B GLU 9   ? B GLU 9   
53 1 Y 1 B THR 10  ? B THR 10  
54 1 Y 1 B PRO 11  ? B PRO 11  
55 1 Y 1 B ALA 12  ? B ALA 12  
56 1 Y 1 B ASN 13  ? B ASN 13  
57 1 Y 1 B LYS 14  ? B LYS 14  
58 1 Y 1 B SER 15  ? B SER 15  
59 1 Y 1 B GLN 16  ? B GLN 16  
60 1 Y 1 B GLY 17  ? B GLY 17  
61 1 Y 1 B GLY 18  ? B GLY 18  
62 1 Y 1 B SER 19  ? B SER 19  
63 1 Y 1 B ASN 20  ? B ASN 20  
64 1 Y 1 B GLN 21  ? B GLN 21  
65 1 Y 1 B LYS 22  ? B LYS 22  
66 1 Y 1 B ASP 77  ? B ASP 77  
67 1 Y 1 B GLU 78  ? B GLU 78  
68 1 Y 1 B GLU 79  ? B GLU 79  
69 1 Y 1 B ASP 80  ? B ASP 80  
70 1 Y 1 B ILE 81  ? B ILE 81  
71 1 Y 1 B SER 82  ? B SER 82  
72 1 Y 1 B GLY 83  ? B GLY 83  
73 1 Y 1 B GLY 84  ? B GLY 84  
74 1 Y 1 B ASN 85  ? B ASN 85  
75 1 Y 1 B LYS 86  ? B LYS 86  
76 1 Y 1 B LYS 87  ? B LYS 87  
77 1 Y 1 B LEU 88  ? B LEU 88  
78 1 Y 1 B PRO 115 ? B PRO 115 
79 1 Y 1 B ASP 116 ? B ASP 116 
80 1 Y 1 B SER 117 ? B SER 117 
81 1 Y 1 B PHE 118 ? B PHE 118 
82 1 Y 1 B ASN 119 ? B ASN 119 
83 1 Y 1 B PHE 120 ? B PHE 120 
84 1 Y 1 B SER 121 ? B SER 121 
# 
loop_
_chem_comp_atom.comp_id 
_chem_comp_atom.atom_id 
_chem_comp_atom.type_symbol 
_chem_comp_atom.pdbx_aromatic_flag 
_chem_comp_atom.pdbx_stereo_config 
_chem_comp_atom.pdbx_ordinal 
ALA N    N N N 1   
ALA CA   C N S 2   
ALA C    C N N 3   
ALA O    O N N 4   
ALA CB   C N N 5   
ALA OXT  O N N 6   
ALA H    H N N 7   
ALA H2   H N N 8   
ALA HA   H N N 9   
ALA HB1  H N N 10  
ALA HB2  H N N 11  
ALA HB3  H N N 12  
ALA HXT  H N N 13  
ARG N    N N N 14  
ARG CA   C N S 15  
ARG C    C N N 16  
ARG O    O N N 17  
ARG CB   C N N 18  
ARG CG   C N N 19  
ARG CD   C N N 20  
ARG NE   N N N 21  
ARG CZ   C N N 22  
ARG NH1  N N N 23  
ARG NH2  N N N 24  
ARG OXT  O N N 25  
ARG H    H N N 26  
ARG H2   H N N 27  
ARG HA   H N N 28  
ARG HB2  H N N 29  
ARG HB3  H N N 30  
ARG HG2  H N N 31  
ARG HG3  H N N 32  
ARG HD2  H N N 33  
ARG HD3  H N N 34  
ARG HE   H N N 35  
ARG HH11 H N N 36  
ARG HH12 H N N 37  
ARG HH21 H N N 38  
ARG HH22 H N N 39  
ARG HXT  H N N 40  
ASN N    N N N 41  
ASN CA   C N S 42  
ASN C    C N N 43  
ASN O    O N N 44  
ASN CB   C N N 45  
ASN CG   C N N 46  
ASN OD1  O N N 47  
ASN ND2  N N N 48  
ASN OXT  O N N 49  
ASN H    H N N 50  
ASN H2   H N N 51  
ASN HA   H N N 52  
ASN HB2  H N N 53  
ASN HB3  H N N 54  
ASN HD21 H N N 55  
ASN HD22 H N N 56  
ASN HXT  H N N 57  
ASP N    N N N 58  
ASP CA   C N S 59  
ASP C    C N N 60  
ASP O    O N N 61  
ASP CB   C N N 62  
ASP CG   C N N 63  
ASP OD1  O N N 64  
ASP OD2  O N N 65  
ASP OXT  O N N 66  
ASP H    H N N 67  
ASP H2   H N N 68  
ASP HA   H N N 69  
ASP HB2  H N N 70  
ASP HB3  H N N 71  
ASP HD2  H N N 72  
ASP HXT  H N N 73  
CYS N    N N N 74  
CYS CA   C N R 75  
CYS C    C N N 76  
CYS O    O N N 77  
CYS CB   C N N 78  
CYS SG   S N N 79  
CYS OXT  O N N 80  
CYS H    H N N 81  
CYS H2   H N N 82  
CYS HA   H N N 83  
CYS HB2  H N N 84  
CYS HB3  H N N 85  
CYS HG   H N N 86  
CYS HXT  H N N 87  
GLN N    N N N 88  
GLN CA   C N S 89  
GLN C    C N N 90  
GLN O    O N N 91  
GLN CB   C N N 92  
GLN CG   C N N 93  
GLN CD   C N N 94  
GLN OE1  O N N 95  
GLN NE2  N N N 96  
GLN OXT  O N N 97  
GLN H    H N N 98  
GLN H2   H N N 99  
GLN HA   H N N 100 
GLN HB2  H N N 101 
GLN HB3  H N N 102 
GLN HG2  H N N 103 
GLN HG3  H N N 104 
GLN HE21 H N N 105 
GLN HE22 H N N 106 
GLN HXT  H N N 107 
GLU N    N N N 108 
GLU CA   C N S 109 
GLU C    C N N 110 
GLU O    O N N 111 
GLU CB   C N N 112 
GLU CG   C N N 113 
GLU CD   C N N 114 
GLU OE1  O N N 115 
GLU OE2  O N N 116 
GLU OXT  O N N 117 
GLU H    H N N 118 
GLU H2   H N N 119 
GLU HA   H N N 120 
GLU HB2  H N N 121 
GLU HB3  H N N 122 
GLU HG2  H N N 123 
GLU HG3  H N N 124 
GLU HE2  H N N 125 
GLU HXT  H N N 126 
GLY N    N N N 127 
GLY CA   C N N 128 
GLY C    C N N 129 
GLY O    O N N 130 
GLY OXT  O N N 131 
GLY H    H N N 132 
GLY H2   H N N 133 
GLY HA2  H N N 134 
GLY HA3  H N N 135 
GLY HXT  H N N 136 
HOH O    O N N 137 
HOH H1   H N N 138 
HOH H2   H N N 139 
ILE N    N N N 140 
ILE CA   C N S 141 
ILE C    C N N 142 
ILE O    O N N 143 
ILE CB   C N S 144 
ILE CG1  C N N 145 
ILE CG2  C N N 146 
ILE CD1  C N N 147 
ILE OXT  O N N 148 
ILE H    H N N 149 
ILE H2   H N N 150 
ILE HA   H N N 151 
ILE HB   H N N 152 
ILE HG12 H N N 153 
ILE HG13 H N N 154 
ILE HG21 H N N 155 
ILE HG22 H N N 156 
ILE HG23 H N N 157 
ILE HD11 H N N 158 
ILE HD12 H N N 159 
ILE HD13 H N N 160 
ILE HXT  H N N 161 
LEU N    N N N 162 
LEU CA   C N S 163 
LEU C    C N N 164 
LEU O    O N N 165 
LEU CB   C N N 166 
LEU CG   C N N 167 
LEU CD1  C N N 168 
LEU CD2  C N N 169 
LEU OXT  O N N 170 
LEU H    H N N 171 
LEU H2   H N N 172 
LEU HA   H N N 173 
LEU HB2  H N N 174 
LEU HB3  H N N 175 
LEU HG   H N N 176 
LEU HD11 H N N 177 
LEU HD12 H N N 178 
LEU HD13 H N N 179 
LEU HD21 H N N 180 
LEU HD22 H N N 181 
LEU HD23 H N N 182 
LEU HXT  H N N 183 
LYS N    N N N 184 
LYS CA   C N S 185 
LYS C    C N N 186 
LYS O    O N N 187 
LYS CB   C N N 188 
LYS CG   C N N 189 
LYS CD   C N N 190 
LYS CE   C N N 191 
LYS NZ   N N N 192 
LYS OXT  O N N 193 
LYS H    H N N 194 
LYS H2   H N N 195 
LYS HA   H N N 196 
LYS HB2  H N N 197 
LYS HB3  H N N 198 
LYS HG2  H N N 199 
LYS HG3  H N N 200 
LYS HD2  H N N 201 
LYS HD3  H N N 202 
LYS HE2  H N N 203 
LYS HE3  H N N 204 
LYS HZ1  H N N 205 
LYS HZ2  H N N 206 
LYS HZ3  H N N 207 
LYS HXT  H N N 208 
MET N    N N N 209 
MET CA   C N S 210 
MET C    C N N 211 
MET O    O N N 212 
MET CB   C N N 213 
MET CG   C N N 214 
MET SD   S N N 215 
MET CE   C N N 216 
MET OXT  O N N 217 
MET H    H N N 218 
MET H2   H N N 219 
MET HA   H N N 220 
MET HB2  H N N 221 
MET HB3  H N N 222 
MET HG2  H N N 223 
MET HG3  H N N 224 
MET HE1  H N N 225 
MET HE2  H N N 226 
MET HE3  H N N 227 
MET HXT  H N N 228 
PHE N    N N N 229 
PHE CA   C N S 230 
PHE C    C N N 231 
PHE O    O N N 232 
PHE CB   C N N 233 
PHE CG   C Y N 234 
PHE CD1  C Y N 235 
PHE CD2  C Y N 236 
PHE CE1  C Y N 237 
PHE CE2  C Y N 238 
PHE CZ   C Y N 239 
PHE OXT  O N N 240 
PHE H    H N N 241 
PHE H2   H N N 242 
PHE HA   H N N 243 
PHE HB2  H N N 244 
PHE HB3  H N N 245 
PHE HD1  H N N 246 
PHE HD2  H N N 247 
PHE HE1  H N N 248 
PHE HE2  H N N 249 
PHE HZ   H N N 250 
PHE HXT  H N N 251 
PRO N    N N N 252 
PRO CA   C N S 253 
PRO C    C N N 254 
PRO O    O N N 255 
PRO CB   C N N 256 
PRO CG   C N N 257 
PRO CD   C N N 258 
PRO OXT  O N N 259 
PRO H    H N N 260 
PRO HA   H N N 261 
PRO HB2  H N N 262 
PRO HB3  H N N 263 
PRO HG2  H N N 264 
PRO HG3  H N N 265 
PRO HD2  H N N 266 
PRO HD3  H N N 267 
PRO HXT  H N N 268 
SER N    N N N 269 
SER CA   C N S 270 
SER C    C N N 271 
SER O    O N N 272 
SER CB   C N N 273 
SER OG   O N N 274 
SER OXT  O N N 275 
SER H    H N N 276 
SER H2   H N N 277 
SER HA   H N N 278 
SER HB2  H N N 279 
SER HB3  H N N 280 
SER HG   H N N 281 
SER HXT  H N N 282 
THR N    N N N 283 
THR CA   C N S 284 
THR C    C N N 285 
THR O    O N N 286 
THR CB   C N R 287 
THR OG1  O N N 288 
THR CG2  C N N 289 
THR OXT  O N N 290 
THR H    H N N 291 
THR H2   H N N 292 
THR HA   H N N 293 
THR HB   H N N 294 
THR HG1  H N N 295 
THR HG21 H N N 296 
THR HG22 H N N 297 
THR HG23 H N N 298 
THR HXT  H N N 299 
TYR N    N N N 300 
TYR CA   C N S 301 
TYR C    C N N 302 
TYR O    O N N 303 
TYR CB   C N N 304 
TYR CG   C Y N 305 
TYR CD1  C Y N 306 
TYR CD2  C Y N 307 
TYR CE1  C Y N 308 
TYR CE2  C Y N 309 
TYR CZ   C Y N 310 
TYR OH   O N N 311 
TYR OXT  O N N 312 
TYR H    H N N 313 
TYR H2   H N N 314 
TYR HA   H N N 315 
TYR HB2  H N N 316 
TYR HB3  H N N 317 
TYR HD1  H N N 318 
TYR HD2  H N N 319 
TYR HE1  H N N 320 
TYR HE2  H N N 321 
TYR HH   H N N 322 
TYR HXT  H N N 323 
VAL N    N N N 324 
VAL CA   C N S 325 
VAL C    C N N 326 
VAL O    O N N 327 
VAL CB   C N N 328 
VAL CG1  C N N 329 
VAL CG2  C N N 330 
VAL OXT  O N N 331 
VAL H    H N N 332 
VAL H2   H N N 333 
VAL HA   H N N 334 
VAL HB   H N N 335 
VAL HG11 H N N 336 
VAL HG12 H N N 337 
VAL HG13 H N N 338 
VAL HG21 H N N 339 
VAL HG22 H N N 340 
VAL HG23 H N N 341 
VAL HXT  H N N 342 
# 
loop_
_chem_comp_bond.comp_id 
_chem_comp_bond.atom_id_1 
_chem_comp_bond.atom_id_2 
_chem_comp_bond.value_order 
_chem_comp_bond.pdbx_aromatic_flag 
_chem_comp_bond.pdbx_stereo_config 
_chem_comp_bond.pdbx_ordinal 
ALA N   CA   sing N N 1   
ALA N   H    sing N N 2   
ALA N   H2   sing N N 3   
ALA CA  C    sing N N 4   
ALA CA  CB   sing N N 5   
ALA CA  HA   sing N N 6   
ALA C   O    doub N N 7   
ALA C   OXT  sing N N 8   
ALA CB  HB1  sing N N 9   
ALA CB  HB2  sing N N 10  
ALA CB  HB3  sing N N 11  
ALA OXT HXT  sing N N 12  
ARG N   CA   sing N N 13  
ARG N   H    sing N N 14  
ARG N   H2   sing N N 15  
ARG CA  C    sing N N 16  
ARG CA  CB   sing N N 17  
ARG CA  HA   sing N N 18  
ARG C   O    doub N N 19  
ARG C   OXT  sing N N 20  
ARG CB  CG   sing N N 21  
ARG CB  HB2  sing N N 22  
ARG CB  HB3  sing N N 23  
ARG CG  CD   sing N N 24  
ARG CG  HG2  sing N N 25  
ARG CG  HG3  sing N N 26  
ARG CD  NE   sing N N 27  
ARG CD  HD2  sing N N 28  
ARG CD  HD3  sing N N 29  
ARG NE  CZ   sing N N 30  
ARG NE  HE   sing N N 31  
ARG CZ  NH1  sing N N 32  
ARG CZ  NH2  doub N N 33  
ARG NH1 HH11 sing N N 34  
ARG NH1 HH12 sing N N 35  
ARG NH2 HH21 sing N N 36  
ARG NH2 HH22 sing N N 37  
ARG OXT HXT  sing N N 38  
ASN N   CA   sing N N 39  
ASN N   H    sing N N 40  
ASN N   H2   sing N N 41  
ASN CA  C    sing N N 42  
ASN CA  CB   sing N N 43  
ASN CA  HA   sing N N 44  
ASN C   O    doub N N 45  
ASN C   OXT  sing N N 46  
ASN CB  CG   sing N N 47  
ASN CB  HB2  sing N N 48  
ASN CB  HB3  sing N N 49  
ASN CG  OD1  doub N N 50  
ASN CG  ND2  sing N N 51  
ASN ND2 HD21 sing N N 52  
ASN ND2 HD22 sing N N 53  
ASN OXT HXT  sing N N 54  
ASP N   CA   sing N N 55  
ASP N   H    sing N N 56  
ASP N   H2   sing N N 57  
ASP CA  C    sing N N 58  
ASP CA  CB   sing N N 59  
ASP CA  HA   sing N N 60  
ASP C   O    doub N N 61  
ASP C   OXT  sing N N 62  
ASP CB  CG   sing N N 63  
ASP CB  HB2  sing N N 64  
ASP CB  HB3  sing N N 65  
ASP CG  OD1  doub N N 66  
ASP CG  OD2  sing N N 67  
ASP OD2 HD2  sing N N 68  
ASP OXT HXT  sing N N 69  
CYS N   CA   sing N N 70  
CYS N   H    sing N N 71  
CYS N   H2   sing N N 72  
CYS CA  C    sing N N 73  
CYS CA  CB   sing N N 74  
CYS CA  HA   sing N N 75  
CYS C   O    doub N N 76  
CYS C   OXT  sing N N 77  
CYS CB  SG   sing N N 78  
CYS CB  HB2  sing N N 79  
CYS CB  HB3  sing N N 80  
CYS SG  HG   sing N N 81  
CYS OXT HXT  sing N N 82  
GLN N   CA   sing N N 83  
GLN N   H    sing N N 84  
GLN N   H2   sing N N 85  
GLN CA  C    sing N N 86  
GLN CA  CB   sing N N 87  
GLN CA  HA   sing N N 88  
GLN C   O    doub N N 89  
GLN C   OXT  sing N N 90  
GLN CB  CG   sing N N 91  
GLN CB  HB2  sing N N 92  
GLN CB  HB3  sing N N 93  
GLN CG  CD   sing N N 94  
GLN CG  HG2  sing N N 95  
GLN CG  HG3  sing N N 96  
GLN CD  OE1  doub N N 97  
GLN CD  NE2  sing N N 98  
GLN NE2 HE21 sing N N 99  
GLN NE2 HE22 sing N N 100 
GLN OXT HXT  sing N N 101 
GLU N   CA   sing N N 102 
GLU N   H    sing N N 103 
GLU N   H2   sing N N 104 
GLU CA  C    sing N N 105 
GLU CA  CB   sing N N 106 
GLU CA  HA   sing N N 107 
GLU C   O    doub N N 108 
GLU C   OXT  sing N N 109 
GLU CB  CG   sing N N 110 
GLU CB  HB2  sing N N 111 
GLU CB  HB3  sing N N 112 
GLU CG  CD   sing N N 113 
GLU CG  HG2  sing N N 114 
GLU CG  HG3  sing N N 115 
GLU CD  OE1  doub N N 116 
GLU CD  OE2  sing N N 117 
GLU OE2 HE2  sing N N 118 
GLU OXT HXT  sing N N 119 
GLY N   CA   sing N N 120 
GLY N   H    sing N N 121 
GLY N   H2   sing N N 122 
GLY CA  C    sing N N 123 
GLY CA  HA2  sing N N 124 
GLY CA  HA3  sing N N 125 
GLY C   O    doub N N 126 
GLY C   OXT  sing N N 127 
GLY OXT HXT  sing N N 128 
HOH O   H1   sing N N 129 
HOH O   H2   sing N N 130 
ILE N   CA   sing N N 131 
ILE N   H    sing N N 132 
ILE N   H2   sing N N 133 
ILE CA  C    sing N N 134 
ILE CA  CB   sing N N 135 
ILE CA  HA   sing N N 136 
ILE C   O    doub N N 137 
ILE C   OXT  sing N N 138 
ILE CB  CG1  sing N N 139 
ILE CB  CG2  sing N N 140 
ILE CB  HB   sing N N 141 
ILE CG1 CD1  sing N N 142 
ILE CG1 HG12 sing N N 143 
ILE CG1 HG13 sing N N 144 
ILE CG2 HG21 sing N N 145 
ILE CG2 HG22 sing N N 146 
ILE CG2 HG23 sing N N 147 
ILE CD1 HD11 sing N N 148 
ILE CD1 HD12 sing N N 149 
ILE CD1 HD13 sing N N 150 
ILE OXT HXT  sing N N 151 
LEU N   CA   sing N N 152 
LEU N   H    sing N N 153 
LEU N   H2   sing N N 154 
LEU CA  C    sing N N 155 
LEU CA  CB   sing N N 156 
LEU CA  HA   sing N N 157 
LEU C   O    doub N N 158 
LEU C   OXT  sing N N 159 
LEU CB  CG   sing N N 160 
LEU CB  HB2  sing N N 161 
LEU CB  HB3  sing N N 162 
LEU CG  CD1  sing N N 163 
LEU CG  CD2  sing N N 164 
LEU CG  HG   sing N N 165 
LEU CD1 HD11 sing N N 166 
LEU CD1 HD12 sing N N 167 
LEU CD1 HD13 sing N N 168 
LEU CD2 HD21 sing N N 169 
LEU CD2 HD22 sing N N 170 
LEU CD2 HD23 sing N N 171 
LEU OXT HXT  sing N N 172 
LYS N   CA   sing N N 173 
LYS N   H    sing N N 174 
LYS N   H2   sing N N 175 
LYS CA  C    sing N N 176 
LYS CA  CB   sing N N 177 
LYS CA  HA   sing N N 178 
LYS C   O    doub N N 179 
LYS C   OXT  sing N N 180 
LYS CB  CG   sing N N 181 
LYS CB  HB2  sing N N 182 
LYS CB  HB3  sing N N 183 
LYS CG  CD   sing N N 184 
LYS CG  HG2  sing N N 185 
LYS CG  HG3  sing N N 186 
LYS CD  CE   sing N N 187 
LYS CD  HD2  sing N N 188 
LYS CD  HD3  sing N N 189 
LYS CE  NZ   sing N N 190 
LYS CE  HE2  sing N N 191 
LYS CE  HE3  sing N N 192 
LYS NZ  HZ1  sing N N 193 
LYS NZ  HZ2  sing N N 194 
LYS NZ  HZ3  sing N N 195 
LYS OXT HXT  sing N N 196 
MET N   CA   sing N N 197 
MET N   H    sing N N 198 
MET N   H2   sing N N 199 
MET CA  C    sing N N 200 
MET CA  CB   sing N N 201 
MET CA  HA   sing N N 202 
MET C   O    doub N N 203 
MET C   OXT  sing N N 204 
MET CB  CG   sing N N 205 
MET CB  HB2  sing N N 206 
MET CB  HB3  sing N N 207 
MET CG  SD   sing N N 208 
MET CG  HG2  sing N N 209 
MET CG  HG3  sing N N 210 
MET SD  CE   sing N N 211 
MET CE  HE1  sing N N 212 
MET CE  HE2  sing N N 213 
MET CE  HE3  sing N N 214 
MET OXT HXT  sing N N 215 
PHE N   CA   sing N N 216 
PHE N   H    sing N N 217 
PHE N   H2   sing N N 218 
PHE CA  C    sing N N 219 
PHE CA  CB   sing N N 220 
PHE CA  HA   sing N N 221 
PHE C   O    doub N N 222 
PHE C   OXT  sing N N 223 
PHE CB  CG   sing N N 224 
PHE CB  HB2  sing N N 225 
PHE CB  HB3  sing N N 226 
PHE CG  CD1  doub Y N 227 
PHE CG  CD2  sing Y N 228 
PHE CD1 CE1  sing Y N 229 
PHE CD1 HD1  sing N N 230 
PHE CD2 CE2  doub Y N 231 
PHE CD2 HD2  sing N N 232 
PHE CE1 CZ   doub Y N 233 
PHE CE1 HE1  sing N N 234 
PHE CE2 CZ   sing Y N 235 
PHE CE2 HE2  sing N N 236 
PHE CZ  HZ   sing N N 237 
PHE OXT HXT  sing N N 238 
PRO N   CA   sing N N 239 
PRO N   CD   sing N N 240 
PRO N   H    sing N N 241 
PRO CA  C    sing N N 242 
PRO CA  CB   sing N N 243 
PRO CA  HA   sing N N 244 
PRO C   O    doub N N 245 
PRO C   OXT  sing N N 246 
PRO CB  CG   sing N N 247 
PRO CB  HB2  sing N N 248 
PRO CB  HB3  sing N N 249 
PRO CG  CD   sing N N 250 
PRO CG  HG2  sing N N 251 
PRO CG  HG3  sing N N 252 
PRO CD  HD2  sing N N 253 
PRO CD  HD3  sing N N 254 
PRO OXT HXT  sing N N 255 
SER N   CA   sing N N 256 
SER N   H    sing N N 257 
SER N   H2   sing N N 258 
SER CA  C    sing N N 259 
SER CA  CB   sing N N 260 
SER CA  HA   sing N N 261 
SER C   O    doub N N 262 
SER C   OXT  sing N N 263 
SER CB  OG   sing N N 264 
SER CB  HB2  sing N N 265 
SER CB  HB3  sing N N 266 
SER OG  HG   sing N N 267 
SER OXT HXT  sing N N 268 
THR N   CA   sing N N 269 
THR N   H    sing N N 270 
THR N   H2   sing N N 271 
THR CA  C    sing N N 272 
THR CA  CB   sing N N 273 
THR CA  HA   sing N N 274 
THR C   O    doub N N 275 
THR C   OXT  sing N N 276 
THR CB  OG1  sing N N 277 
THR CB  CG2  sing N N 278 
THR CB  HB   sing N N 279 
THR OG1 HG1  sing N N 280 
THR CG2 HG21 sing N N 281 
THR CG2 HG22 sing N N 282 
THR CG2 HG23 sing N N 283 
THR OXT HXT  sing N N 284 
TYR N   CA   sing N N 285 
TYR N   H    sing N N 286 
TYR N   H2   sing N N 287 
TYR CA  C    sing N N 288 
TYR CA  CB   sing N N 289 
TYR CA  HA   sing N N 290 
TYR C   O    doub N N 291 
TYR C   OXT  sing N N 292 
TYR CB  CG   sing N N 293 
TYR CB  HB2  sing N N 294 
TYR CB  HB3  sing N N 295 
TYR CG  CD1  doub Y N 296 
TYR CG  CD2  sing Y N 297 
TYR CD1 CE1  sing Y N 298 
TYR CD1 HD1  sing N N 299 
TYR CD2 CE2  doub Y N 300 
TYR CD2 HD2  sing N N 301 
TYR CE1 CZ   doub Y N 302 
TYR CE1 HE1  sing N N 303 
TYR CE2 CZ   sing Y N 304 
TYR CE2 HE2  sing N N 305 
TYR CZ  OH   sing N N 306 
TYR OH  HH   sing N N 307 
TYR OXT HXT  sing N N 308 
VAL N   CA   sing N N 309 
VAL N   H    sing N N 310 
VAL N   H2   sing N N 311 
VAL CA  C    sing N N 312 
VAL CA  CB   sing N N 313 
VAL CA  HA   sing N N 314 
VAL C   O    doub N N 315 
VAL C   OXT  sing N N 316 
VAL CB  CG1  sing N N 317 
VAL CB  CG2  sing N N 318 
VAL CB  HB   sing N N 319 
VAL CG1 HG11 sing N N 320 
VAL CG1 HG12 sing N N 321 
VAL CG1 HG13 sing N N 322 
VAL CG2 HG21 sing N N 323 
VAL CG2 HG22 sing N N 324 
VAL CG2 HG23 sing N N 325 
VAL OXT HXT  sing N N 326 
# 
loop_
_pdbx_reflns_twin.domain_id 
_pdbx_reflns_twin.crystal_id 
_pdbx_reflns_twin.diffrn_id 
_pdbx_reflns_twin.type 
_pdbx_reflns_twin.operator 
_pdbx_reflns_twin.fraction 
1 1 1 ? 'H, K, L' 0.601 
2 1 1 ? h+k,-k,-l 0.399 
# 
_atom_sites.entry_id                    3PGG 
_atom_sites.fract_transf_matrix[1][1]   -0.00550502 
_atom_sites.fract_transf_matrix[1][2]   0.00757829 
_atom_sites.fract_transf_matrix[1][3]   -0.00652283 
_atom_sites.fract_transf_matrix[2][1]   -0.00402477 
_atom_sites.fract_transf_matrix[2][2]   0.00963657 
_atom_sites.fract_transf_matrix[2][3]   0.00460620 
_atom_sites.fract_transf_matrix[3][1]   0.01765059 
_atom_sites.fract_transf_matrix[3][2]   0.00931776 
_atom_sites.fract_transf_matrix[3][3]   -0.00407096 
_atom_sites.fract_transf_vector[1]      0.483904 
_atom_sites.fract_transf_vector[2]      0.240246 
_atom_sites.fract_transf_vector[3]      0.085262 
# 
loop_
_atom_type.symbol 
C 
N 
O 
S 
# 
loop_
_atom_site.group_PDB 
_atom_site.id 
_atom_site.type_symbol 
_atom_site.label_atom_id 
_atom_site.label_alt_id 
_atom_site.label_comp_id 
_atom_site.label_asym_id 
_atom_site.label_entity_id 
_atom_site.label_seq_id 
_atom_site.pdbx_PDB_ins_code 
_atom_site.Cartn_x 
_atom_site.Cartn_y 
_atom_site.Cartn_z 
_atom_site.occupancy 
_atom_site.B_iso_or_equiv 
_atom_site.pdbx_formal_charge 
_atom_site.auth_seq_id 
_atom_site.auth_comp_id 
_atom_site.auth_asym_id 
_atom_site.auth_atom_id 
_atom_site.pdbx_PDB_model_num 
ATOM   1    N N   . ASN A 1 25  ? -5.545  -19.217 3.740   1.00 71.74 ? 25  ASN A N   1 
ATOM   2    C CA  . ASN A 1 25  ? -5.876  -17.941 4.443   1.00 70.85 ? 25  ASN A CA  1 
ATOM   3    C C   . ASN A 1 25  ? -5.876  -16.770 3.473   1.00 69.87 ? 25  ASN A C   1 
ATOM   4    O O   . ASN A 1 25  ? -4.830  -16.161 3.221   1.00 71.19 ? 25  ASN A O   1 
ATOM   5    C CB  . ASN A 1 25  ? -4.877  -17.673 5.578   1.00 70.28 ? 25  ASN A CB  1 
ATOM   6    N N   . ILE A 1 26  ? -7.042  -16.486 2.901   1.00 68.53 ? 26  ILE A N   1 
ATOM   7    C CA  . ILE A 1 26  ? -7.245  -15.280 2.113   1.00 66.46 ? 26  ILE A CA  1 
ATOM   8    C C   . ILE A 1 26  ? -7.420  -14.085 3.043   1.00 65.56 ? 26  ILE A C   1 
ATOM   9    O O   . ILE A 1 26  ? -8.252  -14.120 3.935   1.00 66.93 ? 26  ILE A O   1 
ATOM   10   C CB  . ILE A 1 26  ? -8.506  -15.400 1.220   1.00 67.76 ? 26  ILE A CB  1 
ATOM   11   C CG1 . ILE A 1 26  ? -8.193  -16.231 -0.031  1.00 66.90 ? 26  ILE A CG1 1 
ATOM   12   C CG2 . ILE A 1 26  ? -9.007  -14.020 0.810   1.00 65.34 ? 26  ILE A CG2 1 
ATOM   13   N N   . ILE A 1 27  ? -6.627  -13.035 2.851   1.00 62.26 ? 27  ILE A N   1 
ATOM   14   C CA  . ILE A 1 27  ? -6.746  -11.861 3.706   1.00 59.35 ? 27  ILE A CA  1 
ATOM   15   C C   . ILE A 1 27  ? -7.317  -10.686 2.921   1.00 56.46 ? 27  ILE A C   1 
ATOM   16   O O   . ILE A 1 27  ? -6.635  -10.125 2.070   1.00 54.88 ? 27  ILE A O   1 
ATOM   17   C CB  . ILE A 1 27  ? -5.373  -11.466 4.317   1.00 59.83 ? 27  ILE A CB  1 
ATOM   18   N N   . LEU A 1 28  ? -8.568  -10.323 3.201   1.00 53.97 ? 28  LEU A N   1 
ATOM   19   C CA  . LEU A 1 28  ? -9.151  -9.095  2.661   1.00 52.80 ? 28  LEU A CA  1 
ATOM   20   C C   . LEU A 1 28  ? -8.408  -7.822  3.108   1.00 51.56 ? 28  LEU A C   1 
ATOM   21   O O   . LEU A 1 28  ? -8.052  -7.685  4.284   1.00 51.52 ? 28  LEU A O   1 
ATOM   22   C CB  . LEU A 1 28  ? -10.633 -9.008  3.006   1.00 52.34 ? 28  LEU A CB  1 
ATOM   23   C CG  . LEU A 1 28  ? -11.458 -10.101 2.331   1.00 58.63 ? 28  LEU A CG  1 
ATOM   24   C CD1 . LEU A 1 28  ? -12.899 -10.148 2.861   1.00 58.46 ? 28  LEU A CD1 1 
ATOM   25   C CD2 . LEU A 1 28  ? -11.440 -9.925  0.798   1.00 59.67 ? 28  LEU A CD2 1 
ATOM   26   N N   . PRO A 1 29  ? -8.097  -6.918  2.154   1.00 48.61 ? 29  PRO A N   1 
ATOM   27   C CA  . PRO A 1 29  ? -7.419  -5.686  2.583   1.00 48.47 ? 29  PRO A CA  1 
ATOM   28   C C   . PRO A 1 29  ? -8.080  -5.009  3.809   1.00 50.75 ? 29  PRO A C   1 
ATOM   29   O O   . PRO A 1 29  ? -7.376  -4.560  4.692   1.00 50.89 ? 29  PRO A O   1 
ATOM   30   C CB  . PRO A 1 29  ? -7.517  -4.774  1.354   1.00 50.27 ? 29  PRO A CB  1 
ATOM   31   C CG  . PRO A 1 29  ? -7.593  -5.723  0.172   1.00 43.77 ? 29  PRO A CG  1 
ATOM   32   C CD  . PRO A 1 29  ? -8.237  -7.012  0.684   1.00 47.01 ? 29  PRO A CD  1 
ATOM   33   N N   . LEU A 1 30  ? -9.408  -4.901  3.842   1.00 49.25 ? 30  LEU A N   1 
ATOM   34   C CA  . LEU A 1 30  ? -10.075 -4.254  4.980   1.00 50.24 ? 30  LEU A CA  1 
ATOM   35   C C   . LEU A 1 30  ? -9.855  -5.009  6.293   1.00 50.49 ? 30  LEU A C   1 
ATOM   36   O O   . LEU A 1 30  ? -9.752  -4.393  7.357   1.00 49.62 ? 30  LEU A O   1 
ATOM   37   C CB  . LEU A 1 30  ? -11.571 -4.089  4.725   1.00 50.39 ? 30  LEU A CB  1 
ATOM   38   C CG  . LEU A 1 30  ? -11.965 -3.124  3.597   1.00 54.59 ? 30  LEU A CG  1 
ATOM   39   C CD1 . LEU A 1 30  ? -13.477 -2.772  3.684   1.00 50.97 ? 30  LEU A CD1 1 
ATOM   40   C CD2 . LEU A 1 30  ? -11.079 -1.864  3.645   1.00 58.10 ? 30  LEU A CD2 1 
ATOM   41   N N   . ALA A 1 31  ? -9.692  -6.330  6.204   1.00 48.90 ? 31  ALA A N   1 
ATOM   42   C CA  . ALA A 1 31  ? -9.463  -7.154  7.392   1.00 50.63 ? 31  ALA A CA  1 
ATOM   43   C C   . ALA A 1 31  ? -8.035  -7.029  7.898   1.00 50.55 ? 31  ALA A C   1 
ATOM   44   O O   . ALA A 1 31  ? -7.786  -7.049  9.097   1.00 52.40 ? 31  ALA A O   1 
ATOM   45   C CB  . ALA A 1 31  ? -9.804  -8.634  7.093   1.00 52.68 ? 31  ALA A CB  1 
ATOM   46   N N   . LEU A 1 32  ? -7.091  -6.858  6.987   1.00 50.16 ? 32  LEU A N   1 
ATOM   47   C CA  . LEU A 1 32  ? -5.763  -6.379  7.375   1.00 53.99 ? 32  LEU A CA  1 
ATOM   48   C C   . LEU A 1 32  ? -5.773  -5.035  8.149   1.00 52.54 ? 32  LEU A C   1 
ATOM   49   O O   . LEU A 1 32  ? -5.177  -4.930  9.222   1.00 52.12 ? 32  LEU A O   1 
ATOM   50   C CB  . LEU A 1 32  ? -4.818  -6.312  6.162   1.00 53.61 ? 32  LEU A CB  1 
ATOM   51   C CG  . LEU A 1 32  ? -3.434  -5.745  6.499   1.00 55.95 ? 32  LEU A CG  1 
ATOM   52   C CD1 . LEU A 1 32  ? -2.820  -6.522  7.619   1.00 62.93 ? 32  LEU A CD1 1 
ATOM   53   C CD2 . LEU A 1 32  ? -2.496  -5.690  5.314   1.00 58.98 ? 32  LEU A CD2 1 
ATOM   54   N N   . ILE A 1 33  ? -6.428  -4.007  7.612   1.00 50.38 ? 33  ILE A N   1 
ATOM   55   C CA  . ILE A 1 33  ? -6.519  -2.729  8.360   1.00 47.16 ? 33  ILE A CA  1 
ATOM   56   C C   . ILE A 1 33  ? -7.229  -2.926  9.721   1.00 48.37 ? 33  ILE A C   1 
ATOM   57   O O   . ILE A 1 33  ? -6.772  -2.430  10.756  1.00 43.75 ? 33  ILE A O   1 
ATOM   58   C CB  . ILE A 1 33  ? -7.273  -1.630  7.556   1.00 47.23 ? 33  ILE A CB  1 
ATOM   59   C CG1 . ILE A 1 33  ? -6.587  -1.380  6.200   1.00 47.89 ? 33  ILE A CG1 1 
ATOM   60   C CG2 . ILE A 1 33  ? -7.299  -0.335  8.346   1.00 40.96 ? 33  ILE A CG2 1 
ATOM   61   C CD1 . ILE A 1 33  ? -7.360  -0.436  5.282   1.00 40.66 ? 33  ILE A CD1 1 
ATOM   62   N N   . ASP A 1 34  ? -8.388  -3.587  9.697   1.00 49.26 ? 34  ASP A N   1 
ATOM   63   C CA  . ASP A 1 34  ? -9.126  -3.818  10.919  1.00 50.08 ? 34  ASP A CA  1 
ATOM   64   C C   . ASP A 1 34  ? -8.232  -4.387  12.037  1.00 49.80 ? 34  ASP A C   1 
ATOM   65   O O   . ASP A 1 34  ? -8.212  -3.850  13.132  1.00 46.45 ? 34  ASP A O   1 
ATOM   66   C CB  . ASP A 1 34  ? -10.335 -4.706  10.665  1.00 51.24 ? 34  ASP A CB  1 
ATOM   67   C CG  . ASP A 1 34  ? -11.193 -4.883  11.907  1.00 59.64 ? 34  ASP A CG  1 
ATOM   68   O OD1 . ASP A 1 34  ? -12.005 -3.972  12.216  1.00 57.27 ? 34  ASP A OD1 1 
ATOM   69   O OD2 . ASP A 1 34  ? -11.002 -5.902  12.605  1.00 63.75 ? 34  ASP A OD2 1 
ATOM   70   N N   . LYS A 1 35  ? -7.416  -5.394  11.727  1.00 47.35 ? 35  LYS A N   1 
ATOM   71   C CA  . LYS A 1 35  ? -6.441  -5.890  12.718  1.00 52.05 ? 35  LYS A CA  1 
ATOM   72   C C   . LYS A 1 35  ? -5.478  -4.829  13.307  1.00 53.06 ? 35  LYS A C   1 
ATOM   73   O O   . LYS A 1 35  ? -4.875  -5.042  14.368  1.00 52.27 ? 35  LYS A O   1 
ATOM   74   C CB  . LYS A 1 35  ? -5.632  -7.049  12.139  1.00 52.13 ? 35  LYS A CB  1 
ATOM   75   N N   . CYS A 1 36  ? -5.254  -3.731  12.579  1.00 52.24 ? 36  CYS A N   1 
ATOM   76   C CA  . CYS A 1 36  ? -4.292  -2.713  13.031  1.00 49.75 ? 36  CYS A CA  1 
ATOM   77   C C   . CYS A 1 36  ? -4.914  -1.683  13.996  1.00 47.03 ? 36  CYS A C   1 
ATOM   78   O O   . CYS A 1 36  ? -4.252  -0.747  14.418  1.00 46.47 ? 36  CYS A O   1 
ATOM   79   C CB  . CYS A 1 36  ? -3.675  -1.990  11.825  1.00 50.82 ? 36  CYS A CB  1 
ATOM   80   S SG  . CYS A 1 36  ? -2.822  -3.062  10.608  1.00 53.58 ? 36  CYS A SG  1 
ATOM   81   N N   . ILE A 1 37  ? -6.222  -1.755  14.194  1.00 48.00 ? 37  ILE A N   1 
ATOM   82   C CA  . ILE A 1 37  ? -6.903  -0.777  15.049  1.00 49.33 ? 37  ILE A CA  1 
ATOM   83   C C   . ILE A 1 37  ? -6.286  -0.714  16.475  1.00 50.66 ? 37  ILE A C   1 
ATOM   84   O O   . ILE A 1 37  ? -6.087  -1.743  17.103  1.00 49.73 ? 37  ILE A O   1 
ATOM   85   C CB  . ILE A 1 37  ? -8.411  -1.049  15.105  1.00 51.34 ? 37  ILE A CB  1 
ATOM   86   C CG1 . ILE A 1 37  ? -9.123  -0.333  13.927  1.00 51.50 ? 37  ILE A CG1 1 
ATOM   87   C CG2 . ILE A 1 37  ? -8.986  -0.603  16.458  1.00 55.34 ? 37  ILE A CG2 1 
ATOM   88   N N   . GLY A 1 38  ? -5.831  0.477   16.878  1.00 48.21 ? 38  GLY A N   1 
ATOM   89   C CA  . GLY A 1 38  ? -5.139  0.667   18.144  1.00 50.82 ? 38  GLY A CA  1 
ATOM   90   C C   . GLY A 1 38  ? -3.638  0.423   18.087  1.00 50.31 ? 38  GLY A C   1 
ATOM   91   O O   . GLY A 1 38  ? -2.935  0.608   19.079  1.00 49.51 ? 38  GLY A O   1 
ATOM   92   N N   . ASN A 1 39  ? -3.128  0.093   16.907  1.00 48.25 ? 39  ASN A N   1 
ATOM   93   C CA  . ASN A 1 39  ? -1.706  -0.092  16.742  1.00 48.14 ? 39  ASN A CA  1 
ATOM   94   C C   . ASN A 1 39  ? -1.115  0.976   15.823  1.00 47.44 ? 39  ASN A C   1 
ATOM   95   O O   . ASN A 1 39  ? -1.825  1.632   15.034  1.00 47.84 ? 39  ASN A O   1 
ATOM   96   C CB  . ASN A 1 39  ? -1.398  -1.497  16.198  1.00 51.60 ? 39  ASN A CB  1 
ATOM   97   C CG  . ASN A 1 39  ? -1.835  -2.629  17.172  1.00 56.64 ? 39  ASN A CG  1 
ATOM   98   O OD1 . ASN A 1 39  ? -1.920  -2.428  18.387  1.00 55.39 ? 39  ASN A OD1 1 
ATOM   99   N ND2 . ASN A 1 39  ? -2.193  -3.780  16.614  1.00 56.92 ? 39  ASN A ND2 1 
ATOM   100  N N   . ARG A 1 40  ? 0.195   1.089   15.876  1.00 47.10 ? 40  ARG A N   1 
ATOM   101  C CA  . ARG A 1 40  ? 0.934   1.997   15.014  1.00 48.54 ? 40  ARG A CA  1 
ATOM   102  C C   . ARG A 1 40  ? 0.984   1.418   13.619  1.00 47.53 ? 40  ARG A C   1 
ATOM   103  O O   . ARG A 1 40  ? 1.376   0.285   13.438  1.00 49.43 ? 40  ARG A O   1 
ATOM   104  C CB  . ARG A 1 40  ? 2.363   2.199   15.535  1.00 47.01 ? 40  ARG A CB  1 
ATOM   105  C CG  . ARG A 1 40  ? 3.161   3.287   14.794  1.00 48.44 ? 40  ARG A CG  1 
ATOM   106  C CD  . ARG A 1 40  ? 4.248   3.928   15.703  1.00 49.15 ? 40  ARG A CD  1 
ATOM   107  N NE  . ARG A 1 40  ? 3.702   4.835   16.716  1.00 38.77 ? 40  ARG A NE  1 
ATOM   108  C CZ  . ARG A 1 40  ? 3.321   6.089   16.493  1.00 41.49 ? 40  ARG A CZ  1 
ATOM   109  N NH1 . ARG A 1 40  ? 2.939   6.831   17.509  1.00 41.92 ? 40  ARG A NH1 1 
ATOM   110  N NH2 . ARG A 1 40  ? 3.425   6.641   15.271  1.00 44.00 ? 40  ARG A NH2 1 
ATOM   111  N N   . ILE A 1 41  ? 0.687   2.241   12.622  1.00 48.58 ? 41  ILE A N   1 
ATOM   112  C CA  . ILE A 1 41  ? 0.940   1.821   11.230  1.00 47.78 ? 41  ILE A CA  1 
ATOM   113  C C   . ILE A 1 41  ? 1.733   2.865   10.503  1.00 47.71 ? 41  ILE A C   1 
ATOM   114  O O   . ILE A 1 41  ? 1.872   3.989   10.985  1.00 45.65 ? 41  ILE A O   1 
ATOM   115  C CB  . ILE A 1 41  ? -0.344  1.607   10.487  1.00 43.18 ? 41  ILE A CB  1 
ATOM   116  C CG1 . ILE A 1 41  ? -1.114  2.925   10.359  1.00 44.99 ? 41  ILE A CG1 1 
ATOM   117  C CG2 . ILE A 1 41  ? -1.192  0.559   11.226  1.00 44.71 ? 41  ILE A CG2 1 
ATOM   118  C CD1 . ILE A 1 41  ? -2.397  2.767   9.498   1.00 43.63 ? 41  ILE A CD1 1 
ATOM   119  N N   . TYR A 1 42  ? 2.204   2.504   9.315   1.00 47.20 ? 42  TYR A N   1 
ATOM   120  C CA  . TYR A 1 42  ? 2.910   3.433   8.485   1.00 47.46 ? 42  TYR A CA  1 
ATOM   121  C C   . TYR A 1 42  ? 2.175   3.644   7.162   1.00 46.77 ? 42  TYR A C   1 
ATOM   122  O O   . TYR A 1 42  ? 1.784   2.689   6.486   1.00 44.96 ? 42  TYR A O   1 
ATOM   123  C CB  . TYR A 1 42  ? 4.348   2.959   8.254   1.00 49.27 ? 42  TYR A CB  1 
ATOM   124  C CG  . TYR A 1 42  ? 5.289   4.084   7.868   1.00 52.48 ? 42  TYR A CG  1 
ATOM   125  C CD1 . TYR A 1 42  ? 5.845   4.912   8.838   1.00 51.89 ? 42  TYR A CD1 1 
ATOM   126  C CD2 . TYR A 1 42  ? 5.573   4.354   6.525   1.00 55.14 ? 42  TYR A CD2 1 
ATOM   127  C CE1 . TYR A 1 42  ? 6.667   5.973   8.494   1.00 53.85 ? 42  TYR A CE1 1 
ATOM   128  C CE2 . TYR A 1 42  ? 6.414   5.397   6.164   1.00 55.24 ? 42  TYR A CE2 1 
ATOM   129  C CZ  . TYR A 1 42  ? 6.970   6.199   7.158   1.00 60.23 ? 42  TYR A CZ  1 
ATOM   130  O OH  . TYR A 1 42  ? 7.782   7.255   6.816   1.00 55.33 ? 42  TYR A OH  1 
ATOM   131  N N   . VAL A 1 43  ? 1.898   4.900   6.850   1.00 43.51 ? 43  VAL A N   1 
ATOM   132  C CA  . VAL A 1 43  ? 1.023   5.209   5.718   1.00 44.49 ? 43  VAL A CA  1 
ATOM   133  C C   . VAL A 1 43  ? 1.807   6.081   4.730   1.00 46.48 ? 43  VAL A C   1 
ATOM   134  O O   . VAL A 1 43  ? 2.334   7.121   5.126   1.00 45.50 ? 43  VAL A O   1 
ATOM   135  C CB  . VAL A 1 43  ? -0.201  6.028   6.149   1.00 41.10 ? 43  VAL A CB  1 
ATOM   136  C CG1 . VAL A 1 43  ? -1.153  6.264   4.908   1.00 41.00 ? 43  VAL A CG1 1 
ATOM   137  C CG2 . VAL A 1 43  ? -0.961  5.301   7.260   1.00 41.91 ? 43  VAL A CG2 1 
ATOM   138  N N   . VAL A 1 44  ? 1.985   5.588   3.506   1.00 47.31 ? 44  VAL A N   1 
ATOM   139  C CA  . VAL A 1 44  ? 2.609   6.372   2.416   1.00 50.14 ? 44  VAL A CA  1 
ATOM   140  C C   . VAL A 1 44  ? 1.505   6.987   1.555   1.00 50.11 ? 44  VAL A C   1 
ATOM   141  O O   . VAL A 1 44  ? 0.693   6.264   0.983   1.00 52.86 ? 44  VAL A O   1 
ATOM   142  C CB  . VAL A 1 44  ? 3.516   5.470   1.511   1.00 52.35 ? 44  VAL A CB  1 
ATOM   143  C CG1 . VAL A 1 44  ? 4.142   6.306   0.381   1.00 53.37 ? 44  VAL A CG1 1 
ATOM   144  C CG2 . VAL A 1 44  ? 4.632   4.785   2.350   1.00 56.77 ? 44  VAL A CG2 1 
ATOM   145  N N   . MET A 1 45  ? 1.371   8.309   1.593   1.00 51.15 ? 45  MET A N   1 
ATOM   146  C CA  . MET A 1 45  ? 0.309   9.006   0.845   1.00 51.54 ? 45  MET A CA  1 
ATOM   147  C C   . MET A 1 45  ? 0.825   9.253   -0.570  1.00 55.44 ? 45  MET A C   1 
ATOM   148  O O   . MET A 1 45  ? 2.025   9.131   -0.806  1.00 54.54 ? 45  MET A O   1 
ATOM   149  C CB  . MET A 1 45  ? -0.011  10.370  1.491   1.00 52.20 ? 45  MET A CB  1 
ATOM   150  C CG  . MET A 1 45  ? -0.467  10.296  2.941   1.00 47.81 ? 45  MET A CG  1 
ATOM   151  S SD  . MET A 1 45  ? -2.032  9.434   3.073   1.00 51.16 ? 45  MET A SD  1 
ATOM   152  C CE  . MET A 1 45  ? -3.151  10.621  2.336   1.00 53.72 ? 45  MET A CE  1 
ATOM   153  N N   . LYS A 1 46  ? -0.067  9.648   -1.490  1.00 56.05 ? 46  LYS A N   1 
ATOM   154  C CA  . LYS A 1 46  ? 0.371   10.268  -2.753  1.00 59.27 ? 46  LYS A CA  1 
ATOM   155  C C   . LYS A 1 46  ? 1.126   11.568  -2.482  1.00 59.45 ? 46  LYS A C   1 
ATOM   156  O O   . LYS A 1 46  ? 0.706   12.358  -1.654  1.00 59.34 ? 46  LYS A O   1 
ATOM   157  C CB  . LYS A 1 46  ? -0.829  10.572  -3.659  1.00 57.41 ? 46  LYS A CB  1 
ATOM   158  C CG  . LYS A 1 46  ? -1.413  9.371   -4.353  1.00 55.97 ? 46  LYS A CG  1 
ATOM   159  C CD  . LYS A 1 46  ? -2.869  9.673   -4.771  1.00 59.63 ? 46  LYS A CD  1 
ATOM   160  C CE  . LYS A 1 46  ? -3.112  9.342   -6.242  1.00 59.98 ? 46  LYS A CE  1 
ATOM   161  N NZ  . LYS A 1 46  ? -4.517  8.883   -6.492  1.00 67.15 ? 46  LYS A NZ  1 
ATOM   162  N N   . GLY A 1 47  ? 2.205   11.815  -3.221  1.00 61.77 ? 47  GLY A N   1 
ATOM   163  C CA  . GLY A 1 47  ? 2.860   13.133  -3.181  1.00 63.62 ? 47  GLY A CA  1 
ATOM   164  C C   . GLY A 1 47  ? 4.038   13.214  -2.217  1.00 64.60 ? 47  GLY A C   1 
ATOM   165  O O   . GLY A 1 47  ? 4.502   14.315  -1.874  1.00 67.20 ? 47  GLY A O   1 
ATOM   166  N N   . ASP A 1 48  ? 4.569   12.049  -1.860  1.00 63.64 ? 48  ASP A N   1 
ATOM   167  C CA  . ASP A 1 48  ? 5.703   11.920  -0.949  1.00 64.67 ? 48  ASP A CA  1 
ATOM   168  C C   . ASP A 1 48  ? 5.513   12.518  0.465   1.00 63.04 ? 48  ASP A C   1 
ATOM   169  O O   . ASP A 1 48  ? 6.475   13.006  1.098   1.00 64.80 ? 48  ASP A O   1 
ATOM   170  C CB  . ASP A 1 48  ? 7.004   12.385  -1.626  1.00 66.71 ? 48  ASP A CB  1 
ATOM   171  C CG  . ASP A 1 48  ? 7.342   11.554  -2.859  1.00 69.41 ? 48  ASP A CG  1 
ATOM   172  O OD1 . ASP A 1 48  ? 7.737   10.376  -2.700  1.00 71.77 ? 48  ASP A OD1 1 
ATOM   173  O OD2 . ASP A 1 48  ? 7.134   12.044  -3.990  1.00 75.45 ? 48  ASP A OD2 1 
ATOM   174  N N   . LYS A 1 49  ? 4.282   12.459  0.971   1.00 57.46 ? 49  LYS A N   1 
ATOM   175  C CA  . LYS A 1 49  ? 4.063   12.580  2.409   1.00 53.89 ? 49  LYS A CA  1 
ATOM   176  C C   . LYS A 1 49  ? 3.873   11.195  3.037   1.00 52.05 ? 49  LYS A C   1 
ATOM   177  O O   . LYS A 1 49  ? 3.337   10.293  2.401   1.00 50.43 ? 49  LYS A O   1 
ATOM   178  C CB  . LYS A 1 49  ? 2.885   13.502  2.713   1.00 53.09 ? 49  LYS A CB  1 
ATOM   179  C CG  . LYS A 1 49  ? 3.081   14.973  2.255   1.00 50.97 ? 49  LYS A CG  1 
ATOM   180  C CD  . LYS A 1 49  ? 1.745   15.713  2.298   1.00 57.16 ? 49  LYS A CD  1 
ATOM   181  C CE  . LYS A 1 49  ? 1.796   17.046  1.547   1.00 60.79 ? 49  LYS A CE  1 
ATOM   182  N NZ  . LYS A 1 49  ? 1.911   18.176  2.511   1.00 54.22 ? 49  LYS A NZ  1 
ATOM   183  N N   . GLU A 1 50  ? 4.495   10.983  4.192   1.00 49.22 ? 50  GLU A N   1 
ATOM   184  C CA  . GLU A 1 50  ? 4.440   9.704   4.879   1.00 48.17 ? 50  GLU A CA  1 
ATOM   185  C C   . GLU A 1 50  ? 4.172   9.958   6.362   1.00 49.95 ? 50  GLU A C   1 
ATOM   186  O O   . GLU A 1 50  ? 4.552   11.016  6.884   1.00 50.28 ? 50  GLU A O   1 
ATOM   187  C CB  . GLU A 1 50  ? 5.744   8.937   4.686   1.00 49.29 ? 50  GLU A CB  1 
ATOM   188  C CG  . GLU A 1 50  ? 6.232   8.874   3.224   1.00 52.21 ? 50  GLU A CG  1 
ATOM   189  C CD  . GLU A 1 50  ? 7.396   7.926   3.026   1.00 55.98 ? 50  GLU A CD  1 
ATOM   190  O OE1 . GLU A 1 50  ? 8.076   7.568   4.014   1.00 62.84 ? 50  GLU A OE1 1 
ATOM   191  O OE2 . GLU A 1 50  ? 7.690   7.598   1.868   1.00 65.58 ? 50  GLU A OE2 1 
ATOM   192  N N   . PHE A 1 51  ? 3.397   9.064   6.988   1.00 46.26 ? 51  PHE A N   1 
ATOM   193  C CA  . PHE A 1 51  ? 2.814   9.300   8.317   1.00 45.61 ? 51  PHE A CA  1 
ATOM   194  C C   . PHE A 1 51  ? 2.931   7.997   9.110   1.00 44.28 ? 51  PHE A C   1 
ATOM   195  O O   . PHE A 1 51  ? 2.497   6.931   8.631   1.00 42.60 ? 51  PHE A O   1 
ATOM   196  C CB  . PHE A 1 51  ? 1.329   9.669   8.228   1.00 42.03 ? 51  PHE A CB  1 
ATOM   197  C CG  . PHE A 1 51  ? 1.062   11.004  7.586   1.00 46.95 ? 51  PHE A CG  1 
ATOM   198  C CD1 . PHE A 1 51  ? 0.795   11.096  6.222   1.00 41.21 ? 51  PHE A CD1 1 
ATOM   199  C CD2 . PHE A 1 51  ? 1.096   12.163  8.328   1.00 45.89 ? 51  PHE A CD2 1 
ATOM   200  C CE1 . PHE A 1 51  ? 0.654   12.342  5.605   1.00 47.57 ? 51  PHE A CE1 1 
ATOM   201  C CE2 . PHE A 1 51  ? 0.962   13.414  7.711   1.00 49.32 ? 51  PHE A CE2 1 
ATOM   202  C CZ  . PHE A 1 51  ? 0.653   13.495  6.372   1.00 47.32 ? 51  PHE A CZ  1 
ATOM   203  N N   . SER A 1 52  ? 3.609   8.065   10.249  1.00 43.89 ? 52  SER A N   1 
ATOM   204  C CA  . SER A 1 52  ? 3.543   7.013   11.289  1.00 43.37 ? 52  SER A CA  1 
ATOM   205  C C   . SER A 1 52  ? 2.546   7.414   12.355  1.00 42.20 ? 52  SER A C   1 
ATOM   206  O O   . SER A 1 52  ? 2.661   8.480   12.942  1.00 43.54 ? 52  SER A O   1 
ATOM   207  C CB  . SER A 1 52  ? 4.888   6.835   11.979  1.00 43.20 ? 52  SER A CB  1 
ATOM   208  O OG  . SER A 1 52  ? 4.726   6.066   13.187  1.00 45.33 ? 52  SER A OG  1 
ATOM   209  N N   . GLY A 1 53  ? 1.630   6.527   12.698  1.00 41.89 ? 53  GLY A N   1 
ATOM   210  C CA  . GLY A 1 53  ? 0.613   6.935   13.647  1.00 43.41 ? 53  GLY A CA  1 
ATOM   211  C C   . GLY A 1 53  ? -0.210  5.774   14.100  1.00 41.42 ? 53  GLY A C   1 
ATOM   212  O O   . GLY A 1 53  ? -0.092  4.709   13.554  1.00 42.01 ? 53  GLY A O   1 
ATOM   213  N N   . VAL A 1 54  ? -0.991  5.981   15.159  1.00 40.64 ? 54  VAL A N   1 
ATOM   214  C CA  . VAL A 1 54  ? -1.790  4.919   15.760  1.00 38.97 ? 54  VAL A CA  1 
ATOM   215  C C   . VAL A 1 54  ? -3.181  4.885   15.121  1.00 38.96 ? 54  VAL A C   1 
ATOM   216  O O   . VAL A 1 54  ? -3.905  5.869   15.106  1.00 37.81 ? 54  VAL A O   1 
ATOM   217  C CB  . VAL A 1 54  ? -1.881  5.080   17.331  1.00 40.00 ? 54  VAL A CB  1 
ATOM   218  C CG1 . VAL A 1 54  ? -2.828  4.020   17.944  1.00 43.12 ? 54  VAL A CG1 1 
ATOM   219  C CG2 . VAL A 1 54  ? -0.477  4.938   17.973  1.00 45.33 ? 54  VAL A CG2 1 
ATOM   220  N N   . LEU A 1 55  ? -3.544  3.761   14.533  1.00 39.29 ? 55  LEU A N   1 
ATOM   221  C CA  . LEU A 1 55  ? -4.801  3.720   13.791  1.00 38.67 ? 55  LEU A CA  1 
ATOM   222  C C   . LEU A 1 55  ? -5.976  3.661   14.762  1.00 38.06 ? 55  LEU A C   1 
ATOM   223  O O   . LEU A 1 55  ? -5.998  2.812   15.660  1.00 38.64 ? 55  LEU A O   1 
ATOM   224  C CB  . LEU A 1 55  ? -4.851  2.513   12.843  1.00 34.32 ? 55  LEU A CB  1 
ATOM   225  C CG  . LEU A 1 55  ? -6.187  2.410   12.075  1.00 37.88 ? 55  LEU A CG  1 
ATOM   226  C CD1 . LEU A 1 55  ? -6.353  3.555   11.076  1.00 33.52 ? 55  LEU A CD1 1 
ATOM   227  C CD2 . LEU A 1 55  ? -6.314  1.070   11.343  1.00 38.45 ? 55  LEU A CD2 1 
ATOM   228  N N   . ARG A 1 56  ? -6.924  4.579   14.586  1.00 36.99 ? 56  ARG A N   1 
ATOM   229  C CA  . ARG A 1 56  ? -8.037  4.734   15.498  1.00 36.93 ? 56  ARG A CA  1 
ATOM   230  C C   . ARG A 1 56  ? -9.333  4.221   14.878  1.00 39.10 ? 56  ARG A C   1 
ATOM   231  O O   . ARG A 1 56  ? -10.245 3.833   15.612  1.00 40.76 ? 56  ARG A O   1 
ATOM   232  C CB  . ARG A 1 56  ? -8.200  6.209   15.909  1.00 35.97 ? 56  ARG A CB  1 
ATOM   233  C CG  . ARG A 1 56  ? -7.016  6.778   16.779  1.00 37.16 ? 56  ARG A CG  1 
ATOM   234  C CD  . ARG A 1 56  ? -6.630  5.857   17.992  1.00 32.92 ? 56  ARG A CD  1 
ATOM   235  N NE  . ARG A 1 56  ? -7.832  5.361   18.699  1.00 38.37 ? 56  ARG A NE  1 
ATOM   236  C CZ  . ARG A 1 56  ? -8.493  6.035   19.644  1.00 44.95 ? 56  ARG A CZ  1 
ATOM   237  N NH1 . ARG A 1 56  ? -8.143  7.307   19.959  1.00 34.90 ? 56  ARG A NH1 1 
ATOM   238  N NH2 . ARG A 1 56  ? -9.602  5.502   20.166  1.00 39.41 ? 56  ARG A NH2 1 
ATOM   239  N N   . GLY A 1 57  ? -9.435  4.302   13.533  1.00 37.84 ? 57  GLY A N   1 
ATOM   240  C CA  . GLY A 1 57  ? -10.613 3.836   12.784  1.00 38.54 ? 57  GLY A CA  1 
ATOM   241  C C   . GLY A 1 57  ? -10.448 4.082   11.281  1.00 38.37 ? 57  GLY A C   1 
ATOM   242  O O   . GLY A 1 57  ? -9.503  4.751   10.841  1.00 36.29 ? 57  GLY A O   1 
ATOM   243  N N   . PHE A 1 58  ? -11.341 3.519   10.489  1.00 37.24 ? 58  PHE A N   1 
ATOM   244  C CA  . PHE A 1 58  ? -11.212 3.589   9.049   1.00 40.26 ? 58  PHE A CA  1 
ATOM   245  C C   . PHE A 1 58  ? -12.538 3.207   8.381   1.00 43.76 ? 58  PHE A C   1 
ATOM   246  O O   . PHE A 1 58  ? -13.536 2.890   9.064   1.00 39.61 ? 58  PHE A O   1 
ATOM   247  C CB  . PHE A 1 58  ? -10.019 2.734   8.569   1.00 41.79 ? 58  PHE A CB  1 
ATOM   248  C CG  . PHE A 1 58  ? -10.266 1.251   8.656   1.00 43.62 ? 58  PHE A CG  1 
ATOM   249  C CD1 . PHE A 1 58  ? -10.747 0.555   7.545   1.00 44.03 ? 58  PHE A CD1 1 
ATOM   250  C CD2 . PHE A 1 58  ? -10.231 0.606   9.886   1.00 47.61 ? 58  PHE A CD2 1 
ATOM   251  C CE1 . PHE A 1 58  ? -11.157 -0.770  7.653   1.00 48.78 ? 58  PHE A CE1 1 
ATOM   252  C CE2 . PHE A 1 58  ? -10.635 -0.732  10.007  1.00 50.00 ? 58  PHE A CE2 1 
ATOM   253  C CZ  . PHE A 1 58  ? -11.059 -1.426  8.880   1.00 52.01 ? 58  PHE A CZ  1 
ATOM   254  N N   . ASP A 1 59  ? -12.601 3.447   7.077   1.00 46.92 ? 59  ASP A N   1 
ATOM   255  C CA  . ASP A 1 59  ? -13.758 3.031   6.256   1.00 45.80 ? 59  ASP A CA  1 
ATOM   256  C C   . ASP A 1 59  ? -13.305 2.386   4.929   1.00 47.69 ? 59  ASP A C   1 
ATOM   257  O O   . ASP A 1 59  ? -12.087 2.215   4.678   1.00 46.78 ? 59  ASP A O   1 
ATOM   258  C CB  . ASP A 1 59  ? -14.734 4.207   6.052   1.00 44.38 ? 59  ASP A CB  1 
ATOM   259  C CG  . ASP A 1 59  ? -14.149 5.334   5.220   1.00 43.19 ? 59  ASP A CG  1 
ATOM   260  O OD1 . ASP A 1 59  ? -13.293 5.080   4.331   1.00 46.87 ? 59  ASP A OD1 1 
ATOM   261  O OD2 . ASP A 1 59  ? -14.616 6.480   5.390   1.00 53.19 ? 59  ASP A OD2 1 
ATOM   262  N N   . GLU A 1 60  ? -14.266 1.894   4.146   1.00 51.07 ? 60  GLU A N   1 
ATOM   263  C CA  . GLU A 1 60  ? -13.938 1.062   2.979   1.00 49.86 ? 60  GLU A CA  1 
ATOM   264  C C   . GLU A 1 60  ? -13.144 1.834   1.947   1.00 49.46 ? 60  GLU A C   1 
ATOM   265  O O   . GLU A 1 60  ? -12.536 1.230   1.047   1.00 48.73 ? 60  GLU A O   1 
ATOM   266  C CB  . GLU A 1 60  ? -15.210 0.520   2.321   1.00 52.88 ? 60  GLU A CB  1 
ATOM   267  C CG  . GLU A 1 60  ? -16.251 1.601   2.012   1.00 56.47 ? 60  GLU A CG  1 
ATOM   268  C CD  . GLU A 1 60  ? -17.559 1.009   1.500   1.00 68.51 ? 60  GLU A CD  1 
ATOM   269  O OE1 . GLU A 1 60  ? -18.635 1.546   1.854   1.00 67.02 ? 60  GLU A OE1 1 
ATOM   270  O OE2 . GLU A 1 60  ? -17.503 0.013   0.728   1.00 68.87 ? 60  GLU A OE2 1 
ATOM   271  N N   . TYR A 1 61  ? -13.164 3.166   2.053   1.00 48.40 ? 61  TYR A N   1 
ATOM   272  C CA  . TYR A 1 61  ? -12.386 4.026   1.153   1.00 45.74 ? 61  TYR A CA  1 
ATOM   273  C C   . TYR A 1 61  ? -10.942 4.181   1.551   1.00 47.22 ? 61  TYR A C   1 
ATOM   274  O O   . TYR A 1 61  ? -10.186 4.918   0.901   1.00 46.59 ? 61  TYR A O   1 
ATOM   275  C CB  . TYR A 1 61  ? -13.024 5.394   1.066   1.00 50.23 ? 61  TYR A CB  1 
ATOM   276  C CG  . TYR A 1 61  ? -14.455 5.296   0.635   1.00 54.68 ? 61  TYR A CG  1 
ATOM   277  C CD1 . TYR A 1 61  ? -15.480 5.358   1.564   1.00 63.83 ? 61  TYR A CD1 1 
ATOM   278  C CD2 . TYR A 1 61  ? -14.767 4.915   -0.672  1.00 64.46 ? 61  TYR A CD2 1 
ATOM   279  C CE1 . TYR A 1 61  ? -16.795 5.196   1.175   1.00 71.24 ? 61  TYR A CE1 1 
ATOM   280  C CE2 . TYR A 1 61  ? -16.067 4.750   -1.074  1.00 68.58 ? 61  TYR A CE2 1 
ATOM   281  C CZ  . TYR A 1 61  ? -17.080 4.901   -0.156  1.00 72.62 ? 61  TYR A CZ  1 
ATOM   282  O OH  . TYR A 1 61  ? -18.380 4.736   -0.575  1.00 78.14 ? 61  TYR A OH  1 
ATOM   283  N N   . VAL A 1 62  ? -10.557 3.506   2.631   1.00 43.71 ? 62  VAL A N   1 
ATOM   284  C CA  . VAL A 1 62  ? -9.277  3.743   3.250   1.00 43.09 ? 62  VAL A CA  1 
ATOM   285  C C   . VAL A 1 62  ? -9.111  5.206   3.675   1.00 38.83 ? 62  VAL A C   1 
ATOM   286  O O   . VAL A 1 62  ? -7.997  5.716   3.748   1.00 40.98 ? 62  VAL A O   1 
ATOM   287  C CB  . VAL A 1 62  ? -8.112  3.283   2.334   1.00 41.59 ? 62  VAL A CB  1 
ATOM   288  C CG1 . VAL A 1 62  ? -6.876  3.016   3.138   1.00 41.63 ? 62  VAL A CG1 1 
ATOM   289  C CG2 . VAL A 1 62  ? -8.509  1.956   1.626   1.00 48.22 ? 62  VAL A CG2 1 
ATOM   290  N N   . ASN A 1 63  ? -10.208 5.883   3.934   1.00 37.81 ? 63  ASN A N   1 
ATOM   291  C CA  . ASN A 1 63  ? -10.151 7.053   4.829   1.00 40.45 ? 63  ASN A CA  1 
ATOM   292  C C   . ASN A 1 63  ? -9.697  6.514   6.206   1.00 41.23 ? 63  ASN A C   1 
ATOM   293  O O   . ASN A 1 63  ? -10.131 5.446   6.580   1.00 38.88 ? 63  ASN A O   1 
ATOM   294  C CB  . ASN A 1 63  ? -11.531 7.638   4.969   1.00 43.03 ? 63  ASN A CB  1 
ATOM   295  C CG  . ASN A 1 63  ? -11.976 8.401   3.718   1.00 45.45 ? 63  ASN A CG  1 
ATOM   296  O OD1 . ASN A 1 63  ? -11.169 9.043   3.052   1.00 44.80 ? 63  ASN A OD1 1 
ATOM   297  N ND2 . ASN A 1 63  ? -13.262 8.359   3.431   1.00 46.34 ? 63  ASN A ND2 1 
ATOM   298  N N   . MET A 1 64  ? -8.750  7.180   6.875   1.00 38.80 ? 64  MET A N   1 
ATOM   299  C CA  . MET A 1 64  ? -8.301  6.729   8.211   1.00 41.14 ? 64  MET A CA  1 
ATOM   300  C C   . MET A 1 64  ? -8.153  7.862   9.230   1.00 39.04 ? 64  MET A C   1 
ATOM   301  O O   . MET A 1 64  ? -7.855  9.004   8.867   1.00 39.06 ? 64  MET A O   1 
ATOM   302  C CB  . MET A 1 64  ? -6.997  5.971   8.123   1.00 37.96 ? 64  MET A CB  1 
ATOM   303  C CG  . MET A 1 64  ? -7.064  4.790   7.189   1.00 42.67 ? 64  MET A CG  1 
ATOM   304  S SD  . MET A 1 64  ? -5.445  4.092   6.902   1.00 48.54 ? 64  MET A SD  1 
ATOM   305  C CE  . MET A 1 64  ? -4.675  5.331   5.867   1.00 48.06 ? 64  MET A CE  1 
ATOM   306  N N   . VAL A 1 65  ? -8.364  7.518   10.499  1.00 36.82 ? 65  VAL A N   1 
ATOM   307  C CA  . VAL A 1 65  ? -8.124  8.438   11.616  1.00 37.07 ? 65  VAL A CA  1 
ATOM   308  C C   . VAL A 1 65  ? -6.905  7.933   12.356  1.00 38.17 ? 65  VAL A C   1 
ATOM   309  O O   . VAL A 1 65  ? -6.867  6.751   12.735  1.00 38.57 ? 65  VAL A O   1 
ATOM   310  C CB  . VAL A 1 65  ? -9.347  8.489   12.579  1.00 39.14 ? 65  VAL A CB  1 
ATOM   311  C CG1 . VAL A 1 65  ? -9.056  9.419   13.806  1.00 35.04 ? 65  VAL A CG1 1 
ATOM   312  C CG2 . VAL A 1 65  ? -10.595 9.015   11.817  1.00 34.67 ? 65  VAL A CG2 1 
ATOM   313  N N   . LEU A 1 66  ? -5.862  8.782   12.443  1.00 34.35 ? 66  LEU A N   1 
ATOM   314  C CA  . LEU A 1 66  ? -4.581  8.404   13.084  1.00 37.54 ? 66  LEU A CA  1 
ATOM   315  C C   . LEU A 1 66  ? -4.330  9.351   14.272  1.00 38.53 ? 66  LEU A C   1 
ATOM   316  O O   . LEU A 1 66  ? -4.839  10.485  14.268  1.00 34.46 ? 66  LEU A O   1 
ATOM   317  C CB  . LEU A 1 66  ? -3.406  8.544   12.123  1.00 37.75 ? 66  LEU A CB  1 
ATOM   318  C CG  . LEU A 1 66  ? -3.157  7.464   11.031  1.00 47.42 ? 66  LEU A CG  1 
ATOM   319  C CD1 . LEU A 1 66  ? -1.658  7.494   10.645  1.00 50.43 ? 66  LEU A CD1 1 
ATOM   320  C CD2 . LEU A 1 66  ? -3.523  6.042   11.459  1.00 41.35 ? 66  LEU A CD2 1 
ATOM   321  N N   . ASP A 1 67  ? -3.683  8.812   15.316  1.00 37.63 ? 67  ASP A N   1 
ATOM   322  C CA  . ASP A 1 67  ? -3.329  9.569   16.530  1.00 42.00 ? 67  ASP A CA  1 
ATOM   323  C C   . ASP A 1 67  ? -1.824  9.507   16.633  1.00 38.60 ? 67  ASP A C   1 
ATOM   324  O O   . ASP A 1 67  ? -1.227  8.483   16.266  1.00 35.13 ? 67  ASP A O   1 
ATOM   325  C CB  . ASP A 1 67  ? -3.841  8.827   17.804  1.00 43.97 ? 67  ASP A CB  1 
ATOM   326  C CG  . ASP A 1 67  ? -5.122  9.391   18.319  1.00 46.76 ? 67  ASP A CG  1 
ATOM   327  O OD1 . ASP A 1 67  ? -5.732  8.748   19.182  1.00 48.85 ? 67  ASP A OD1 1 
ATOM   328  O OD2 . ASP A 1 67  ? -5.571  10.440  17.807  1.00 56.20 ? 67  ASP A OD2 1 
ATOM   329  N N   . ASP A 1 68  ? -1.308  10.369  17.497  1.00 36.63 ? 68  ASP A N   1 
ATOM   330  C CA  . ASP A 1 68  ? 0.062   10.261  17.936  1.00 40.35 ? 68  ASP A CA  1 
ATOM   331  C C   . ASP A 1 68  ? 0.931   10.119  16.694  1.00 38.44 ? 68  ASP A C   1 
ATOM   332  O O   . ASP A 1 68  ? 1.680   9.152   16.543  1.00 40.26 ? 68  ASP A O   1 
ATOM   333  C CB  . ASP A 1 68  ? 0.257   9.090   18.943  1.00 38.49 ? 68  ASP A CB  1 
ATOM   334  C CG  . ASP A 1 68  ? 1.567   9.203   19.728  1.00 44.73 ? 68  ASP A CG  1 
ATOM   335  O OD1 . ASP A 1 68  ? 2.448   9.977   19.311  1.00 43.49 ? 68  ASP A OD1 1 
ATOM   336  O OD2 . ASP A 1 68  ? 1.743   8.479   20.718  1.00 49.11 ? 68  ASP A OD2 1 
ATOM   337  N N   . VAL A 1 69  ? 0.840   11.131  15.832  1.00 38.05 ? 69  VAL A N   1 
ATOM   338  C CA  . VAL A 1 69  ? 1.306   11.046  14.459  1.00 37.76 ? 69  VAL A CA  1 
ATOM   339  C C   . VAL A 1 69  ? 2.681   11.728  14.321  1.00 40.84 ? 69  VAL A C   1 
ATOM   340  O O   . VAL A 1 69  ? 2.921   12.758  14.930  1.00 39.99 ? 69  VAL A O   1 
ATOM   341  C CB  . VAL A 1 69  ? 0.282   11.745  13.480  1.00 36.71 ? 69  VAL A CB  1 
ATOM   342  C CG1 . VAL A 1 69  ? 0.922   11.978  12.115  1.00 39.80 ? 69  VAL A CG1 1 
ATOM   343  C CG2 . VAL A 1 69  ? -0.945  10.856  13.297  1.00 33.20 ? 69  VAL A CG2 1 
ATOM   344  N N   . GLN A 1 70  ? 3.608   11.079  13.627  1.00 39.91 ? 70  GLN A N   1 
ATOM   345  C CA  . GLN A 1 70  ? 4.779   11.780  13.117  1.00 42.67 ? 70  GLN A CA  1 
ATOM   346  C C   . GLN A 1 70  ? 4.722   11.851  11.613  1.00 43.25 ? 70  GLN A C   1 
ATOM   347  O O   . GLN A 1 70  ? 4.506   10.832  10.966  1.00 44.62 ? 70  GLN A O   1 
ATOM   348  C CB  . GLN A 1 70  ? 6.059   11.075  13.566  1.00 43.74 ? 70  GLN A CB  1 
ATOM   349  C CG  . GLN A 1 70  ? 6.257   11.012  15.118  1.00 47.87 ? 70  GLN A CG  1 
ATOM   350  C CD  . GLN A 1 70  ? 5.222   10.128  15.854  1.00 40.99 ? 70  GLN A CD  1 
ATOM   351  O OE1 . GLN A 1 70  ? 5.172   8.926   15.667  1.00 42.09 ? 70  GLN A OE1 1 
ATOM   352  N NE2 . GLN A 1 70  ? 4.452   10.742  16.755  1.00 44.44 ? 70  GLN A NE2 1 
ATOM   353  N N   . GLU A 1 71  ? 4.747   13.077  11.086  1.00 45.68 ? 71  GLU A N   1 
ATOM   354  C CA  . GLU A 1 71  ? 4.779   13.325  9.649   1.00 48.52 ? 71  GLU A CA  1 
ATOM   355  C C   . GLU A 1 71  ? 6.210   13.375  9.157   1.00 53.56 ? 71  GLU A C   1 
ATOM   356  O O   . GLU A 1 71  ? 7.022   14.219  9.602   1.00 52.92 ? 71  GLU A O   1 
ATOM   357  C CB  . GLU A 1 71  ? 4.014   14.614  9.271   1.00 47.99 ? 71  GLU A CB  1 
ATOM   358  C CG  . GLU A 1 71  ? 4.030   14.937  7.712   1.00 48.73 ? 71  GLU A CG  1 
ATOM   359  C CD  . GLU A 1 71  ? 3.168   16.147  7.296   1.00 54.37 ? 71  GLU A CD  1 
ATOM   360  O OE1 . GLU A 1 71  ? 2.630   16.872  8.158   1.00 56.05 ? 71  GLU A OE1 1 
ATOM   361  O OE2 . GLU A 1 71  ? 2.982   16.348  6.075   1.00 64.34 ? 71  GLU A OE2 1 
ATOM   362  N N   . TYR A 1 72  ? 6.545   12.421  8.289   1.00 55.01 ? 72  TYR A N   1 
ATOM   363  C CA  . TYR A 1 72  ? 7.764   12.479  7.499   1.00 56.32 ? 72  TYR A CA  1 
ATOM   364  C C   . TYR A 1 72  ? 7.593   13.099  6.114   1.00 59.83 ? 72  TYR A C   1 
ATOM   365  O O   . TYR A 1 72  ? 6.480   13.236  5.587   1.00 58.55 ? 72  TYR A O   1 
ATOM   366  C CB  . TYR A 1 72  ? 8.388   11.089  7.394   1.00 54.92 ? 72  TYR A CB  1 
ATOM   367  C CG  . TYR A 1 72  ? 8.651   10.499  8.745   1.00 53.94 ? 72  TYR A CG  1 
ATOM   368  C CD1 . TYR A 1 72  ? 7.619   9.892   9.465   1.00 52.59 ? 72  TYR A CD1 1 
ATOM   369  C CD2 . TYR A 1 72  ? 9.865   10.709  9.393   1.00 53.62 ? 72  TYR A CD2 1 
ATOM   370  C CE1 . TYR A 1 72  ? 7.796   9.501   10.775  1.00 48.61 ? 72  TYR A CE1 1 
ATOM   371  C CE2 . TYR A 1 72  ? 10.098  10.203  10.677  1.00 51.79 ? 72  TYR A CE2 1 
ATOM   372  C CZ  . TYR A 1 72  ? 9.046   9.600   11.363  1.00 55.66 ? 72  TYR A CZ  1 
ATOM   373  O OH  . TYR A 1 72  ? 9.212   9.139   12.646  1.00 58.24 ? 72  TYR A OH  1 
ATOM   374  N N   . GLY A 1 73  ? 8.719   13.525  5.551   1.00 62.60 ? 73  GLY A N   1 
ATOM   375  C CA  . GLY A 1 73  ? 8.727   14.339  4.345   1.00 63.73 ? 73  GLY A CA  1 
ATOM   376  C C   . GLY A 1 73  ? 10.111  14.233  3.752   1.00 66.67 ? 73  GLY A C   1 
ATOM   377  O O   . GLY A 1 73  ? 10.983  13.593  4.325   1.00 66.91 ? 73  GLY A O   1 
ATOM   378  N N   . PHE A 1 74  ? 10.317  14.814  2.583   1.00 68.76 ? 74  PHE A N   1 
ATOM   379  C CA  . PHE A 1 74  ? 11.583  14.614  1.900   1.00 72.11 ? 74  PHE A CA  1 
ATOM   380  C C   . PHE A 1 74  ? 12.255  15.933  1.535   1.00 72.49 ? 74  PHE A C   1 
ATOM   381  O O   . PHE A 1 74  ? 11.605  16.860  1.044   1.00 73.57 ? 74  PHE A O   1 
ATOM   382  C CB  . PHE A 1 74  ? 11.426  13.673  0.695   1.00 72.70 ? 74  PHE A CB  1 
ATOM   383  C CG  . PHE A 1 74  ? 11.331  12.219  1.081   1.00 74.12 ? 74  PHE A CG  1 
ATOM   384  C CD1 . PHE A 1 74  ? 12.470  11.505  1.433   1.00 76.36 ? 74  PHE A CD1 1 
ATOM   385  C CD2 . PHE A 1 74  ? 10.096  11.590  1.171   1.00 74.45 ? 74  PHE A CD2 1 
ATOM   386  C CE1 . PHE A 1 74  ? 12.381  10.184  1.862   1.00 77.38 ? 74  PHE A CE1 1 
ATOM   387  C CE2 . PHE A 1 74  ? 9.998   10.265  1.587   1.00 73.53 ? 74  PHE A CE2 1 
ATOM   388  C CZ  . PHE A 1 74  ? 11.141  9.568   1.956   1.00 75.36 ? 74  PHE A CZ  1 
ATOM   389  N N   . LYS A 1 75  ? 13.504  16.072  1.958   1.00 73.63 ? 75  LYS A N   1 
ATOM   390  C CA  . LYS A 1 75  ? 14.158  17.382  2.002   1.00 74.56 ? 75  LYS A CA  1 
ATOM   391  C C   . LYS A 1 75  ? 15.589  17.239  1.512   1.00 74.79 ? 75  LYS A C   1 
ATOM   392  O O   . LYS A 1 75  ? 16.303  16.318  1.929   1.00 72.85 ? 75  LYS A O   1 
ATOM   393  C CB  . LYS A 1 75  ? 14.144  17.942  3.430   1.00 74.98 ? 75  LYS A CB  1 
ATOM   394  N N   . ALA A 1 76  ? 16.004  18.161  0.641   1.00 76.97 ? 76  ALA A N   1 
ATOM   395  C CA  . ALA A 1 76  ? 17.212  17.991  -0.177  1.00 78.05 ? 76  ALA A CA  1 
ATOM   396  C C   . ALA A 1 76  ? 18.498  17.794  0.639   1.00 78.63 ? 76  ALA A C   1 
ATOM   397  O O   . ALA A 1 76  ? 19.433  17.141  0.172   1.00 79.33 ? 76  ALA A O   1 
ATOM   398  C CB  . ALA A 1 76  ? 17.369  19.159  -1.158  1.00 78.26 ? 76  ALA A CB  1 
ATOM   399  N N   . ASP A 1 77  ? 18.560  18.411  1.821   1.00 79.31 ? 77  ASP A N   1 
ATOM   400  C CA  . ASP A 1 77  ? 19.646  18.165  2.785   1.00 80.24 ? 77  ASP A CA  1 
ATOM   401  C C   . ASP A 1 77  ? 20.739  19.228  2.729   1.00 80.58 ? 77  ASP A C   1 
ATOM   402  O O   . ASP A 1 77  ? 21.633  19.257  3.575   1.00 81.62 ? 77  ASP A O   1 
ATOM   403  C CB  . ASP A 1 77  ? 20.255  16.770  2.587   1.00 79.76 ? 77  ASP A CB  1 
ATOM   404  N N   . LYS A 1 89  ? 17.254  13.311  2.798   1.00 76.73 ? 89  LYS A N   1 
ATOM   405  C CA  . LYS A 1 89  ? 16.598  12.014  2.995   1.00 76.31 ? 89  LYS A CA  1 
ATOM   406  C C   . LYS A 1 89  ? 15.179  12.181  3.570   1.00 75.15 ? 89  LYS A C   1 
ATOM   407  O O   . LYS A 1 89  ? 14.500  13.186  3.303   1.00 73.51 ? 89  LYS A O   1 
ATOM   408  C CB  . LYS A 1 89  ? 17.447  11.118  3.905   1.00 76.20 ? 89  LYS A CB  1 
ATOM   409  N N   . ARG A 1 90  ? 14.726  11.185  4.331   1.00 73.58 ? 90  ARG A N   1 
ATOM   410  C CA  . ARG A 1 90  ? 13.431  11.273  5.025   1.00 72.02 ? 90  ARG A CA  1 
ATOM   411  C C   . ARG A 1 90  ? 13.564  12.085  6.317   1.00 69.54 ? 90  ARG A C   1 
ATOM   412  O O   . ARG A 1 90  ? 14.204  11.642  7.260   1.00 70.22 ? 90  ARG A O   1 
ATOM   413  C CB  . ARG A 1 90  ? 12.892  9.871   5.335   1.00 71.94 ? 90  ARG A CB  1 
ATOM   414  N N   . VAL A 1 91  ? 12.961  13.268  6.358   1.00 67.58 ? 91  VAL A N   1 
ATOM   415  C CA  . VAL A 1 91  ? 12.968  14.093  7.583   1.00 67.40 ? 91  VAL A CA  1 
ATOM   416  C C   . VAL A 1 91  ? 11.581  14.165  8.239   1.00 65.86 ? 91  VAL A C   1 
ATOM   417  O O   . VAL A 1 91  ? 10.612  14.532  7.584   1.00 65.00 ? 91  VAL A O   1 
ATOM   418  C CB  . VAL A 1 91  ? 13.440  15.544  7.285   1.00 64.81 ? 91  VAL A CB  1 
ATOM   419  N N   . MET A 1 92  ? 11.515  13.922  9.551   1.00 66.45 ? 92  MET A N   1 
ATOM   420  C CA  . MET A 1 92  ? 10.359  14.343  10.355  1.00 63.37 ? 92  MET A CA  1 
ATOM   421  C C   . MET A 1 92  ? 10.112  15.829  10.207  1.00 64.61 ? 92  MET A C   1 
ATOM   422  O O   . MET A 1 92  ? 10.931  16.656  10.625  1.00 67.57 ? 92  MET A O   1 
ATOM   423  C CB  . MET A 1 92  ? 10.505  13.956  11.842  1.00 63.52 ? 92  MET A CB  1 
ATOM   424  C CG  . MET A 1 92  ? 9.164   14.005  12.621  1.00 61.17 ? 92  MET A CG  1 
ATOM   425  S SD  . MET A 1 92  ? 9.211   13.701  14.419  1.00 55.55 ? 92  MET A SD  1 
ATOM   426  C CE  . MET A 1 92  ? 9.528   11.960  14.526  1.00 54.61 ? 92  MET A CE  1 
ATOM   427  N N   . VAL A 1 93  ? 8.986   16.180  9.598   1.00 61.40 ? 93  VAL A N   1 
ATOM   428  C CA  . VAL A 1 93  ? 8.668   17.566  9.360   1.00 60.58 ? 93  VAL A CA  1 
ATOM   429  C C   . VAL A 1 93  ? 7.541   18.027  10.252  1.00 58.61 ? 93  VAL A C   1 
ATOM   430  O O   . VAL A 1 93  ? 7.172   19.195  10.236  1.00 58.10 ? 93  VAL A O   1 
ATOM   431  C CB  . VAL A 1 93  ? 8.300   17.821  7.882   1.00 61.39 ? 93  VAL A CB  1 
ATOM   432  C CG1 . VAL A 1 93  ? 9.554   17.748  7.019   1.00 63.22 ? 93  VAL A CG1 1 
ATOM   433  C CG2 . VAL A 1 93  ? 7.273   16.803  7.414   1.00 61.96 ? 93  VAL A CG2 1 
ATOM   434  N N   . ASN A 1 94  ? 6.976   17.103  11.025  1.00 57.19 ? 94  ASN A N   1 
ATOM   435  C CA  . ASN A 1 94  ? 5.880   17.479  11.904  1.00 55.29 ? 94  ASN A CA  1 
ATOM   436  C C   . ASN A 1 94  ? 5.453   16.411  12.920  1.00 51.72 ? 94  ASN A C   1 
ATOM   437  O O   . ASN A 1 94  ? 5.642   15.206  12.716  1.00 50.07 ? 94  ASN A O   1 
ATOM   438  C CB  . ASN A 1 94  ? 4.675   17.962  11.087  1.00 53.61 ? 94  ASN A CB  1 
ATOM   439  C CG  . ASN A 1 94  ? 3.949   19.138  11.747  1.00 59.16 ? 94  ASN A CG  1 
ATOM   440  O OD1 . ASN A 1 94  ? 4.083   19.377  12.951  1.00 57.58 ? 94  ASN A OD1 1 
ATOM   441  N ND2 . ASN A 1 94  ? 3.223   19.903  10.950  1.00 63.21 ? 94  ASN A ND2 1 
ATOM   442  N N   . ARG A 1 95  ? 4.801   16.881  13.974  1.00 49.24 ? 95  ARG A N   1 
ATOM   443  C CA  . ARG A 1 95  ? 4.147   16.023  14.927  1.00 46.99 ? 95  ARG A CA  1 
ATOM   444  C C   . ARG A 1 95  ? 2.705   16.447  14.963  1.00 47.00 ? 95  ARG A C   1 
ATOM   445  O O   . ARG A 1 95  ? 2.412   17.644  15.050  1.00 43.62 ? 95  ARG A O   1 
ATOM   446  C CB  . ARG A 1 95  ? 4.786   16.202  16.304  1.00 48.58 ? 95  ARG A CB  1 
ATOM   447  C CG  . ARG A 1 95  ? 6.156   15.485  16.433  1.00 48.13 ? 95  ARG A CG  1 
ATOM   448  C CD  . ARG A 1 95  ? 6.790   15.713  17.816  1.00 54.65 ? 95  ARG A CD  1 
ATOM   449  N NE  . ARG A 1 95  ? 8.108   15.096  17.912  1.00 50.93 ? 95  ARG A NE  1 
ATOM   450  C CZ  . ARG A 1 95  ? 8.329   13.793  18.017  1.00 51.08 ? 95  ARG A CZ  1 
ATOM   451  N NH1 . ARG A 1 95  ? 7.308   12.949  18.091  1.00 51.82 ? 95  ARG A NH1 1 
ATOM   452  N NH2 . ARG A 1 95  ? 9.583   13.324  18.068  1.00 49.46 ? 95  ARG A NH2 1 
ATOM   453  N N   . LEU A 1 96  ? 1.793   15.480  14.932  1.00 43.93 ? 96  LEU A N   1 
ATOM   454  C CA  . LEU A 1 96  ? 0.368   15.858  14.914  1.00 45.35 ? 96  LEU A CA  1 
ATOM   455  C C   . LEU A 1 96  ? -0.451  14.941  15.834  1.00 43.88 ? 96  LEU A C   1 
ATOM   456  O O   . LEU A 1 96  ? -0.010  13.856  16.195  1.00 44.34 ? 96  LEU A O   1 
ATOM   457  C CB  . LEU A 1 96  ? -0.172  15.830  13.473  1.00 43.67 ? 96  LEU A CB  1 
ATOM   458  C CG  . LEU A 1 96  ? 0.412   16.786  12.426  1.00 49.98 ? 96  LEU A CG  1 
ATOM   459  C CD1 . LEU A 1 96  ? 0.724   16.045  11.111  1.00 48.07 ? 96  LEU A CD1 1 
ATOM   460  C CD2 . LEU A 1 96  ? -0.532  17.946  12.156  1.00 51.55 ? 96  LEU A CD2 1 
ATOM   461  N N   . GLU A 1 97  ? -1.639  15.381  16.218  1.00 44.98 ? 97  GLU A N   1 
ATOM   462  C CA  . GLU A 1 97  ? -2.499  14.535  17.028  1.00 47.96 ? 97  GLU A CA  1 
ATOM   463  C C   . GLU A 1 97  ? -3.568  13.959  16.104  1.00 48.66 ? 97  GLU A C   1 
ATOM   464  O O   . GLU A 1 97  ? -3.215  13.412  15.070  1.00 47.95 ? 97  GLU A O   1 
ATOM   465  C CB  . GLU A 1 97  ? -3.054  15.277  18.250  1.00 47.83 ? 97  GLU A CB  1 
ATOM   466  C CG  . GLU A 1 97  ? -2.197  15.051  19.535  1.00 50.26 ? 97  GLU A CG  1 
ATOM   467  C CD  . GLU A 1 97  ? -1.486  13.713  19.569  1.00 52.08 ? 97  GLU A CD  1 
ATOM   468  O OE1 . GLU A 1 97  ? -2.159  12.643  19.510  1.00 52.72 ? 97  GLU A OE1 1 
ATOM   469  O OE2 . GLU A 1 97  ? -0.235  13.719  19.642  1.00 50.01 ? 97  GLU A OE2 1 
ATOM   470  N N   . THR A 1 98  ? -4.844  14.126  16.415  1.00 47.45 ? 98  THR A N   1 
ATOM   471  C CA  . THR A 1 98  ? -5.864  13.316  15.745  1.00 47.67 ? 98  THR A CA  1 
ATOM   472  C C   . THR A 1 98  ? -6.096  13.904  14.322  1.00 48.38 ? 98  THR A C   1 
ATOM   473  O O   . THR A 1 98  ? -6.404  15.080  14.191  1.00 53.98 ? 98  THR A O   1 
ATOM   474  C CB  . THR A 1 98  ? -7.175  13.305  16.558  1.00 48.23 ? 98  THR A CB  1 
ATOM   475  O OG1 . THR A 1 98  ? -6.908  12.830  17.881  1.00 41.03 ? 98  THR A OG1 1 
ATOM   476  C CG2 . THR A 1 98  ? -8.235  12.361  15.912  1.00 49.65 ? 98  THR A CG2 1 
ATOM   477  N N   . ILE A 1 99  ? -5.750  13.156  13.280  1.00 43.32 ? 99  ILE A N   1 
ATOM   478  C CA  . ILE A 1 99  ? -6.071  13.603  11.913  1.00 40.54 ? 99  ILE A CA  1 
ATOM   479  C C   . ILE A 1 99  ? -6.952  12.613  11.185  1.00 38.10 ? 99  ILE A C   1 
ATOM   480  O O   . ILE A 1 99  ? -6.824  11.408  11.387  1.00 34.46 ? 99  ILE A O   1 
ATOM   481  C CB  . ILE A 1 99  ? -4.799  13.803  11.060  1.00 38.91 ? 99  ILE A CB  1 
ATOM   482  C CG1 . ILE A 1 99  ? -4.048  12.467  10.939  1.00 46.20 ? 99  ILE A CG1 1 
ATOM   483  C CG2 . ILE A 1 99  ? -3.911  14.871  11.703  1.00 38.34 ? 99  ILE A CG2 1 
ATOM   484  C CD1 . ILE A 1 99  ? -3.020  12.426  9.855   1.00 52.87 ? 99  ILE A CD1 1 
ATOM   485  N N   . LEU A 1 100 ? -7.533  13.093  10.086  1.00 40.01 ? 100 LEU A N   1 
ATOM   486  C CA  . LEU A 1 100 ? -8.049  12.209  9.061   1.00 40.69 ? 100 LEU A CA  1 
ATOM   487  C C   . LEU A 1 100 ? -7.150  12.218  7.806   1.00 43.77 ? 100 LEU A C   1 
ATOM   488  O O   . LEU A 1 100 ? -6.872  13.260  7.249   1.00 39.52 ? 100 LEU A O   1 
ATOM   489  C CB  . LEU A 1 100 ? -9.452  12.651  8.691   1.00 42.96 ? 100 LEU A CB  1 
ATOM   490  C CG  . LEU A 1 100 ? -10.188 11.800  7.659   1.00 39.19 ? 100 LEU A CG  1 
ATOM   491  C CD1 . LEU A 1 100 ? -11.682 11.938  7.942   1.00 51.07 ? 100 LEU A CD1 1 
ATOM   492  C CD2 . LEU A 1 100 ? -9.833  12.345  6.312   1.00 47.09 ? 100 LEU A CD2 1 
ATOM   493  N N   . LEU A 1 101 ? -6.696  11.048  7.380   1.00 42.83 ? 101 LEU A N   1 
ATOM   494  C CA  . LEU A 1 101 ? -6.012  10.929  6.102   1.00 41.76 ? 101 LEU A CA  1 
ATOM   495  C C   . LEU A 1 101 ? -6.993  10.462  5.028   1.00 42.39 ? 101 LEU A C   1 
ATOM   496  O O   . LEU A 1 101 ? -7.801  9.555   5.277   1.00 40.25 ? 101 LEU A O   1 
ATOM   497  C CB  . LEU A 1 101 ? -4.858  9.949   6.198   1.00 42.82 ? 101 LEU A CB  1 
ATOM   498  C CG  . LEU A 1 101 ? -3.655  10.406  7.015   1.00 45.22 ? 101 LEU A CG  1 
ATOM   499  C CD1 . LEU A 1 101 ? -2.442  9.500   6.765   1.00 54.70 ? 101 LEU A CD1 1 
ATOM   500  C CD2 . LEU A 1 101 ? -3.308  11.814  6.658   1.00 39.78 ? 101 LEU A CD2 1 
ATOM   501  N N   . SER A 1 102 ? -7.021  11.185  3.910   1.00 39.12 ? 102 SER A N   1 
ATOM   502  C CA  . SER A 1 102 ? -7.982  10.923  2.842   1.00 42.74 ? 102 SER A CA  1 
ATOM   503  C C   . SER A 1 102 ? -7.593  9.658   2.058   1.00 42.07 ? 102 SER A C   1 
ATOM   504  O O   . SER A 1 102 ? -6.494  9.561   1.585   1.00 40.89 ? 102 SER A O   1 
ATOM   505  C CB  . SER A 1 102 ? -8.016  12.088  1.851   1.00 43.38 ? 102 SER A CB  1 
ATOM   506  O OG  . SER A 1 102 ? -8.756  11.708  0.672   1.00 43.35 ? 102 SER A OG  1 
ATOM   507  N N   . GLY A 1 103 ? -8.497  8.704   1.952   1.00 40.53 ? 103 GLY A N   1 
ATOM   508  C CA  . GLY A 1 103 ? -8.178  7.473   1.229   1.00 44.85 ? 103 GLY A CA  1 
ATOM   509  C C   . GLY A 1 103 ? -7.927  7.679   -0.267  1.00 46.26 ? 103 GLY A C   1 
ATOM   510  O O   . GLY A 1 103 ? -7.152  6.942   -0.857  1.00 42.11 ? 103 GLY A O   1 
ATOM   511  N N   . ASN A 1 104 ? -8.528  8.728   -0.851  1.00 45.99 ? 104 ASN A N   1 
ATOM   512  C CA  . ASN A 1 104 ? -8.307  9.074   -2.254  1.00 49.17 ? 104 ASN A CA  1 
ATOM   513  C C   . ASN A 1 104 ? -6.852  9.329   -2.430  1.00 50.61 ? 104 ASN A C   1 
ATOM   514  O O   . ASN A 1 104 ? -6.354  9.401   -3.526  1.00 51.09 ? 104 ASN A O   1 
ATOM   515  C CB  . ASN A 1 104 ? -9.075  10.358  -2.671  1.00 51.40 ? 104 ASN A CB  1 
ATOM   516  C CG  . ASN A 1 104 ? -10.552 10.276  -2.383  1.00 56.13 ? 104 ASN A CG  1 
ATOM   517  O OD1 . ASN A 1 104 ? -11.126 9.183   -2.311  1.00 68.27 ? 104 ASN A OD1 1 
ATOM   518  N ND2 . ASN A 1 104 ? -11.167 11.428  -2.115  1.00 66.05 ? 104 ASN A ND2 1 
ATOM   519  N N   . ASN A 1 105 ? -6.159  9.523   -1.329  1.00 49.07 ? 105 ASN A N   1 
ATOM   520  C CA  . ASN A 1 105 ? -4.842  10.049  -1.454  1.00 48.23 ? 105 ASN A CA  1 
ATOM   521  C C   . ASN A 1 105 ? -3.796  9.121   -0.861  1.00 47.57 ? 105 ASN A C   1 
ATOM   522  O O   . ASN A 1 105 ? -2.649  9.452   -0.815  1.00 51.26 ? 105 ASN A O   1 
ATOM   523  C CB  . ASN A 1 105 ? -4.812  11.447  -0.826  1.00 51.92 ? 105 ASN A CB  1 
ATOM   524  C CG  . ASN A 1 105 ? -3.713  12.297  -1.384  1.00 53.61 ? 105 ASN A CG  1 
ATOM   525  O OD1 . ASN A 1 105 ? -3.348  12.159  -2.558  1.00 54.72 ? 105 ASN A OD1 1 
ATOM   526  N ND2 . ASN A 1 105 ? -3.083  13.095  -0.516  1.00 59.57 ? 105 ASN A ND2 1 
ATOM   527  N N   . VAL A 1 106 ? -4.207  7.910   -0.487  1.00 49.55 ? 106 VAL A N   1 
ATOM   528  C CA  . VAL A 1 106 ? -3.288  6.886   0.019   1.00 45.25 ? 106 VAL A CA  1 
ATOM   529  C C   . VAL A 1 106 ? -2.641  6.066   -1.105  1.00 47.11 ? 106 VAL A C   1 
ATOM   530  O O   . VAL A 1 106 ? -3.307  5.672   -2.060  1.00 46.65 ? 106 VAL A O   1 
ATOM   531  C CB  . VAL A 1 106 ? -4.029  5.911   1.004   1.00 47.17 ? 106 VAL A CB  1 
ATOM   532  C CG1 . VAL A 1 106 ? -3.106  4.757   1.420   1.00 43.31 ? 106 VAL A CG1 1 
ATOM   533  C CG2 . VAL A 1 106 ? -4.521  6.673   2.220   1.00 41.45 ? 106 VAL A CG2 1 
ATOM   534  N N   . ALA A 1 107 ? -1.357  5.734   -0.943  1.00 46.46 ? 107 ALA A N   1 
ATOM   535  C CA  . ALA A 1 107 ? -0.684  4.833   -1.862  1.00 46.47 ? 107 ALA A CA  1 
ATOM   536  C C   . ALA A 1 107 ? -0.495  3.451   -1.260  1.00 47.59 ? 107 ALA A C   1 
ATOM   537  O O   . ALA A 1 107 ? -0.763  2.445   -1.907  1.00 48.86 ? 107 ALA A O   1 
ATOM   538  C CB  . ALA A 1 107 ? 0.684   5.441   -2.320  1.00 46.50 ? 107 ALA A CB  1 
ATOM   539  N N   . MET A 1 108 ? -0.063  3.399   0.002   1.00 46.79 ? 108 MET A N   1 
ATOM   540  C CA  . MET A 1 108 ? 0.339   2.134   0.626   1.00 47.25 ? 108 MET A CA  1 
ATOM   541  C C   . MET A 1 108 ? 0.314   2.286   2.137   1.00 44.19 ? 108 MET A C   1 
ATOM   542  O O   . MET A 1 108 ? 0.506   3.362   2.657   1.00 45.41 ? 108 MET A O   1 
ATOM   543  C CB  . MET A 1 108 ? 1.740   1.715   0.181   1.00 47.58 ? 108 MET A CB  1 
ATOM   544  C CG  . MET A 1 108 ? 2.438   0.758   1.169   1.00 56.13 ? 108 MET A CG  1 
ATOM   545  S SD  . MET A 1 108 ? 4.006   0.032   0.620   1.00 63.72 ? 108 MET A SD  1 
ATOM   546  C CE  . MET A 1 108 ? 5.199   1.260   1.191   1.00 60.29 ? 108 MET A CE  1 
ATOM   547  N N   . LEU A 1 109 ? 0.203   1.173   2.823   1.00 45.93 ? 109 LEU A N   1 
ATOM   548  C CA  . LEU A 1 109 ? -0.051  1.156   4.247   1.00 48.70 ? 109 LEU A CA  1 
ATOM   549  C C   . LEU A 1 109 ? 0.817   0.000   4.753   1.00 48.73 ? 109 LEU A C   1 
ATOM   550  O O   . LEU A 1 109 ? 0.805   -1.080  4.139   1.00 51.41 ? 109 LEU A O   1 
ATOM   551  C CB  . LEU A 1 109 ? -1.545  0.849   4.429   1.00 49.31 ? 109 LEU A CB  1 
ATOM   552  C CG  . LEU A 1 109 ? -2.263  0.866   5.762   1.00 56.11 ? 109 LEU A CG  1 
ATOM   553  C CD1 . LEU A 1 109 ? -3.737  1.177   5.502   1.00 58.65 ? 109 LEU A CD1 1 
ATOM   554  C CD2 . LEU A 1 109 ? -2.108  -0.480  6.442   1.00 57.95 ? 109 LEU A CD2 1 
ATOM   555  N N   . VAL A 1 110 ? 1.699   0.255   5.726   1.00 46.71 ? 110 VAL A N   1 
ATOM   556  C CA  . VAL A 1 110 ? 2.496   -0.832  6.297   1.00 50.17 ? 110 VAL A CA  1 
ATOM   557  C C   . VAL A 1 110 ? 2.042   -1.158  7.705   1.00 52.88 ? 110 VAL A C   1 
ATOM   558  O O   . VAL A 1 110 ? 2.237   -0.361  8.630   1.00 50.49 ? 110 VAL A O   1 
ATOM   559  C CB  . VAL A 1 110 ? 4.020   -0.550  6.297   1.00 49.39 ? 110 VAL A CB  1 
ATOM   560  C CG1 . VAL A 1 110 ? 4.780   -1.749  6.887   1.00 50.83 ? 110 VAL A CG1 1 
ATOM   561  C CG2 . VAL A 1 110 ? 4.520   -0.282  4.870   1.00 49.78 ? 110 VAL A CG2 1 
ATOM   562  N N   . PRO A 1 111 ? 1.435   -2.333  7.881   1.00 55.14 ? 111 PRO A N   1 
ATOM   563  C CA  . PRO A 1 111 ? 1.035   -2.670  9.245   1.00 58.63 ? 111 PRO A CA  1 
ATOM   564  C C   . PRO A 1 111 ? 2.295   -2.769  10.105  1.00 63.55 ? 111 PRO A C   1 
ATOM   565  O O   . PRO A 1 111 ? 3.314   -3.266  9.636   1.00 64.20 ? 111 PRO A O   1 
ATOM   566  C CB  . PRO A 1 111 ? 0.361   -4.050  9.092   1.00 59.66 ? 111 PRO A CB  1 
ATOM   567  C CG  . PRO A 1 111 ? 0.258   -4.310  7.579   1.00 55.98 ? 111 PRO A CG  1 
ATOM   568  C CD  . PRO A 1 111 ? 1.355   -3.484  6.965   1.00 54.79 ? 111 PRO A CD  1 
ATOM   569  N N   . GLY A 1 112 ? 2.278   -2.154  11.283  1.00 67.32 ? 112 GLY A N   1 
ATOM   570  C CA  . GLY A 1 112 ? 3.464   -2.131  12.136  1.00 71.24 ? 112 GLY A CA  1 
ATOM   571  C C   . GLY A 1 112 ? 4.720   -1.841  11.331  1.00 74.68 ? 112 GLY A C   1 
ATOM   572  O O   . GLY A 1 112 ? 5.583   -2.718  11.164  1.00 74.69 ? 112 GLY A O   1 
ATOM   573  N N   . GLY A 1 113 ? 4.781   -0.637  10.759  1.00 76.20 ? 113 GLY A N   1 
ATOM   574  C CA  . GLY A 1 113 ? 5.999   -0.154  10.103  1.00 76.66 ? 113 GLY A CA  1 
ATOM   575  C C   . GLY A 1 113 ? 6.720   0.854   10.974  1.00 78.16 ? 113 GLY A C   1 
ATOM   576  O O   . GLY A 1 113 ? 7.469   1.696   10.476  1.00 79.56 ? 113 GLY A O   1 
ATOM   577  N N   . GLY B 1 23  ? -17.412 -17.608 -28.890 1.00 63.14 ? 23  GLY B N   1 
ATOM   578  C CA  . GLY B 1 23  ? -16.299 -16.621 -29.040 1.00 63.44 ? 23  GLY B CA  1 
ATOM   579  C C   . GLY B 1 23  ? -15.112 -16.942 -28.136 1.00 61.87 ? 23  GLY B C   1 
ATOM   580  O O   . GLY B 1 23  ? -15.050 -18.025 -27.538 1.00 63.02 ? 23  GLY B O   1 
ATOM   581  N N   . GLY B 1 24  ? -14.159 -16.015 -28.063 1.00 58.74 ? 24  GLY B N   1 
ATOM   582  C CA  . GLY B 1 24  ? -13.001 -16.149 -27.167 1.00 53.82 ? 24  GLY B CA  1 
ATOM   583  C C   . GLY B 1 24  ? -13.355 -16.416 -25.709 1.00 51.86 ? 24  GLY B C   1 
ATOM   584  O O   . GLY B 1 24  ? -14.511 -16.247 -25.292 1.00 48.06 ? 24  GLY B O   1 
ATOM   585  N N   . ASN B 1 25  ? -12.359 -16.823 -24.918 1.00 46.50 ? 25  ASN B N   1 
ATOM   586  C CA  . ASN B 1 25  ? -12.466 -16.742 -23.468 1.00 43.36 ? 25  ASN B CA  1 
ATOM   587  C C   . ASN B 1 25  ? -12.430 -15.260 -23.024 1.00 44.02 ? 25  ASN B C   1 
ATOM   588  O O   . ASN B 1 25  ? -11.644 -14.460 -23.543 1.00 40.96 ? 25  ASN B O   1 
ATOM   589  C CB  . ASN B 1 25  ? -11.341 -17.556 -22.801 1.00 42.31 ? 25  ASN B CB  1 
ATOM   590  C CG  . ASN B 1 25  ? -11.165 -18.957 -23.437 1.00 41.31 ? 25  ASN B CG  1 
ATOM   591  O OD1 . ASN B 1 25  ? -12.110 -19.548 -23.965 1.00 33.92 ? 25  ASN B OD1 1 
ATOM   592  N ND2 . ASN B 1 25  ? -9.991  -19.495 -23.321 1.00 41.37 ? 25  ASN B ND2 1 
ATOM   593  N N   . ILE B 1 26  ? -13.370 -14.865 -22.174 1.00 44.53 ? 26  ILE B N   1 
ATOM   594  C CA  . ILE B 1 26  ? -13.336 -13.516 -21.592 1.00 44.76 ? 26  ILE B CA  1 
ATOM   595  C C   . ILE B 1 26  ? -12.651 -13.601 -20.254 1.00 43.98 ? 26  ILE B C   1 
ATOM   596  O O   . ILE B 1 26  ? -12.975 -14.449 -19.442 1.00 42.05 ? 26  ILE B O   1 
ATOM   597  C CB  . ILE B 1 26  ? -14.758 -12.928 -21.375 1.00 46.82 ? 26  ILE B CB  1 
ATOM   598  C CG1 . ILE B 1 26  ? -15.495 -12.823 -22.710 1.00 50.17 ? 26  ILE B CG1 1 
ATOM   599  C CG2 . ILE B 1 26  ? -14.653 -11.529 -20.743 1.00 48.64 ? 26  ILE B CG2 1 
ATOM   600  C CD1 . ILE B 1 26  ? -17.003 -12.788 -22.567 1.00 59.71 ? 26  ILE B CD1 1 
ATOM   601  N N   . ILE B 1 27  ? -11.645 -12.764 -20.049 1.00 43.43 ? 27  ILE B N   1 
ATOM   602  C CA  . ILE B 1 27  ? -10.997 -12.714 -18.751 1.00 41.48 ? 27  ILE B CA  1 
ATOM   603  C C   . ILE B 1 27  ? -11.328 -11.377 -18.078 1.00 42.56 ? 27  ILE B C   1 
ATOM   604  O O   . ILE B 1 27  ? -10.809 -10.347 -18.481 1.00 40.21 ? 27  ILE B O   1 
ATOM   605  C CB  . ILE B 1 27  ? -9.482  -12.850 -18.926 1.00 40.71 ? 27  ILE B CB  1 
ATOM   606  C CG1 . ILE B 1 27  ? -9.175  -14.089 -19.819 1.00 45.11 ? 27  ILE B CG1 1 
ATOM   607  C CG2 . ILE B 1 27  ? -8.803  -12.947 -17.543 1.00 41.02 ? 27  ILE B CG2 1 
ATOM   608  C CD1 . ILE B 1 27  ? -7.712  -14.208 -20.347 1.00 39.72 ? 27  ILE B CD1 1 
ATOM   609  N N   . LEU B 1 28  ? -12.230 -11.396 -17.098 1.00 42.24 ? 28  LEU B N   1 
ATOM   610  C CA  . LEU B 1 28  ? -12.569 -10.180 -16.342 1.00 44.44 ? 28  LEU B CA  1 
ATOM   611  C C   . LEU B 1 28  ? -11.416 -9.812  -15.471 1.00 44.62 ? 28  LEU B C   1 
ATOM   612  O O   . LEU B 1 28  ? -10.714 -10.714 -14.939 1.00 45.27 ? 28  LEU B O   1 
ATOM   613  C CB  . LEU B 1 28  ? -13.806 -10.381 -15.456 1.00 45.67 ? 28  LEU B CB  1 
ATOM   614  C CG  . LEU B 1 28  ? -15.082 -10.865 -16.157 1.00 47.72 ? 28  LEU B CG  1 
ATOM   615  C CD1 . LEU B 1 28  ? -16.219 -11.027 -15.114 1.00 51.18 ? 28  LEU B CD1 1 
ATOM   616  C CD2 . LEU B 1 28  ? -15.479 -9.860  -17.270 1.00 41.51 ? 28  LEU B CD2 1 
ATOM   617  N N   . PRO B 1 29  ? -11.291 -8.502  -15.194 1.00 42.76 ? 29  PRO B N   1 
ATOM   618  C CA  . PRO B 1 29  ? -10.172 -8.035  -14.388 1.00 43.34 ? 29  PRO B CA  1 
ATOM   619  C C   . PRO B 1 29  ? -10.114 -8.672  -13.008 1.00 43.40 ? 29  PRO B C   1 
ATOM   620  O O   . PRO B 1 29  ? -9.048  -9.145  -12.596 1.00 43.47 ? 29  PRO B O   1 
ATOM   621  C CB  . PRO B 1 29  ? -10.401 -6.523  -14.318 1.00 43.98 ? 29  PRO B CB  1 
ATOM   622  C CG  . PRO B 1 29  ? -11.063 -6.214  -15.659 1.00 44.32 ? 29  PRO B CG  1 
ATOM   623  C CD  . PRO B 1 29  ? -11.909 -7.411  -15.985 1.00 39.05 ? 29  PRO B CD  1 
ATOM   624  N N   . LEU B 1 30  ? -11.245 -8.762  -12.315 1.00 43.44 ? 30  LEU B N   1 
ATOM   625  C CA  . LEU B 1 30  ? -11.208 -9.274  -10.939 1.00 45.70 ? 30  LEU B CA  1 
ATOM   626  C C   . LEU B 1 30  ? -10.965 -10.781 -10.914 1.00 44.65 ? 30  LEU B C   1 
ATOM   627  O O   . LEU B 1 30  ? -10.365 -11.312 -9.976  1.00 47.30 ? 30  LEU B O   1 
ATOM   628  C CB  . LEU B 1 30  ? -12.498 -8.927  -10.188 1.00 44.45 ? 30  LEU B CB  1 
ATOM   629  C CG  . LEU B 1 30  ? -12.717 -7.418  -9.959  1.00 44.97 ? 30  LEU B CG  1 
ATOM   630  C CD1 . LEU B 1 30  ? -14.148 -7.186  -9.273  1.00 38.32 ? 30  LEU B CD1 1 
ATOM   631  C CD2 . LEU B 1 30  ? -11.558 -6.840  -9.119  1.00 42.90 ? 30  LEU B CD2 1 
ATOM   632  N N   . ALA B 1 31  ? -11.418 -11.472 -11.949 1.00 43.83 ? 31  ALA B N   1 
ATOM   633  C CA  . ALA B 1 31  ? -11.066 -12.898 -12.115 1.00 42.46 ? 31  ALA B CA  1 
ATOM   634  C C   . ALA B 1 31  ? -9.557  -13.138 -12.373 1.00 41.73 ? 31  ALA B C   1 
ATOM   635  O O   . ALA B 1 31  ? -8.951  -14.039 -11.790 1.00 47.14 ? 31  ALA B O   1 
ATOM   636  C CB  . ALA B 1 31  ? -11.935 -13.537 -13.211 1.00 44.09 ? 31  ALA B CB  1 
ATOM   637  N N   . LEU B 1 32  ? -8.923  -12.274 -13.155 1.00 40.93 ? 32  LEU B N   1 
ATOM   638  C CA  . LEU B 1 32  ? -7.477  -12.343 -13.361 1.00 41.71 ? 32  LEU B CA  1 
ATOM   639  C C   . LEU B 1 32  ? -6.733  -12.252 -12.029 1.00 43.04 ? 32  LEU B C   1 
ATOM   640  O O   . LEU B 1 32  ? -5.872  -13.087 -11.731 1.00 40.30 ? 32  LEU B O   1 
ATOM   641  C CB  . LEU B 1 32  ? -7.001  -11.210 -14.291 1.00 41.95 ? 32  LEU B CB  1 
ATOM   642  C CG  . LEU B 1 32  ? -5.500  -11.290 -14.612 1.00 42.31 ? 32  LEU B CG  1 
ATOM   643  C CD1 . LEU B 1 32  ? -5.223  -12.566 -15.448 1.00 46.00 ? 32  LEU B CD1 1 
ATOM   644  C CD2 . LEU B 1 32  ? -5.052  -10.093 -15.392 1.00 44.04 ? 32  LEU B CD2 1 
ATOM   645  N N   . ILE B 1 33  ? -7.114  -11.265 -11.210 1.00 40.54 ? 33  ILE B N   1 
ATOM   646  C CA  . ILE B 1 33  ? -6.471  -11.056 -9.903  1.00 41.58 ? 33  ILE B CA  1 
ATOM   647  C C   . ILE B 1 33  ? -6.740  -12.260 -9.003  1.00 43.10 ? 33  ILE B C   1 
ATOM   648  O O   . ILE B 1 33  ? -5.880  -12.711 -8.268  1.00 40.46 ? 33  ILE B O   1 
ATOM   649  C CB  . ILE B 1 33  ? -6.996  -9.747  -9.189  1.00 40.20 ? 33  ILE B CB  1 
ATOM   650  C CG1 . ILE B 1 33  ? -6.850  -8.517  -10.120 1.00 38.23 ? 33  ILE B CG1 1 
ATOM   651  C CG2 . ILE B 1 33  ? -6.215  -9.504  -7.884  1.00 36.74 ? 33  ILE B CG2 1 
ATOM   652  C CD1 . ILE B 1 33  ? -7.343  -7.110  -9.468  1.00 35.21 ? 33  ILE B CD1 1 
ATOM   653  N N   . ASP B 1 34  ? -7.976  -12.725 -8.994  1.00 45.39 ? 34  ASP B N   1 
ATOM   654  C CA  . ASP B 1 34  ? -8.288  -13.910 -8.222  1.00 47.13 ? 34  ASP B CA  1 
ATOM   655  C C   . ASP B 1 34  ? -7.328  -15.068 -8.507  1.00 48.53 ? 34  ASP B C   1 
ATOM   656  O O   . ASP B 1 34  ? -6.811  -15.701 -7.585  1.00 48.31 ? 34  ASP B O   1 
ATOM   657  C CB  . ASP B 1 34  ? -9.706  -14.348 -8.514  1.00 51.34 ? 34  ASP B CB  1 
ATOM   658  C CG  . ASP B 1 34  ? -10.391 -14.830 -7.298  1.00 56.28 ? 34  ASP B CG  1 
ATOM   659  O OD1 . ASP B 1 34  ? -9.997  -15.908 -6.804  1.00 60.41 ? 34  ASP B OD1 1 
ATOM   660  O OD2 . ASP B 1 34  ? -11.195 -14.050 -6.743  1.00 66.62 ? 34  ASP B OD2 1 
ATOM   661  N N   . LYS B 1 35  ? -7.058  -15.315 -9.784  1.00 48.30 ? 35  LYS B N   1 
ATOM   662  C CA  . LYS B 1 35  ? -6.118  -16.352 -10.159 1.00 51.08 ? 35  LYS B CA  1 
ATOM   663  C C   . LYS B 1 35  ? -4.703  -16.139 -9.647  1.00 52.50 ? 35  LYS B C   1 
ATOM   664  O O   . LYS B 1 35  ? -3.886  -17.087 -9.601  1.00 51.14 ? 35  LYS B O   1 
ATOM   665  C CB  . LYS B 1 35  ? -6.136  -16.566 -11.675 1.00 51.39 ? 35  LYS B CB  1 
ATOM   666  C CG  . LYS B 1 35  ? -7.156  -17.612 -12.073 1.00 53.14 ? 35  LYS B CG  1 
ATOM   667  N N   . CYS B 1 36  ? -4.408  -14.908 -9.241  1.00 51.37 ? 36  CYS B N   1 
ATOM   668  C CA  . CYS B 1 36  ? -3.055  -14.573 -8.774  1.00 52.24 ? 36  CYS B CA  1 
ATOM   669  C C   . CYS B 1 36  ? -2.763  -14.925 -7.323  1.00 48.59 ? 36  CYS B C   1 
ATOM   670  O O   . CYS B 1 36  ? -1.663  -14.721 -6.877  1.00 47.86 ? 36  CYS B O   1 
ATOM   671  C CB  . CYS B 1 36  ? -2.774  -13.090 -8.988  1.00 50.55 ? 36  CYS B CB  1 
ATOM   672  S SG  . CYS B 1 36  ? -2.555  -12.756 -10.691 1.00 53.54 ? 36  CYS B SG  1 
ATOM   673  N N   . ILE B 1 37  ? -3.803  -15.191 -6.547  1.00 49.79 ? 37  ILE B N   1 
ATOM   674  C CA  . ILE B 1 37  ? -3.657  -15.457 -5.112  1.00 51.37 ? 37  ILE B CA  1 
ATOM   675  C C   . ILE B 1 37  ? -2.666  -16.608 -4.854  1.00 52.71 ? 37  ILE B C   1 
ATOM   676  O O   . ILE B 1 37  ? -2.667  -17.610 -5.579  1.00 49.28 ? 37  ILE B O   1 
ATOM   677  C CB  . ILE B 1 37  ? -5.065  -15.767 -4.465  1.00 54.28 ? 37  ILE B CB  1 
ATOM   678  C CG1 . ILE B 1 37  ? -5.970  -14.527 -4.578  1.00 53.61 ? 37  ILE B CG1 1 
ATOM   679  C CG2 . ILE B 1 37  ? -4.930  -16.179 -3.004  1.00 55.20 ? 37  ILE B CG2 1 
ATOM   680  C CD1 . ILE B 1 37  ? -7.350  -14.706 -3.985  1.00 55.44 ? 37  ILE B CD1 1 
ATOM   681  N N   . GLY B 1 38  ? -1.748  -16.402 -3.901  1.00 54.03 ? 38  GLY B N   1 
ATOM   682  C CA  . GLY B 1 38  ? -0.676  -17.361 -3.624  1.00 53.01 ? 38  GLY B CA  1 
ATOM   683  C C   . GLY B 1 38  ? 0.564   -17.142 -4.480  1.00 54.49 ? 38  GLY B C   1 
ATOM   684  O O   . GLY B 1 38  ? 1.629   -17.694 -4.199  1.00 51.44 ? 38  GLY B O   1 
ATOM   685  N N   . ASN B 1 39  ? 0.431   -16.359 -5.546  1.00 52.32 ? 39  ASN B N   1 
ATOM   686  C CA  . ASN B 1 39  ? 1.547   -16.194 -6.488  1.00 52.62 ? 39  ASN B CA  1 
ATOM   687  C C   . ASN B 1 39  ? 2.237   -14.867 -6.272  1.00 50.41 ? 39  ASN B C   1 
ATOM   688  O O   . ASN B 1 39  ? 1.615   -13.918 -5.816  1.00 50.63 ? 39  ASN B O   1 
ATOM   689  C CB  . ASN B 1 39  ? 1.040   -16.276 -7.933  1.00 53.80 ? 39  ASN B CB  1 
ATOM   690  C CG  . ASN B 1 39  ? 0.468   -17.654 -8.276  1.00 57.02 ? 39  ASN B CG  1 
ATOM   691  O OD1 . ASN B 1 39  ? 0.607   -18.601 -7.507  1.00 59.57 ? 39  ASN B OD1 1 
ATOM   692  N ND2 . ASN B 1 39  ? -0.183  -17.759 -9.424  1.00 57.21 ? 39  ASN B ND2 1 
ATOM   693  N N   . ARG B 1 40  ? 3.517   -14.800 -6.615  1.00 50.50 ? 40  ARG B N   1 
ATOM   694  C CA  . ARG B 1 40  ? 4.237   -13.554 -6.597  1.00 50.49 ? 40  ARG B CA  1 
ATOM   695  C C   . ARG B 1 40  ? 3.819   -12.705 -7.804  1.00 49.64 ? 40  ARG B C   1 
ATOM   696  O O   . ARG B 1 40  ? 3.835   -13.190 -8.935  1.00 50.36 ? 40  ARG B O   1 
ATOM   697  C CB  . ARG B 1 40  ? 5.741   -13.813 -6.612  1.00 51.39 ? 40  ARG B CB  1 
ATOM   698  C CG  . ARG B 1 40  ? 6.574   -12.565 -6.918  1.00 55.15 ? 40  ARG B CG  1 
ATOM   699  C CD  . ARG B 1 40  ? 7.986   -12.715 -6.374  1.00 62.52 ? 40  ARG B CD  1 
ATOM   700  N NE  . ARG B 1 40  ? 8.060   -12.279 -4.983  1.00 71.31 ? 40  ARG B NE  1 
ATOM   701  C CZ  . ARG B 1 40  ? 8.349   -13.079 -3.964  1.00 72.80 ? 40  ARG B CZ  1 
ATOM   702  N NH1 . ARG B 1 40  ? 8.632   -14.358 -4.184  1.00 77.53 ? 40  ARG B NH1 1 
ATOM   703  N NH2 . ARG B 1 40  ? 8.391   -12.594 -2.730  1.00 66.03 ? 40  ARG B NH2 1 
ATOM   704  N N   . ILE B 1 41  ? 3.288   -11.507 -7.555  1.00 42.40 ? 41  ILE B N   1 
ATOM   705  C CA  . ILE B 1 41  ? 2.878   -10.633 -8.675  1.00 43.13 ? 41  ILE B CA  1 
ATOM   706  C C   . ILE B 1 41  ? 3.730   -9.382  -8.708  1.00 43.32 ? 41  ILE B C   1 
ATOM   707  O O   . ILE B 1 41  ? 4.461   -9.108  -7.773  1.00 45.18 ? 41  ILE B O   1 
ATOM   708  C CB  . ILE B 1 41  ? 1.402   -10.219 -8.614  1.00 39.38 ? 41  ILE B CB  1 
ATOM   709  C CG1 . ILE B 1 41  ? 1.090   -9.540  -7.286  1.00 44.37 ? 41  ILE B CG1 1 
ATOM   710  C CG2 . ILE B 1 41  ? 0.439   -11.457 -8.913  1.00 47.41 ? 41  ILE B CG2 1 
ATOM   711  C CD1 . ILE B 1 41  ? -0.234  -8.844  -7.277  1.00 40.55 ? 41  ILE B CD1 1 
ATOM   712  N N   . TYR B 1 42  ? 3.637   -8.619  -9.786  1.00 45.04 ? 42  TYR B N   1 
ATOM   713  C CA  . TYR B 1 42  ? 4.333   -7.333  -9.863  1.00 43.55 ? 42  TYR B CA  1 
ATOM   714  C C   . TYR B 1 42  ? 3.317   -6.239  -10.074 1.00 43.77 ? 42  TYR B C   1 
ATOM   715  O O   . TYR B 1 42  ? 2.502   -6.306  -11.004 1.00 43.27 ? 42  TYR B O   1 
ATOM   716  C CB  . TYR B 1 42  ? 5.309   -7.339  -11.035 1.00 47.79 ? 42  TYR B CB  1 
ATOM   717  C CG  . TYR B 1 42  ? 6.412   -6.313  -10.917 1.00 48.37 ? 42  TYR B CG  1 
ATOM   718  C CD1 . TYR B 1 42  ? 7.542   -6.558  -10.123 1.00 50.57 ? 42  TYR B CD1 1 
ATOM   719  C CD2 . TYR B 1 42  ? 6.339   -5.111  -11.602 1.00 49.20 ? 42  TYR B CD2 1 
ATOM   720  C CE1 . TYR B 1 42  ? 8.569   -5.613  -10.021 1.00 48.60 ? 42  TYR B CE1 1 
ATOM   721  C CE2 . TYR B 1 42  ? 7.375   -4.188  -11.537 1.00 51.67 ? 42  TYR B CE2 1 
ATOM   722  C CZ  . TYR B 1 42  ? 8.468   -4.433  -10.710 1.00 47.84 ? 42  TYR B CZ  1 
ATOM   723  O OH  . TYR B 1 42  ? 9.473   -3.487  -10.620 1.00 48.21 ? 42  TYR B OH  1 
ATOM   724  N N   . VAL B 1 43  ? 3.361   -5.224  -9.219  1.00 41.68 ? 43  VAL B N   1 
ATOM   725  C CA  . VAL B 1 43  ? 2.372   -4.141  -9.262  1.00 43.38 ? 43  VAL B CA  1 
ATOM   726  C C   . VAL B 1 43  ? 3.090   -2.839  -9.526  1.00 45.22 ? 43  VAL B C   1 
ATOM   727  O O   . VAL B 1 43  ? 4.029   -2.490  -8.805  1.00 48.92 ? 43  VAL B O   1 
ATOM   728  C CB  . VAL B 1 43  ? 1.615   -4.023  -7.918  1.00 41.64 ? 43  VAL B CB  1 
ATOM   729  C CG1 . VAL B 1 43  ? 0.517   -2.951  -8.004  1.00 39.18 ? 43  VAL B CG1 1 
ATOM   730  C CG2 . VAL B 1 43  ? 0.998   -5.381  -7.557  1.00 46.44 ? 43  VAL B CG2 1 
ATOM   731  N N   . VAL B 1 44  ? 2.704   -2.154  -10.595 1.00 44.30 ? 44  VAL B N   1 
ATOM   732  C CA  . VAL B 1 44  ? 3.186   -0.807  -10.822 1.00 44.62 ? 44  VAL B CA  1 
ATOM   733  C C   . VAL B 1 44  ? 2.183   0.208   -10.335 1.00 43.76 ? 44  VAL B C   1 
ATOM   734  O O   . VAL B 1 44  ? 1.010   0.096   -10.649 1.00 44.33 ? 44  VAL B O   1 
ATOM   735  C CB  . VAL B 1 44  ? 3.453   -0.567  -12.296 1.00 46.31 ? 44  VAL B CB  1 
ATOM   736  C CG1 . VAL B 1 44  ? 3.962   0.850   -12.498 1.00 44.17 ? 44  VAL B CG1 1 
ATOM   737  C CG2 . VAL B 1 44  ? 4.455   -1.625  -12.836 1.00 41.20 ? 44  VAL B CG2 1 
ATOM   738  N N   . MET B 1 45  ? 2.589   1.048   -9.383  1.00 44.98 ? 45  MET B N   1 
ATOM   739  C CA  . MET B 1 45  ? 1.672   2.007   -8.771  1.00 46.17 ? 45  MET B CA  1 
ATOM   740  C C   . MET B 1 45  ? 1.911   3.333   -9.477  1.00 49.15 ? 45  MET B C   1 
ATOM   741  O O   . MET B 1 45  ? 3.010   3.572   -9.960  1.00 50.60 ? 45  MET B O   1 
ATOM   742  C CB  . MET B 1 45  ? 2.015   2.162   -7.271  1.00 48.38 ? 45  MET B CB  1 
ATOM   743  C CG  . MET B 1 45  ? 1.920   0.877   -6.453  1.00 40.48 ? 45  MET B CG  1 
ATOM   744  S SD  . MET B 1 45  ? 0.225   0.298   -6.342  1.00 41.86 ? 45  MET B SD  1 
ATOM   745  C CE  . MET B 1 45  ? -0.484  1.426   -5.102  1.00 37.45 ? 45  MET B CE  1 
ATOM   746  N N   . LYS B 1 46  ? 0.926   4.217   -9.510  1.00 52.57 ? 46  LYS B N   1 
ATOM   747  C CA  . LYS B 1 46  ? 1.190   5.584   -10.004 1.00 57.28 ? 46  LYS B CA  1 
ATOM   748  C C   . LYS B 1 46  ? 2.304   6.256   -9.198  1.00 60.66 ? 46  LYS B C   1 
ATOM   749  O O   . LYS B 1 46  ? 2.357   6.138   -7.966  1.00 61.91 ? 46  LYS B O   1 
ATOM   750  C CB  . LYS B 1 46  ? -0.065  6.439   -9.918  1.00 57.92 ? 46  LYS B CB  1 
ATOM   751  C CG  . LYS B 1 46  ? -1.116  6.128   -10.969 1.00 56.65 ? 46  LYS B CG  1 
ATOM   752  C CD  . LYS B 1 46  ? -2.410  6.869   -10.630 1.00 59.01 ? 46  LYS B CD  1 
ATOM   753  C CE  . LYS B 1 46  ? -3.474  5.910   -10.148 1.00 59.25 ? 46  LYS B CE  1 
ATOM   754  N NZ  . LYS B 1 46  ? -4.798  6.575   -9.973  1.00 56.20 ? 46  LYS B NZ  1 
ATOM   755  N N   . GLY B 1 47  ? 3.187   6.972   -9.884  1.00 61.83 ? 47  GLY B N   1 
ATOM   756  C CA  . GLY B 1 47  ? 4.112   7.860   -9.194  1.00 63.20 ? 47  GLY B CA  1 
ATOM   757  C C   . GLY B 1 47  ? 5.428   7.150   -9.017  1.00 64.39 ? 47  GLY B C   1 
ATOM   758  O O   . GLY B 1 47  ? 6.128   7.343   -8.013  1.00 65.70 ? 47  GLY B O   1 
ATOM   759  N N   . ASP B 1 48  ? 5.719   6.268   -9.967  1.00 62.63 ? 48  ASP B N   1 
ATOM   760  C CA  . ASP B 1 48  ? 7.036   5.673   -10.121 1.00 63.37 ? 48  ASP B CA  1 
ATOM   761  C C   . ASP B 1 48  ? 7.462   4.806   -8.938  1.00 60.19 ? 48  ASP B C   1 
ATOM   762  O O   . ASP B 1 48  ? 8.652   4.754   -8.599  1.00 59.48 ? 48  ASP B O   1 
ATOM   763  C CB  . ASP B 1 48  ? 8.094   6.755   -10.398 1.00 65.82 ? 48  ASP B CB  1 
ATOM   764  C CG  . ASP B 1 48  ? 7.818   7.521   -11.679 1.00 69.63 ? 48  ASP B CG  1 
ATOM   765  O OD1 . ASP B 1 48  ? 7.352   6.897   -12.660 1.00 74.33 ? 48  ASP B OD1 1 
ATOM   766  O OD2 . ASP B 1 48  ? 8.033   8.750   -11.691 1.00 68.76 ? 48  ASP B OD2 1 
ATOM   767  N N   . LYS B 1 49  ? 6.506   4.096   -8.339  1.00 54.65 ? 49  LYS B N   1 
ATOM   768  C CA  . LYS B 1 49  ? 6.836   3.097   -7.314  1.00 51.57 ? 49  LYS B CA  1 
ATOM   769  C C   . LYS B 1 49  ? 6.337   1.718   -7.725  1.00 49.34 ? 49  LYS B C   1 
ATOM   770  O O   . LYS B 1 49  ? 5.208   1.573   -8.150  1.00 48.07 ? 49  LYS B O   1 
ATOM   771  C CB  . LYS B 1 49  ? 6.230   3.487   -5.964  1.00 52.59 ? 49  LYS B CB  1 
ATOM   772  N N   . GLU B 1 50  ? 7.152   0.693   -7.527  1.00 48.23 ? 50  GLU B N   1 
ATOM   773  C CA  . GLU B 1 50  ? 6.820   -0.631  -8.043  1.00 47.19 ? 50  GLU B CA  1 
ATOM   774  C C   . GLU B 1 50  ? 7.080   -1.673  -6.987  1.00 46.90 ? 50  GLU B C   1 
ATOM   775  O O   . GLU B 1 50  ? 7.958   -1.492  -6.160  1.00 48.75 ? 50  GLU B O   1 
ATOM   776  C CB  . GLU B 1 50  ? 7.612   -0.931  -9.308  1.00 44.78 ? 50  GLU B CB  1 
ATOM   777  C CG  . GLU B 1 50  ? 7.272   0.023   -10.420 1.00 49.00 ? 50  GLU B CG  1 
ATOM   778  C CD  . GLU B 1 50  ? 8.039   -0.213  -11.703 1.00 52.55 ? 50  GLU B CD  1 
ATOM   779  O OE1 . GLU B 1 50  ? 8.848   -1.172  -11.795 1.00 58.53 ? 50  GLU B OE1 1 
ATOM   780  O OE2 . GLU B 1 50  ? 7.835   0.593   -12.613 1.00 48.89 ? 50  GLU B OE2 1 
ATOM   781  N N   . PHE B 1 51  ? 6.209   -2.675  -6.926  1.00 43.75 ? 51  PHE B N   1 
ATOM   782  C CA  . PHE B 1 51  ? 6.322   -3.736  -5.960  1.00 44.06 ? 51  PHE B CA  1 
ATOM   783  C C   . PHE B 1 51  ? 6.219   -5.150  -6.578  1.00 45.97 ? 51  PHE B C   1 
ATOM   784  O O   . PHE B 1 51  ? 5.431   -5.387  -7.501  1.00 45.68 ? 51  PHE B O   1 
ATOM   785  C CB  . PHE B 1 51  ? 5.264   -3.575  -4.869  1.00 41.98 ? 51  PHE B CB  1 
ATOM   786  C CG  . PHE B 1 51  ? 5.285   -2.220  -4.185  1.00 37.96 ? 51  PHE B CG  1 
ATOM   787  C CD1 . PHE B 1 51  ? 4.652   -1.128  -4.762  1.00 34.74 ? 51  PHE B CD1 1 
ATOM   788  C CD2 . PHE B 1 51  ? 5.948   -2.044  -2.969  1.00 46.51 ? 51  PHE B CD2 1 
ATOM   789  C CE1 . PHE B 1 51  ? 4.675   0.134   -4.148  1.00 40.33 ? 51  PHE B CE1 1 
ATOM   790  C CE2 . PHE B 1 51  ? 5.994   -0.782  -2.338  1.00 45.24 ? 51  PHE B CE2 1 
ATOM   791  C CZ  . PHE B 1 51  ? 5.353   0.309   -2.931  1.00 41.48 ? 51  PHE B CZ  1 
ATOM   792  N N   . SER B 1 52  ? 6.954   -6.081  -5.975  1.00 44.24 ? 52  SER B N   1 
ATOM   793  C CA  . SER B 1 52  ? 6.887   -7.506  -6.262  1.00 44.66 ? 52  SER B CA  1 
ATOM   794  C C   . SER B 1 52  ? 6.514   -8.122  -4.945  1.00 45.32 ? 52  SER B C   1 
ATOM   795  O O   . SER B 1 52  ? 7.093   -7.780  -3.923  1.00 43.30 ? 52  SER B O   1 
ATOM   796  C CB  . SER B 1 52  ? 8.272   -8.055  -6.620  1.00 44.51 ? 52  SER B CB  1 
ATOM   797  O OG  . SER B 1 52  ? 8.274   -9.474  -6.504  1.00 47.30 ? 52  SER B OG  1 
ATOM   798  N N   . GLY B 1 53  ? 5.489   -8.959  -4.933  1.00 45.40 ? 53  GLY B N   1 
ATOM   799  C CA  . GLY B 1 53  ? 5.027   -9.481  -3.655  1.00 44.93 ? 53  GLY B CA  1 
ATOM   800  C C   . GLY B 1 53  ? 4.123   -10.663 -3.916  1.00 45.12 ? 53  GLY B C   1 
ATOM   801  O O   . GLY B 1 53  ? 3.561   -10.791 -4.996  1.00 47.37 ? 53  GLY B O   1 
ATOM   802  N N   . VAL B 1 54  ? 3.898   -11.475 -2.901  1.00 43.98 ? 54  VAL B N   1 
ATOM   803  C CA  . VAL B 1 54  ? 2.956   -12.576 -3.046  1.00 45.47 ? 54  VAL B CA  1 
ATOM   804  C C   . VAL B 1 54  ? 1.582   -12.111 -2.630  1.00 43.25 ? 54  VAL B C   1 
ATOM   805  O O   . VAL B 1 54  ? 1.421   -11.595 -1.557  1.00 45.68 ? 54  VAL B O   1 
ATOM   806  C CB  . VAL B 1 54  ? 3.389   -13.808 -2.181  1.00 45.95 ? 54  VAL B CB  1 
ATOM   807  C CG1 . VAL B 1 54  ? 2.372   -14.930 -2.308  1.00 38.40 ? 54  VAL B CG1 1 
ATOM   808  C CG2 . VAL B 1 54  ? 4.794   -14.283 -2.598  1.00 44.25 ? 54  VAL B CG2 1 
ATOM   809  N N   . LEU B 1 55  ? 0.568   -12.408 -3.427  1.00 46.78 ? 55  LEU B N   1 
ATOM   810  C CA  . LEU B 1 55  ? -0.754  -11.794 -3.230  1.00 46.68 ? 55  LEU B CA  1 
ATOM   811  C C   . LEU B 1 55  ? -1.553  -12.655 -2.266  1.00 48.69 ? 55  LEU B C   1 
ATOM   812  O O   . LEU B 1 55  ? -1.647  -13.887 -2.463  1.00 48.49 ? 55  LEU B O   1 
ATOM   813  C CB  . LEU B 1 55  ? -1.514  -11.703 -4.571  1.00 44.80 ? 55  LEU B CB  1 
ATOM   814  C CG  . LEU B 1 55  ? -2.957  -11.159 -4.534  1.00 44.17 ? 55  LEU B CG  1 
ATOM   815  C CD1 . LEU B 1 55  ? -3.022  -9.646  -4.151  1.00 42.87 ? 55  LEU B CD1 1 
ATOM   816  C CD2 . LEU B 1 55  ? -3.614  -11.379 -5.888  1.00 33.57 ? 55  LEU B CD2 1 
ATOM   817  N N   . ARG B 1 56  ? -2.131  -12.019 -1.245  1.00 47.66 ? 56  ARG B N   1 
ATOM   818  C CA  . ARG B 1 56  ? -2.892  -12.734 -0.200  1.00 50.34 ? 56  ARG B CA  1 
ATOM   819  C C   . ARG B 1 56  ? -4.366  -12.402 -0.221  1.00 48.42 ? 56  ARG B C   1 
ATOM   820  O O   . ARG B 1 56  ? -5.188  -13.171 0.272   1.00 52.60 ? 56  ARG B O   1 
ATOM   821  C CB  . ARG B 1 56  ? -2.333  -12.463 1.202   1.00 50.86 ? 56  ARG B CB  1 
ATOM   822  C CG  . ARG B 1 56  ? -0.825  -12.426 1.265   1.00 50.51 ? 56  ARG B CG  1 
ATOM   823  C CD  . ARG B 1 56  ? -0.208  -13.765 0.892   1.00 55.31 ? 56  ARG B CD  1 
ATOM   824  N NE  . ARG B 1 56  ? -0.858  -14.881 1.579   1.00 62.48 ? 56  ARG B NE  1 
ATOM   825  N N   . GLY B 1 57  ? -4.710  -11.266 -0.801  1.00 46.63 ? 57  GLY B N   1 
ATOM   826  C CA  . GLY B 1 57  ? -6.122  -10.870 -0.887  1.00 47.70 ? 57  GLY B CA  1 
ATOM   827  C C   . GLY B 1 57  ? -6.306  -9.601  -1.686  1.00 44.80 ? 57  GLY B C   1 
ATOM   828  O O   . GLY B 1 57  ? -5.355  -8.857  -1.922  1.00 44.09 ? 57  GLY B O   1 
ATOM   829  N N   . PHE B 1 58  ? -7.538  -9.312  -2.043  1.00 45.07 ? 58  PHE B N   1 
ATOM   830  C CA  . PHE B 1 58  ? -7.818  -8.134  -2.839  1.00 47.95 ? 58  PHE B CA  1 
ATOM   831  C C   . PHE B 1 58  ? -9.295  -7.855  -2.675  1.00 47.69 ? 58  PHE B C   1 
ATOM   832  O O   . PHE B 1 58  ? -10.048 -8.758  -2.335  1.00 49.04 ? 58  PHE B O   1 
ATOM   833  C CB  . PHE B 1 58  ? -7.461  -8.393  -4.322  1.00 47.55 ? 58  PHE B CB  1 
ATOM   834  C CG  . PHE B 1 58  ? -8.367  -9.374  -5.005  1.00 47.44 ? 58  PHE B CG  1 
ATOM   835  C CD1 . PHE B 1 58  ? -9.413  -8.930  -5.808  1.00 49.11 ? 58  PHE B CD1 1 
ATOM   836  C CD2 . PHE B 1 58  ? -8.161  -10.749 -4.869  1.00 49.59 ? 58  PHE B CD2 1 
ATOM   837  C CE1 . PHE B 1 58  ? -10.232 -9.842  -6.494  1.00 53.74 ? 58  PHE B CE1 1 
ATOM   838  C CE2 . PHE B 1 58  ? -8.998  -11.675 -5.544  1.00 48.77 ? 58  PHE B CE2 1 
ATOM   839  C CZ  . PHE B 1 58  ? -10.031 -11.215 -6.342  1.00 45.60 ? 58  PHE B CZ  1 
ATOM   840  N N   . ASP B 1 59  ? -9.740  -6.648  -2.992  1.00 44.72 ? 59  ASP B N   1 
ATOM   841  C CA  . ASP B 1 59  ? -11.173 -6.439  -3.094  1.00 47.40 ? 59  ASP B CA  1 
ATOM   842  C C   . ASP B 1 59  ? -11.593 -5.799  -4.420  1.00 47.47 ? 59  ASP B C   1 
ATOM   843  O O   . ASP B 1 59  ? -10.772 -5.594  -5.319  1.00 48.05 ? 59  ASP B O   1 
ATOM   844  C CB  . ASP B 1 59  ? -11.717 -5.658  -1.882  1.00 44.97 ? 59  ASP B CB  1 
ATOM   845  C CG  . ASP B 1 59  ? -11.009 -4.358  -1.681  1.00 50.88 ? 59  ASP B CG  1 
ATOM   846  O OD1 . ASP B 1 59  ? -10.490 -3.812  -2.684  1.00 45.36 ? 59  ASP B OD1 1 
ATOM   847  O OD2 . ASP B 1 59  ? -11.007 -3.855  -0.526  1.00 58.91 ? 59  ASP B OD2 1 
ATOM   848  N N   . GLU B 1 60  ? -12.862 -5.430  -4.498  1.00 45.98 ? 60  GLU B N   1 
ATOM   849  C CA  . GLU B 1 60  ? -13.453 -4.893  -5.714  1.00 47.91 ? 60  GLU B CA  1 
ATOM   850  C C   . GLU B 1 60  ? -12.809 -3.568  -6.110  1.00 46.36 ? 60  GLU B C   1 
ATOM   851  O O   . GLU B 1 60  ? -12.891 -3.173  -7.256  1.00 48.51 ? 60  GLU B O   1 
ATOM   852  C CB  . GLU B 1 60  ? -14.959 -4.680  -5.503  1.00 49.07 ? 60  GLU B CB  1 
ATOM   853  C CG  . GLU B 1 60  ? -15.286 -3.443  -4.665  1.00 54.62 ? 60  GLU B CG  1 
ATOM   854  C CD  . GLU B 1 60  ? -16.745 -3.387  -4.208  1.00 69.24 ? 60  GLU B CD  1 
ATOM   855  O OE1 . GLU B 1 60  ? -17.118 -4.124  -3.260  1.00 70.52 ? 60  GLU B OE1 1 
ATOM   856  O OE2 . GLU B 1 60  ? -17.496 -2.544  -4.745  1.00 70.39 ? 60  GLU B OE2 1 
ATOM   857  N N   . TYR B 1 61  ? -12.184 -2.877  -5.158  1.00 46.36 ? 61  TYR B N   1 
ATOM   858  C CA  . TYR B 1 61  ? -11.502 -1.623  -5.470  1.00 45.87 ? 61  TYR B CA  1 
ATOM   859  C C   . TYR B 1 61  ? -10.086 -1.872  -5.954  1.00 42.29 ? 61  TYR B C   1 
ATOM   860  O O   . TYR B 1 61  ? -9.317  -0.942  -6.126  1.00 39.43 ? 61  TYR B O   1 
ATOM   861  C CB  . TYR B 1 61  ? -11.467 -0.688  -4.243  1.00 49.40 ? 61  TYR B CB  1 
ATOM   862  C CG  . TYR B 1 61  ? -12.822 -0.423  -3.601  1.00 55.85 ? 61  TYR B CG  1 
ATOM   863  C CD1 . TYR B 1 61  ? -13.259 -1.178  -2.523  1.00 60.47 ? 61  TYR B CD1 1 
ATOM   864  C CD2 . TYR B 1 61  ? -13.630 0.619   -4.046  1.00 67.24 ? 61  TYR B CD2 1 
ATOM   865  C CE1 . TYR B 1 61  ? -14.472 -0.903  -1.890  1.00 67.56 ? 61  TYR B CE1 1 
ATOM   866  C CE2 . TYR B 1 61  ? -14.851 0.904   -3.419  1.00 69.60 ? 61  TYR B CE2 1 
ATOM   867  C CZ  . TYR B 1 61  ? -15.275 0.114   -2.368  1.00 65.37 ? 61  TYR B CZ  1 
ATOM   868  O OH  . TYR B 1 61  ? -16.494 0.351   -1.780  1.00 63.41 ? 61  TYR B OH  1 
ATOM   869  N N   . VAL B 1 62  ? -9.692  -3.135  -6.053  1.00 41.80 ? 62  VAL B N   1 
ATOM   870  C CA  . VAL B 1 62  ? -8.308  -3.437  -6.391  1.00 39.38 ? 62  VAL B CA  1 
ATOM   871  C C   . VAL B 1 62  ? -7.317  -2.961  -5.331  1.00 39.35 ? 62  VAL B C   1 
ATOM   872  O O   . VAL B 1 62  ? -6.125  -2.783  -5.622  1.00 40.05 ? 62  VAL B O   1 
ATOM   873  C CB  . VAL B 1 62  ? -7.928  -2.885  -7.793  1.00 41.01 ? 62  VAL B CB  1 
ATOM   874  C CG1 . VAL B 1 62  ? -6.547  -3.453  -8.243  1.00 40.96 ? 62  VAL B CG1 1 
ATOM   875  C CG2 . VAL B 1 62  ? -9.017  -3.301  -8.829  1.00 37.44 ? 62  VAL B CG2 1 
ATOM   876  N N   . ASN B 1 63  ? -7.789  -2.755  -4.092  1.00 40.45 ? 63  ASN B N   1 
ATOM   877  C CA  . ASN B 1 63  ? -6.874  -2.866  -2.926  1.00 37.80 ? 63  ASN B CA  1 
ATOM   878  C C   . ASN B 1 63  ? -6.315  -4.265  -2.836  1.00 39.40 ? 63  ASN B C   1 
ATOM   879  O O   . ASN B 1 63  ? -7.055  -5.246  -3.039  1.00 41.83 ? 63  ASN B O   1 
ATOM   880  C CB  . ASN B 1 63  ? -7.585  -2.512  -1.620  1.00 39.55 ? 63  ASN B CB  1 
ATOM   881  C CG  . ASN B 1 63  ? -8.205  -1.160  -1.676  1.00 37.48 ? 63  ASN B CG  1 
ATOM   882  O OD1 . ASN B 1 63  ? -7.584  -0.222  -2.158  1.00 40.75 ? 63  ASN B OD1 1 
ATOM   883  N ND2 . ASN B 1 63  ? -9.449  -1.048  -1.232  1.00 39.35 ? 63  ASN B ND2 1 
ATOM   884  N N   . MET B 1 64  ? -5.029  -4.366  -2.484  1.00 38.06 ? 64  MET B N   1 
ATOM   885  C CA  . MET B 1 64  ? -4.363  -5.642  -2.416  1.00 42.54 ? 64  MET B CA  1 
ATOM   886  C C   . MET B 1 64  ? -3.511  -5.804  -1.150  1.00 42.91 ? 64  MET B C   1 
ATOM   887  O O   . MET B 1 64  ? -2.839  -4.876  -0.733  1.00 44.37 ? 64  MET B O   1 
ATOM   888  C CB  . MET B 1 64  ? -3.488  -5.832  -3.653  1.00 43.58 ? 64  MET B CB  1 
ATOM   889  C CG  . MET B 1 64  ? -4.254  -5.800  -4.973  1.00 42.14 ? 64  MET B CG  1 
ATOM   890  S SD  . MET B 1 64  ? -3.127  -6.034  -6.349  1.00 46.56 ? 64  MET B SD  1 
ATOM   891  C CE  . MET B 1 64  ? -2.559  -4.378  -6.686  1.00 46.91 ? 64  MET B CE  1 
ATOM   892  N N   . VAL B 1 65  ? -3.401  -7.042  -0.669  1.00 42.21 ? 65  VAL B N   1 
ATOM   893  C CA  . VAL B 1 65  ? -2.442  -7.378  0.411   1.00 41.42 ? 65  VAL B CA  1 
ATOM   894  C C   . VAL B 1 65  ? -1.337  -8.214  -0.207  1.00 43.31 ? 65  VAL B C   1 
ATOM   895  O O   . VAL B 1 65  ? -1.639  -9.145  -0.981  1.00 40.31 ? 65  VAL B O   1 
ATOM   896  C CB  . VAL B 1 65  ? -3.119  -8.147  1.593   1.00 41.76 ? 65  VAL B CB  1 
ATOM   897  C CG1 . VAL B 1 65  ? -2.106  -8.485  2.700   1.00 35.29 ? 65  VAL B CG1 1 
ATOM   898  C CG2 . VAL B 1 65  ? -4.311  -7.310  2.184   1.00 42.56 ? 65  VAL B CG2 1 
ATOM   899  N N   . LEU B 1 66  ? -0.099  -7.693  -0.123  1.00 42.58 ? 66  LEU B N   1 
ATOM   900  C CA  . LEU B 1 66  ? 1.089   -8.427  -0.583  1.00 45.39 ? 66  LEU B CA  1 
ATOM   901  C C   . LEU B 1 66  ? 1.957   -8.850  0.611   1.00 47.49 ? 66  LEU B C   1 
ATOM   902  O O   . LEU B 1 66  ? 2.208   -8.031  1.486   1.00 47.09 ? 66  LEU B O   1 
ATOM   903  C CB  . LEU B 1 66  ? 1.923   -7.567  -1.542  1.00 45.66 ? 66  LEU B CB  1 
ATOM   904  C CG  . LEU B 1 66  ? 1.307   -6.919  -2.816  1.00 48.48 ? 66  LEU B CG  1 
ATOM   905  C CD1 . LEU B 1 66  ? 2.379   -6.559  -3.879  1.00 43.53 ? 66  LEU B CD1 1 
ATOM   906  C CD2 . LEU B 1 66  ? 0.265   -7.746  -3.444  1.00 46.60 ? 66  LEU B CD2 1 
ATOM   907  N N   . ASP B 1 67  ? 2.462   -10.095 0.614   1.00 47.15 ? 67  ASP B N   1 
ATOM   908  C CA  . ASP B 1 67  ? 3.606   -10.480 1.485   1.00 51.11 ? 67  ASP B CA  1 
ATOM   909  C C   . ASP B 1 67  ? 4.942   -10.538 0.738   1.00 52.63 ? 67  ASP B C   1 
ATOM   910  O O   . ASP B 1 67  ? 4.991   -10.797 -0.476  1.00 51.69 ? 67  ASP B O   1 
ATOM   911  C CB  . ASP B 1 67  ? 3.385   -11.864 2.137   1.00 52.10 ? 67  ASP B CB  1 
ATOM   912  C CG  . ASP B 1 67  ? 2.299   -11.849 3.182   1.00 57.87 ? 67  ASP B CG  1 
ATOM   913  O OD1 . ASP B 1 67  ? 1.899   -10.742 3.596   1.00 61.12 ? 67  ASP B OD1 1 
ATOM   914  O OD2 . ASP B 1 67  ? 1.852   -12.950 3.598   1.00 60.34 ? 67  ASP B OD2 1 
ATOM   915  N N   . ASP B 1 68  ? 6.024   -10.514 1.512   1.00 53.61 ? 68  ASP B N   1 
ATOM   916  C CA  . ASP B 1 68  ? 7.331   -10.869 0.997   1.00 55.20 ? 68  ASP B CA  1 
ATOM   917  C C   . ASP B 1 68  ? 7.730   -9.947  -0.127  1.00 55.12 ? 68  ASP B C   1 
ATOM   918  O O   . ASP B 1 68  ? 8.022   -10.392 -1.261  1.00 51.44 ? 68  ASP B O   1 
ATOM   919  C CB  . ASP B 1 68  ? 7.331   -12.316 0.507   1.00 59.18 ? 68  ASP B CB  1 
ATOM   920  C CG  . ASP B 1 68  ? 7.549   -13.287 1.620   1.00 62.41 ? 68  ASP B CG  1 
ATOM   921  O OD1 . ASP B 1 68  ? 8.470   -13.036 2.415   1.00 72.35 ? 68  ASP B OD1 1 
ATOM   922  O OD2 . ASP B 1 68  ? 6.764   -14.260 1.745   1.00 71.43 ? 68  ASP B OD2 1 
ATOM   923  N N   . VAL B 1 69  ? 7.735   -8.651  0.188   1.00 53.56 ? 69  VAL B N   1 
ATOM   924  C CA  . VAL B 1 69  ? 7.597   -7.617  -0.829  1.00 52.48 ? 69  VAL B CA  1 
ATOM   925  C C   . VAL B 1 69  ? 8.984   -7.077  -1.113  1.00 54.29 ? 69  VAL B C   1 
ATOM   926  O O   . VAL B 1 69  ? 9.801   -6.928  -0.190  1.00 54.15 ? 69  VAL B O   1 
ATOM   927  C CB  . VAL B 1 69  ? 6.722   -6.449  -0.324  1.00 52.17 ? 69  VAL B CB  1 
ATOM   928  C CG1 . VAL B 1 69  ? 6.498   -5.414  -1.417  1.00 51.01 ? 69  VAL B CG1 1 
ATOM   929  C CG2 . VAL B 1 69  ? 5.392   -6.962  0.197   1.00 50.42 ? 69  VAL B CG2 1 
ATOM   930  N N   . GLN B 1 70  ? 9.248   -6.769  -2.382  1.00 52.00 ? 70  GLN B N   1 
ATOM   931  C CA  . GLN B 1 70  ? 10.314  -5.850  -2.723  1.00 52.16 ? 70  GLN B CA  1 
ATOM   932  C C   . GLN B 1 70  ? 9.769   -4.637  -3.439  1.00 54.38 ? 70  GLN B C   1 
ATOM   933  O O   . GLN B 1 70  ? 9.021   -4.764  -4.422  1.00 56.23 ? 70  GLN B O   1 
ATOM   934  C CB  . GLN B 1 70  ? 11.369  -6.548  -3.585  1.00 52.85 ? 70  GLN B CB  1 
ATOM   935  C CG  . GLN B 1 70  ? 12.025  -7.728  -2.878  1.00 52.66 ? 70  GLN B CG  1 
ATOM   936  C CD  . GLN B 1 70  ? 11.272  -9.016  -3.094  1.00 55.78 ? 70  GLN B CD  1 
ATOM   937  O OE1 . GLN B 1 70  ? 11.003  -9.390  -4.231  1.00 59.97 ? 70  GLN B OE1 1 
ATOM   938  N NE2 . GLN B 1 70  ? 10.939  -9.720  -2.000  1.00 60.23 ? 70  GLN B NE2 1 
ATOM   939  N N   . GLU B 1 71  ? 10.079  -3.473  -2.889  1.00 54.59 ? 71  GLU B N   1 
ATOM   940  C CA  . GLU B 1 71  ? 9.719   -2.204  -3.489  1.00 56.75 ? 71  GLU B CA  1 
ATOM   941  C C   . GLU B 1 71  ? 10.908  -1.689  -4.302  1.00 58.29 ? 71  GLU B C   1 
ATOM   942  O O   . GLU B 1 71  ? 12.064  -1.730  -3.829  1.00 60.55 ? 71  GLU B O   1 
ATOM   943  C CB  . GLU B 1 71  ? 9.348   -1.189  -2.401  1.00 54.19 ? 71  GLU B CB  1 
ATOM   944  C CG  . GLU B 1 71  ? 9.259   0.260   -2.917  1.00 57.42 ? 71  GLU B CG  1 
ATOM   945  C CD  . GLU B 1 71  ? 8.972   1.274   -1.824  1.00 59.74 ? 71  GLU B CD  1 
ATOM   946  O OE1 . GLU B 1 71  ? 8.859   0.888   -0.649  1.00 59.21 ? 71  GLU B OE1 1 
ATOM   947  O OE2 . GLU B 1 71  ? 8.839   2.467   -2.146  1.00 70.21 ? 71  GLU B OE2 1 
ATOM   948  N N   . TYR B 1 72  ? 10.628  -1.284  -5.540  1.00 57.79 ? 72  TYR B N   1 
ATOM   949  C CA  . TYR B 1 72  ? 11.621  -0.699  -6.432  1.00 57.16 ? 72  TYR B CA  1 
ATOM   950  C C   . TYR B 1 72  ? 11.242  0.743   -6.704  1.00 58.62 ? 72  TYR B C   1 
ATOM   951  O O   . TYR B 1 72  ? 10.064  1.048   -6.889  1.00 57.90 ? 72  TYR B O   1 
ATOM   952  C CB  . TYR B 1 72  ? 11.682  -1.462  -7.760  1.00 57.30 ? 72  TYR B CB  1 
ATOM   953  C CG  . TYR B 1 72  ? 11.993  -2.949  -7.619  1.00 57.08 ? 72  TYR B CG  1 
ATOM   954  C CD1 . TYR B 1 72  ? 10.989  -3.869  -7.337  1.00 57.47 ? 72  TYR B CD1 1 
ATOM   955  C CD2 . TYR B 1 72  ? 13.292  -3.427  -7.782  1.00 62.79 ? 72  TYR B CD2 1 
ATOM   956  C CE1 . TYR B 1 72  ? 11.276  -5.230  -7.193  1.00 53.74 ? 72  TYR B CE1 1 
ATOM   957  C CE2 . TYR B 1 72  ? 13.589  -4.798  -7.674  1.00 57.20 ? 72  TYR B CE2 1 
ATOM   958  C CZ  . TYR B 1 72  ? 12.572  -5.692  -7.382  1.00 59.67 ? 72  TYR B CZ  1 
ATOM   959  O OH  . TYR B 1 72  ? 12.855  -7.051  -7.258  1.00 60.04 ? 72  TYR B OH  1 
ATOM   960  N N   . GLY B 1 73  ? 12.235  1.631   -6.703  1.00 58.01 ? 73  GLY B N   1 
ATOM   961  C CA  . GLY B 1 73  ? 12.059  2.985   -7.231  1.00 62.10 ? 73  GLY B CA  1 
ATOM   962  C C   . GLY B 1 73  ? 13.028  3.317   -8.365  1.00 64.89 ? 73  GLY B C   1 
ATOM   963  O O   . GLY B 1 73  ? 13.601  2.428   -8.995  1.00 63.89 ? 73  GLY B O   1 
ATOM   964  N N   . PHE B 1 74  ? 13.200  4.607   -8.627  1.00 68.44 ? 74  PHE B N   1 
ATOM   965  C CA  . PHE B 1 74  ? 14.002  5.072   -9.745  1.00 72.18 ? 74  PHE B CA  1 
ATOM   966  C C   . PHE B 1 74  ? 14.901  6.210   -9.280  1.00 73.17 ? 74  PHE B C   1 
ATOM   967  O O   . PHE B 1 74  ? 14.434  7.336   -9.087  1.00 73.45 ? 74  PHE B O   1 
ATOM   968  C CB  . PHE B 1 74  ? 13.099  5.542   -10.898 1.00 72.89 ? 74  PHE B CB  1 
ATOM   969  C CG  . PHE B 1 74  ? 12.411  4.415   -11.630 1.00 78.67 ? 74  PHE B CG  1 
ATOM   970  C CD1 . PHE B 1 74  ? 13.086  3.679   -12.601 1.00 80.31 ? 74  PHE B CD1 1 
ATOM   971  C CD2 . PHE B 1 74  ? 11.102  4.060   -11.313 1.00 80.07 ? 74  PHE B CD2 1 
ATOM   972  C CE1 . PHE B 1 74  ? 12.465  2.629   -13.261 1.00 80.97 ? 74  PHE B CE1 1 
ATOM   973  C CE2 . PHE B 1 74  ? 10.478  2.999   -11.956 1.00 81.28 ? 74  PHE B CE2 1 
ATOM   974  C CZ  . PHE B 1 74  ? 11.156  2.288   -12.935 1.00 82.84 ? 74  PHE B CZ  1 
ATOM   975  N N   . LYS B 1 75  ? 16.174  5.899   -9.039  1.00 73.44 ? 75  LYS B N   1 
ATOM   976  C CA  . LYS B 1 75  ? 17.144  6.912   -8.605  1.00 75.28 ? 75  LYS B CA  1 
ATOM   977  C C   . LYS B 1 75  ? 18.220  7.124   -9.666  1.00 75.07 ? 75  LYS B C   1 
ATOM   978  O O   . LYS B 1 75  ? 18.418  6.279   -10.535 1.00 74.81 ? 75  LYS B O   1 
ATOM   979  C CB  . LYS B 1 75  ? 17.789  6.519   -7.265  1.00 74.89 ? 75  LYS B CB  1 
ATOM   980  N N   . ALA B 1 76  ? 18.939  8.235   -9.560  1.00 75.17 ? 76  ALA B N   1 
ATOM   981  C CA  . ALA B 1 76  ? 20.003  8.553   -10.507 1.00 75.27 ? 76  ALA B CA  1 
ATOM   982  C C   . ALA B 1 76  ? 21.379  8.378   -9.857  1.00 75.11 ? 76  ALA B C   1 
ATOM   983  O O   . ALA B 1 76  ? 21.868  7.258   -9.699  1.00 74.43 ? 76  ALA B O   1 
ATOM   984  C CB  . ALA B 1 76  ? 19.832  9.977   -11.037 1.00 74.99 ? 76  ALA B CB  1 
ATOM   985  N N   . LYS B 1 89  ? 18.531  3.731   -12.784 1.00 76.32 ? 89  LYS B N   1 
ATOM   986  C CA  . LYS B 1 89  ? 17.263  3.253   -13.328 1.00 77.04 ? 89  LYS B CA  1 
ATOM   987  C C   . LYS B 1 89  ? 16.429  2.600   -12.224 1.00 75.94 ? 89  LYS B C   1 
ATOM   988  O O   . LYS B 1 89  ? 16.254  3.179   -11.140 1.00 74.42 ? 89  LYS B O   1 
ATOM   989  C CB  . LYS B 1 89  ? 17.504  2.267   -14.484 1.00 77.06 ? 89  LYS B CB  1 
ATOM   990  N N   . ARG B 1 90  ? 15.920  1.402   -12.507 1.00 74.93 ? 90  ARG B N   1 
ATOM   991  C CA  . ARG B 1 90  ? 15.208  0.608   -11.511 1.00 74.34 ? 90  ARG B CA  1 
ATOM   992  C C   . ARG B 1 90  ? 16.142  0.151   -10.393 1.00 73.39 ? 90  ARG B C   1 
ATOM   993  O O   . ARG B 1 90  ? 17.007  -0.694  -10.607 1.00 72.08 ? 90  ARG B O   1 
ATOM   994  C CB  . ARG B 1 90  ? 14.543  -0.613  -12.160 1.00 74.25 ? 90  ARG B CB  1 
ATOM   995  N N   . VAL B 1 91  ? 15.895  0.659   -9.188  1.00 72.35 ? 91  VAL B N   1 
ATOM   996  C CA  . VAL B 1 91  ? 16.663  0.304   -8.004  1.00 72.21 ? 91  VAL B CA  1 
ATOM   997  C C   . VAL B 1 91  ? 15.691  -0.254  -6.958  1.00 72.27 ? 91  VAL B C   1 
ATOM   998  O O   . VAL B 1 91  ? 14.592  0.280   -6.798  1.00 72.00 ? 91  VAL B O   1 
ATOM   999  C CB  . VAL B 1 91  ? 17.364  1.564   -7.416  1.00 72.01 ? 91  VAL B CB  1 
ATOM   1000 C CG1 . VAL B 1 91  ? 18.184  1.203   -6.184  1.00 75.63 ? 91  VAL B CG1 1 
ATOM   1001 C CG2 . VAL B 1 91  ? 18.235  2.243   -8.469  1.00 71.85 ? 91  VAL B CG2 1 
ATOM   1002 N N   . MET B 1 92  ? 16.063  -1.345  -6.284  1.00 71.19 ? 92  MET B N   1 
ATOM   1003 C CA  . MET B 1 92  ? 15.351  -1.758  -5.071  1.00 70.55 ? 92  MET B CA  1 
ATOM   1004 C C   . MET B 1 92  ? 15.577  -0.764  -3.939  1.00 70.76 ? 92  MET B C   1 
ATOM   1005 O O   . MET B 1 92  ? 16.711  -0.395  -3.664  1.00 72.11 ? 92  MET B O   1 
ATOM   1006 C CB  . MET B 1 92  ? 15.763  -3.166  -4.624  1.00 70.78 ? 92  MET B CB  1 
ATOM   1007 C CG  . MET B 1 92  ? 14.785  -3.783  -3.612  1.00 69.96 ? 92  MET B CG  1 
ATOM   1008 S SD  . MET B 1 92  ? 15.184  -5.462  -3.093  1.00 70.82 ? 92  MET B SD  1 
ATOM   1009 C CE  . MET B 1 92  ? 15.525  -6.256  -4.678  1.00 70.80 ? 92  MET B CE  1 
ATOM   1010 N N   . VAL B 1 93  ? 14.501  -0.324  -3.287  1.00 69.86 ? 93  VAL B N   1 
ATOM   1011 C CA  . VAL B 1 93  ? 14.615  0.672   -2.222  1.00 68.76 ? 93  VAL B CA  1 
ATOM   1012 C C   . VAL B 1 93  ? 14.171  0.163   -0.857  1.00 67.77 ? 93  VAL B C   1 
ATOM   1013 O O   . VAL B 1 93  ? 14.455  0.791   0.156   1.00 69.22 ? 93  VAL B O   1 
ATOM   1014 C CB  . VAL B 1 93  ? 13.877  2.001   -2.548  1.00 69.45 ? 93  VAL B CB  1 
ATOM   1015 C CG1 . VAL B 1 93  ? 14.471  2.673   -3.781  1.00 69.28 ? 93  VAL B CG1 1 
ATOM   1016 C CG2 . VAL B 1 93  ? 12.392  1.768   -2.724  1.00 70.08 ? 93  VAL B CG2 1 
ATOM   1017 N N   . ASN B 1 94  ? 13.489  -0.983  -0.830  1.00 65.52 ? 94  ASN B N   1 
ATOM   1018 C CA  . ASN B 1 94  ? 13.028  -1.564  0.418   1.00 63.30 ? 94  ASN B CA  1 
ATOM   1019 C C   . ASN B 1 94  ? 12.569  -3.009  0.305   1.00 61.08 ? 94  ASN B C   1 
ATOM   1020 O O   . ASN B 1 94  ? 12.119  -3.459  -0.762  1.00 59.42 ? 94  ASN B O   1 
ATOM   1021 C CB  . ASN B 1 94  ? 11.930  -0.702  1.076   1.00 65.21 ? 94  ASN B CB  1 
ATOM   1022 C CG  . ASN B 1 94  ? 12.179  -0.484  2.569   1.00 67.64 ? 94  ASN B CG  1 
ATOM   1023 O OD1 . ASN B 1 94  ? 13.256  -0.800  3.079   1.00 73.13 ? 94  ASN B OD1 1 
ATOM   1024 N ND2 . ASN B 1 94  ? 11.191  0.070   3.268   1.00 67.97 ? 94  ASN B ND2 1 
ATOM   1025 N N   . ARG B 1 95  ? 12.741  -3.751  1.399   1.00 60.26 ? 95  ARG B N   1 
ATOM   1026 C CA  . ARG B 1 95  ? 12.020  -5.005  1.620   1.00 57.48 ? 95  ARG B CA  1 
ATOM   1027 C C   . ARG B 1 95  ? 11.027  -4.825  2.775   1.00 55.86 ? 95  ARG B C   1 
ATOM   1028 O O   . ARG B 1 95  ? 11.292  -4.069  3.694   1.00 56.62 ? 95  ARG B O   1 
ATOM   1029 C CB  . ARG B 1 95  ? 13.004  -6.154  1.919   1.00 57.87 ? 95  ARG B CB  1 
ATOM   1030 N N   . LEU B 1 96  ? 9.882   -5.507  2.708   1.00 53.42 ? 96  LEU B N   1 
ATOM   1031 C CA  . LEU B 1 96  ? 8.867   -5.420  3.758   1.00 53.48 ? 96  LEU B CA  1 
ATOM   1032 C C   . LEU B 1 96  ? 8.193   -6.782  3.909   1.00 53.19 ? 96  LEU B C   1 
ATOM   1033 O O   . LEU B 1 96  ? 8.098   -7.537  2.945   1.00 54.43 ? 96  LEU B O   1 
ATOM   1034 C CB  . LEU B 1 96  ? 7.803   -4.360  3.417   1.00 52.41 ? 96  LEU B CB  1 
ATOM   1035 C CG  . LEU B 1 96  ? 8.213   -3.009  2.807   1.00 56.98 ? 96  LEU B CG  1 
ATOM   1036 C CD1 . LEU B 1 96  ? 8.218   -3.072  1.298   1.00 55.24 ? 96  LEU B CD1 1 
ATOM   1037 C CD2 . LEU B 1 96  ? 7.312   -1.906  3.267   1.00 52.05 ? 96  LEU B CD2 1 
ATOM   1038 N N   . GLU B 1 97  ? 7.655   -7.061  5.090   1.00 52.90 ? 97  GLU B N   1 
ATOM   1039 C CA  . GLU B 1 97  ? 6.938   -8.304  5.308   1.00 54.96 ? 97  GLU B CA  1 
ATOM   1040 C C   . GLU B 1 97  ? 5.579   -8.326  4.630   1.00 54.20 ? 97  GLU B C   1 
ATOM   1041 O O   . GLU B 1 97  ? 5.225   -9.324  3.998   1.00 57.14 ? 97  GLU B O   1 
ATOM   1042 C CB  . GLU B 1 97  ? 6.774   -8.610  6.810   1.00 54.65 ? 97  GLU B CB  1 
ATOM   1043 N N   . THR B 1 98  ? 4.790   -7.280  4.877   1.00 52.76 ? 98  THR B N   1 
ATOM   1044 C CA  . THR B 1 98  ? 3.392   -7.197  4.460   1.00 52.49 ? 98  THR B CA  1 
ATOM   1045 C C   . THR B 1 98  ? 3.019   -5.730  4.210   1.00 50.93 ? 98  THR B C   1 
ATOM   1046 O O   . THR B 1 98  ? 3.359   -4.843  4.999   1.00 49.01 ? 98  THR B O   1 
ATOM   1047 C CB  . THR B 1 98  ? 2.424   -7.805  5.536   1.00 54.28 ? 98  THR B CB  1 
ATOM   1048 O OG1 . THR B 1 98  ? 2.794   -9.164  5.798   1.00 58.04 ? 98  THR B OG1 1 
ATOM   1049 C CG2 . THR B 1 98  ? 0.957   -7.798  5.042   1.00 50.79 ? 98  THR B CG2 1 
ATOM   1050 N N   . ILE B 1 99  ? 2.356   -5.475  3.086   1.00 47.92 ? 99  ILE B N   1 
ATOM   1051 C CA  . ILE B 1 99  ? 1.826   -4.151  2.795   1.00 46.19 ? 99  ILE B CA  1 
ATOM   1052 C C   . ILE B 1 99  ? 0.407   -4.225  2.283   1.00 45.93 ? 99  ILE B C   1 
ATOM   1053 O O   . ILE B 1 99  ? -0.030  -5.254  1.746   1.00 47.06 ? 99  ILE B O   1 
ATOM   1054 C CB  . ILE B 1 99  ? 2.610   -3.483  1.726   1.00 47.40 ? 99  ILE B CB  1 
ATOM   1055 C CG1 . ILE B 1 99  ? 2.453   -4.270  0.416   1.00 41.99 ? 99  ILE B CG1 1 
ATOM   1056 C CG2 . ILE B 1 99  ? 4.075   -3.369  2.146   1.00 55.86 ? 99  ILE B CG2 1 
ATOM   1057 C CD1 . ILE B 1 99  ? 3.106   -3.589  -0.742  1.00 44.62 ? 99  ILE B CD1 1 
ATOM   1058 N N   . LEU B 1 100 ? -0.279  -3.097  2.337   1.00 42.82 ? 100 LEU B N   1 
ATOM   1059 C CA  . LEU B 1 100 ? -1.492  -2.957  1.576   1.00 43.74 ? 100 LEU B CA  1 
ATOM   1060 C C   . LEU B 1 100 ? -1.215  -1.923  0.516   1.00 42.61 ? 100 LEU B C   1 
ATOM   1061 O O   . LEU B 1 100 ? -0.725  -0.834  0.823   1.00 42.75 ? 100 LEU B O   1 
ATOM   1062 C CB  . LEU B 1 100 ? -2.634  -2.509  2.478   1.00 43.28 ? 100 LEU B CB  1 
ATOM   1063 C CG  . LEU B 1 100 ? -4.020  -2.351  1.876   1.00 48.50 ? 100 LEU B CG  1 
ATOM   1064 C CD1 . LEU B 1 100 ? -5.051  -2.486  2.961   1.00 46.91 ? 100 LEU B CD1 1 
ATOM   1065 C CD2 . LEU B 1 100 ? -4.171  -1.006  1.166   1.00 48.95 ? 100 LEU B CD2 1 
ATOM   1066 N N   . LEU B 1 101 ? -1.586  -2.236  -0.721  1.00 42.19 ? 101 LEU B N   1 
ATOM   1067 C CA  . LEU B 1 101 ? -1.546  -1.247  -1.802  1.00 43.32 ? 101 LEU B CA  1 
ATOM   1068 C C   . LEU B 1 101 ? -2.951  -0.765  -2.132  1.00 43.56 ? 101 LEU B C   1 
ATOM   1069 O O   . LEU B 1 101 ? -3.901  -1.564  -2.174  1.00 43.40 ? 101 LEU B O   1 
ATOM   1070 C CB  . LEU B 1 101 ? -0.889  -1.852  -3.047  1.00 44.21 ? 101 LEU B CB  1 
ATOM   1071 C CG  . LEU B 1 101 ? 0.544   -2.398  -2.877  1.00 46.47 ? 101 LEU B CG  1 
ATOM   1072 C CD1 . LEU B 1 101 ? 0.966   -3.154  -4.160  1.00 51.58 ? 101 LEU B CD1 1 
ATOM   1073 C CD2 . LEU B 1 101 ? 1.506   -1.230  -2.614  1.00 45.46 ? 101 LEU B CD2 1 
ATOM   1074 N N   . SER B 1 102 ? -3.099  0.549   -2.295  1.00 40.72 ? 102 SER B N   1 
ATOM   1075 C CA  . SER B 1 102 ? -4.405  1.124   -2.484  1.00 41.56 ? 102 SER B CA  1 
ATOM   1076 C C   . SER B 1 102 ? -4.757  0.995   -3.960  1.00 38.94 ? 102 SER B C   1 
ATOM   1077 O O   . SER B 1 102 ? -3.950  1.372   -4.797  1.00 35.86 ? 102 SER B O   1 
ATOM   1078 C CB  . SER B 1 102 ? -4.377  2.613   -2.132  1.00 41.84 ? 102 SER B CB  1 
ATOM   1079 O OG  . SER B 1 102 ? -5.605  3.197   -2.540  1.00 47.22 ? 102 SER B OG  1 
ATOM   1080 N N   . GLY B 1 103 ? -5.958  0.519   -4.262  1.00 36.83 ? 103 GLY B N   1 
ATOM   1081 C CA  . GLY B 1 103 ? -6.371  0.298   -5.662  1.00 41.03 ? 103 GLY B CA  1 
ATOM   1082 C C   . GLY B 1 103 ? -6.605  1.603   -6.395  1.00 45.21 ? 103 GLY B C   1 
ATOM   1083 O O   . GLY B 1 103 ? -6.563  1.648   -7.627  1.00 46.37 ? 103 GLY B O   1 
ATOM   1084 N N   . ASN B 1 104 ? -6.791  2.682   -5.633  1.00 41.05 ? 104 ASN B N   1 
ATOM   1085 C CA  . ASN B 1 104 ? -6.943  4.005   -6.216  1.00 46.15 ? 104 ASN B CA  1 
ATOM   1086 C C   . ASN B 1 104 ? -5.604  4.513   -6.754  1.00 44.97 ? 104 ASN B C   1 
ATOM   1087 O O   . ASN B 1 104 ? -5.570  5.389   -7.630  1.00 45.37 ? 104 ASN B O   1 
ATOM   1088 C CB  . ASN B 1 104 ? -7.578  5.002   -5.208  1.00 45.12 ? 104 ASN B CB  1 
ATOM   1089 C CG  . ASN B 1 104 ? -7.979  6.332   -5.863  1.00 56.55 ? 104 ASN B CG  1 
ATOM   1090 O OD1 . ASN B 1 104 ? -8.744  6.361   -6.846  1.00 53.27 ? 104 ASN B OD1 1 
ATOM   1091 N ND2 . ASN B 1 104 ? -7.448  7.445   -5.328  1.00 55.21 ? 104 ASN B ND2 1 
ATOM   1092 N N   . ASN B 1 105 ? -4.523  3.821   -6.388  1.00 38.06 ? 105 ASN B N   1 
ATOM   1093 C CA  . ASN B 1 105 ? -3.203  4.260   -6.775  1.00 41.01 ? 105 ASN B CA  1 
ATOM   1094 C C   . ASN B 1 105 ? -2.480  3.288   -7.697  1.00 41.88 ? 105 ASN B C   1 
ATOM   1095 O O   . ASN B 1 105 ? -1.319  3.485   -7.976  1.00 42.10 ? 105 ASN B O   1 
ATOM   1096 C CB  . ASN B 1 105 ? -2.321  4.572   -5.521  1.00 38.39 ? 105 ASN B CB  1 
ATOM   1097 C CG  . ASN B 1 105 ? -1.048  5.362   -5.880  1.00 49.50 ? 105 ASN B CG  1 
ATOM   1098 O OD1 . ASN B 1 105 ? -1.112  6.416   -6.551  1.00 47.47 ? 105 ASN B OD1 1 
ATOM   1099 N ND2 . ASN B 1 105 ? 0.116   4.878   -5.399  1.00 52.02 ? 105 ASN B ND2 1 
ATOM   1100 N N   . VAL B 1 106 ? -3.153  2.205   -8.099  1.00 43.22 ? 106 VAL B N   1 
ATOM   1101 C CA  . VAL B 1 106 ? -2.559  1.210   -9.019  1.00 41.87 ? 106 VAL B CA  1 
ATOM   1102 C C   . VAL B 1 106 ? -2.567  1.673   -10.461 1.00 42.65 ? 106 VAL B C   1 
ATOM   1103 O O   . VAL B 1 106 ? -3.564  2.207   -10.945 1.00 43.79 ? 106 VAL B O   1 
ATOM   1104 C CB  . VAL B 1 106 ? -3.317  -0.147  -8.934  1.00 42.46 ? 106 VAL B CB  1 
ATOM   1105 C CG1 . VAL B 1 106 ? -2.762  -1.166  -9.993  1.00 39.90 ? 106 VAL B CG1 1 
ATOM   1106 C CG2 . VAL B 1 106 ? -3.196  -0.702  -7.534  1.00 35.87 ? 106 VAL B CG2 1 
ATOM   1107 N N   . ALA B 1 107 ? -1.444  1.499   -11.147 1.00 42.08 ? 107 ALA B N   1 
ATOM   1108 C CA  . ALA B 1 107 ? -1.406  1.717   -12.582 1.00 44.85 ? 107 ALA B CA  1 
ATOM   1109 C C   . ALA B 1 107 ? -1.594  0.400   -13.369 1.00 43.46 ? 107 ALA B C   1 
ATOM   1110 O O   . ALA B 1 107 ? -2.401  0.354   -14.273 1.00 44.72 ? 107 ALA B O   1 
ATOM   1111 C CB  . ALA B 1 107 ? -0.076  2.433   -12.997 1.00 44.63 ? 107 ALA B CB  1 
ATOM   1112 N N   . MET B 1 108 ? -0.902  -0.675  -12.955 1.00 43.27 ? 108 MET B N   1 
ATOM   1113 C CA  . MET B 1 108 ? -0.822  -1.903  -13.772 1.00 44.99 ? 108 MET B CA  1 
ATOM   1114 C C   . MET B 1 108 ? -0.445  -3.071  -12.887 1.00 41.71 ? 108 MET B C   1 
ATOM   1115 O O   . MET B 1 108 ? 0.440   -2.953  -12.054 1.00 41.25 ? 108 MET B O   1 
ATOM   1116 C CB  . MET B 1 108 ? 0.249   -1.764  -14.880 1.00 45.31 ? 108 MET B CB  1 
ATOM   1117 C CG  . MET B 1 108 ? 0.612   -3.080  -15.585 1.00 51.67 ? 108 MET B CG  1 
ATOM   1118 S SD  . MET B 1 108 ? 1.753   -2.802  -16.981 1.00 59.83 ? 108 MET B SD  1 
ATOM   1119 C CE  . MET B 1 108 ? 3.339   -3.032  -16.159 1.00 54.84 ? 108 MET B CE  1 
ATOM   1120 N N   . LEU B 1 109 ? -0.993  -4.239  -13.176 1.00 40.83 ? 109 LEU B N   1 
ATOM   1121 C CA  . LEU B 1 109 ? -0.578  -5.480  -12.437 1.00 38.09 ? 109 LEU B CA  1 
ATOM   1122 C C   . LEU B 1 109 ? -0.088  -6.479  -13.465 1.00 37.94 ? 109 LEU B C   1 
ATOM   1123 O O   . LEU B 1 109 ? -0.762  -6.663  -14.485 1.00 38.35 ? 109 LEU B O   1 
ATOM   1124 C CB  . LEU B 1 109 ? -1.811  -6.091  -11.777 1.00 37.89 ? 109 LEU B CB  1 
ATOM   1125 C CG  . LEU B 1 109 ? -1.659  -7.238  -10.792 1.00 47.59 ? 109 LEU B CG  1 
ATOM   1126 C CD1 . LEU B 1 109 ? -2.825  -7.114  -9.823  1.00 54.52 ? 109 LEU B CD1 1 
ATOM   1127 C CD2 . LEU B 1 109 ? -1.654  -8.595  -11.473 1.00 50.80 ? 109 LEU B CD2 1 
ATOM   1128 N N   . VAL B 1 110 ? 0.972   -7.225  -13.129 1.00 36.54 ? 110 VAL B N   1 
ATOM   1129 C CA  . VAL B 1 110 ? 1.569   -8.257  -14.004 1.00 40.89 ? 110 VAL B CA  1 
ATOM   1130 C C   . VAL B 1 110 ? 1.618   -9.591  -13.262 1.00 41.10 ? 110 VAL B C   1 
ATOM   1131 O O   . VAL B 1 110 ? 2.427   -9.768  -12.328 1.00 41.23 ? 110 VAL B O   1 
ATOM   1132 C CB  . VAL B 1 110 ? 3.021   -7.903  -14.357 1.00 41.22 ? 110 VAL B CB  1 
ATOM   1133 C CG1 . VAL B 1 110 ? 3.567   -8.795  -15.515 1.00 44.26 ? 110 VAL B CG1 1 
ATOM   1134 C CG2 . VAL B 1 110 ? 3.129   -6.449  -14.682 1.00 37.15 ? 110 VAL B CG2 1 
ATOM   1135 N N   . PRO B 1 111 ? 0.653   -10.459 -13.549 1.00 42.94 ? 111 PRO B N   1 
ATOM   1136 C CA  . PRO B 1 111 ? 0.653   -11.833 -13.033 1.00 46.95 ? 111 PRO B CA  1 
ATOM   1137 C C   . PRO B 1 111 ? 1.932   -12.530 -13.467 1.00 52.41 ? 111 PRO B C   1 
ATOM   1138 O O   . PRO B 1 111 ? 2.458   -12.264 -14.565 1.00 51.40 ? 111 PRO B O   1 
ATOM   1139 C CB  . PRO B 1 111 ? -0.587  -12.469 -13.711 1.00 49.40 ? 111 PRO B CB  1 
ATOM   1140 C CG  . PRO B 1 111 ? -1.471  -11.274 -14.081 1.00 41.98 ? 111 PRO B CG  1 
ATOM   1141 C CD  . PRO B 1 111 ? -0.490  -10.202 -14.459 1.00 45.94 ? 111 PRO B CD  1 
ATOM   1142 N N   . GLY B 1 112 ? 2.547   -13.256 -12.548 1.00 56.42 ? 112 GLY B N   1 
ATOM   1143 C CA  . GLY B 1 112 ? 3.796   -13.943 -12.885 1.00 62.74 ? 112 GLY B CA  1 
ATOM   1144 C C   . GLY B 1 112 ? 5.039   -13.140 -12.548 1.00 64.86 ? 112 GLY B C   1 
ATOM   1145 O O   . GLY B 1 112 ? 6.097   -13.711 -12.318 1.00 66.58 ? 112 GLY B O   1 
ATOM   1146 N N   . GLY B 1 113 ? 4.911   -11.815 -12.493 1.00 65.39 ? 113 GLY B N   1 
ATOM   1147 C CA  . GLY B 1 113 ? 5.760   -11.031 -11.610 1.00 64.58 ? 113 GLY B CA  1 
ATOM   1148 C C   . GLY B 1 113 ? 7.056   -10.507 -12.195 1.00 65.26 ? 113 GLY B C   1 
ATOM   1149 O O   . GLY B 1 113 ? 8.003   -10.253 -11.452 1.00 65.55 ? 113 GLY B O   1 
ATOM   1150 N N   . ASP B 1 114 ? 7.041   -10.147 -13.478 1.00 65.71 ? 114 ASP B N   1 
ATOM   1151 C CA  . ASP B 1 114 ? 8.125   -9.316  -14.043 1.00 67.72 ? 114 ASP B CA  1 
ATOM   1152 C C   . ASP B 1 114 ? 7.958   -9.013  -15.541 1.00 69.24 ? 114 ASP B C   1 
ATOM   1153 O O   . ASP B 1 114 ? 8.411   -7.961  -16.038 1.00 71.19 ? 114 ASP B O   1 
ATOM   1154 C CB  . ASP B 1 114 ? 9.499   -9.952  -13.769 1.00 66.90 ? 114 ASP B CB  1 
HETATM 1155 O O   . HOH C 2 .   ? -15.022 9.272   1.241   1.00 48.74 ? 122 HOH A O   1 
HETATM 1156 O O   . HOH C 2 .   ? -11.309 6.182   -1.649  1.00 61.17 ? 123 HOH A O   1 
HETATM 1157 O O   . HOH C 2 .   ? -11.280 9.139   0.251   1.00 57.43 ? 124 HOH A O   1 
HETATM 1158 O O   . HOH C 2 .   ? -11.262 1.131   -1.049  1.00 55.14 ? 125 HOH A O   1 
HETATM 1159 O O   . HOH C 2 .   ? 2.245   -1.348  15.923  1.00 59.90 ? 126 HOH A O   1 
HETATM 1160 O O   . HOH C 2 .   ? 7.861   15.633  0.994   1.00 59.35 ? 127 HOH A O   1 
HETATM 1161 O O   . HOH C 2 .   ? -20.053 6.142   -2.790  1.00 57.55 ? 128 HOH A O   1 
HETATM 1162 O O   . HOH C 2 .   ? -18.034 3.508   -3.935  1.00 66.78 ? 129 HOH A O   1 
HETATM 1163 O O   . HOH C 2 .   ? 6.017   7.286   17.264  1.00 66.41 ? 130 HOH A O   1 
HETATM 1164 O O   . HOH C 2 .   ? -4.143  -15.964 0.678   1.00 52.15 ? 131 HOH A O   1 
HETATM 1165 O O   . HOH C 2 .   ? -3.624  2.127   21.403  1.00 44.65 ? 132 HOH A O   1 
HETATM 1166 O O   . HOH D 2 .   ? 6.976   3.057   -12.463 1.00 57.48 ? 122 HOH B O   1 
HETATM 1167 O O   . HOH D 2 .   ? 9.630   3.152   -4.258  1.00 59.22 ? 123 HOH B O   1 
HETATM 1168 O O   . HOH D 2 .   ? 10.219  -11.655 1.246   1.00 61.60 ? 124 HOH B O   1 
HETATM 1169 O O   . HOH D 2 .   ? -0.729  -15.973 -11.102 1.00 48.37 ? 125 HOH B O   1 
HETATM 1170 O O   . HOH D 2 .   ? -13.760 -7.053  -13.239 1.00 48.33 ? 126 HOH B O   1 
HETATM 1171 O O   . HOH D 2 .   ? 2.052   -11.675 -16.791 1.00 45.10 ? 127 HOH B O   1 
HETATM 1172 O O   . HOH D 2 .   ? -10.542 1.816   -6.771  1.00 48.32 ? 128 HOH B O   1 
HETATM 1173 O O   . HOH D 2 .   ? 9.300   -12.981 -10.287 1.00 72.27 ? 129 HOH B O   1 
HETATM 1174 O O   . HOH D 2 .   ? 14.924  1.765   3.001   1.00 81.58 ? 130 HOH B O   1 
HETATM 1175 O O   . HOH D 2 .   ? 9.766   -11.110 4.437   1.00 68.58 ? 131 HOH B O   1 
HETATM 1176 O O   . HOH D 2 .   ? 10.261  -1.918  -14.382 1.00 60.02 ? 132 HOH B O   1 
HETATM 1177 O O   . HOH D 2 .   ? 5.484   -17.731 -4.323  1.00 61.83 ? 133 HOH B O   1 
HETATM 1178 O O   . HOH D 2 .   ? -15.359 4.063   -4.445  1.00 64.66 ? 134 HOH B O   1 
HETATM 1179 O O   . HOH D 2 .   ? -11.095 -5.386  1.478   1.00 40.60 ? 135 HOH B O   1 
HETATM 1180 O O   . HOH D 2 .   ? 11.107  -10.976 -15.812 1.00 60.95 ? 136 HOH B O   1 
HETATM 1181 O O   . HOH D 2 .   ? -4.930  -18.969 -6.898  1.00 59.00 ? 137 HOH B O   1 
# 
